data_7FZ5
# 
_entry.id   7FZ5 
# 
_audit_conform.dict_name       mmcif_pdbx.dic 
_audit_conform.dict_version    5.404 
_audit_conform.dict_location   http://mmcif.pdb.org/dictionaries/ascii/mmcif_pdbx.dic 
# 
loop_
_database_2.database_id 
_database_2.database_code 
_database_2.pdbx_database_accession 
_database_2.pdbx_DOI 
PDB   7FZ5         pdb_00007fz5 10.2210/pdb7fz5/pdb 
WWPDB D_1001405530 ?            ?                   
# 
loop_
_pdbx_audit_revision_history.ordinal 
_pdbx_audit_revision_history.data_content_type 
_pdbx_audit_revision_history.major_revision 
_pdbx_audit_revision_history.minor_revision 
_pdbx_audit_revision_history.revision_date 
_pdbx_audit_revision_history.part_number 
1 'Structure model' 1 0 2023-06-14 ? 
2 'Structure model' 1 1 2024-04-03 ? 
3 'Structure model' 1 2 2025-08-13 ? 
# 
_pdbx_audit_revision_details.ordinal             1 
_pdbx_audit_revision_details.revision_ordinal    1 
_pdbx_audit_revision_details.data_content_type   'Structure model' 
_pdbx_audit_revision_details.provider            repository 
_pdbx_audit_revision_details.type                'Initial release' 
_pdbx_audit_revision_details.description         ? 
_pdbx_audit_revision_details.details             ? 
# 
loop_
_pdbx_audit_revision_group.ordinal 
_pdbx_audit_revision_group.revision_ordinal 
_pdbx_audit_revision_group.data_content_type 
_pdbx_audit_revision_group.group 
1 2 'Structure model' 'Data collection'        
2 2 'Structure model' 'Refinement description' 
3 3 'Structure model' 'Database references'    
4 3 'Structure model' 'Structure summary'      
# 
loop_
_pdbx_audit_revision_category.ordinal 
_pdbx_audit_revision_category.revision_ordinal 
_pdbx_audit_revision_category.data_content_type 
_pdbx_audit_revision_category.category 
1 2 'Structure model' chem_comp_atom                
2 2 'Structure model' chem_comp_bond                
3 2 'Structure model' pdbx_initial_refinement_model 
4 3 'Structure model' citation                      
5 3 'Structure model' citation_author               
6 3 'Structure model' pdbx_entry_details            
# 
loop_
_pdbx_audit_revision_item.ordinal 
_pdbx_audit_revision_item.revision_ordinal 
_pdbx_audit_revision_item.data_content_type 
_pdbx_audit_revision_item.item 
1  3 'Structure model' '_citation.journal_abbrev'                     
2  3 'Structure model' '_citation.journal_id_CSD'                     
3  3 'Structure model' '_citation.journal_id_ISSN'                    
4  3 'Structure model' '_citation.journal_volume'                     
5  3 'Structure model' '_citation.page_first'                         
6  3 'Structure model' '_citation.page_last'                          
7  3 'Structure model' '_citation.pdbx_database_id_DOI'               
8  3 'Structure model' '_citation.pdbx_database_id_PubMed'            
9  3 'Structure model' '_citation.title'                              
10 3 'Structure model' '_citation.year'                               
11 3 'Structure model' '_pdbx_entry_details.has_protein_modification' 
# 
_pdbx_database_status.entry_id                        7FZ5 
_pdbx_database_status.status_code                     REL 
_pdbx_database_status.status_code_sf                  REL 
_pdbx_database_status.status_code_mr                  ? 
_pdbx_database_status.status_code_cs                  ? 
_pdbx_database_status.recvd_initial_deposition_date   2023-04-27 
_pdbx_database_status.status_code_nmr_data            ? 
_pdbx_database_status.deposit_site                    RCSB 
_pdbx_database_status.process_site                    RCSB 
_pdbx_database_status.SG_entry                        ? 
_pdbx_database_status.pdb_format_compatible           Y 
_pdbx_database_status.methods_development_category    ? 
# 
_pdbx_contact_author.id                 1 
_pdbx_contact_author.name_first         Markus 
_pdbx_contact_author.name_last          Rudolph 
_pdbx_contact_author.name_mi            G. 
_pdbx_contact_author.role               'principal investigator/group leader' 
_pdbx_contact_author.email              Markus.Rudolph@roche.com 
_pdbx_contact_author.identifier_ORCID   0000-0003-0447-1101 
# 
loop_
_audit_author.pdbx_ordinal 
_audit_author.name 
1 'Ehler, A.'     
2 'Benz, J.'      
3 'Obst, U.'      
4 'Neidhart, W.'  
5 'Rudolph, M.G.' 
# 
_citation.id                        primary 
_citation.journal_abbrev            'Acta Crystallogr D Struct Biol' 
_citation.title                     
'A high-resolution data set of fatty acid-binding protein structures. III. Unexpectedly high occurrence of wrong ligands.' 
_citation.year                      2025 
_citation.journal_volume            81 
_citation.page_first                451 
_citation.page_last                 464 
_citation.journal_id_ASTM           ? 
_citation.country                   ? 
_citation.journal_id_ISSN           2059-7983 
_citation.journal_id_CSD            ? 
_citation.book_publisher            ? 
_citation.pdbx_database_id_PubMed   40748031 
_citation.pdbx_database_id_DOI      10.1107/S2059798325006096 
# 
loop_
_citation_author.citation_id 
_citation_author.name 
_citation_author.ordinal 
_citation_author.identifier_ORCID 
primary 'Ehler, A.'     1 ?                   
primary 'Bartelmus, C.' 2 0000-0002-1527-4325 
primary 'Benz, J.'      3 ?                   
primary 'Plitzko, I.'   4 ?                   
primary 'Rudolph, M.G.' 5 0000-0003-0447-1101 
# 
loop_
_entity.id 
_entity.type 
_entity.src_method 
_entity.pdbx_description 
_entity.formula_weight 
_entity.pdbx_number_of_molecules 
_entity.pdbx_ec 
_entity.pdbx_mutation 
_entity.pdbx_fragment 
_entity.details 
1 polymer     man 'Fatty acid-binding protein, adipocyte'                                                                        
15022.176 1   ? ? ? ? 
2 non-polymer syn '1-{[(3M)-3-(3-cyclopropyl-1,2,4-oxadiazol-5-yl)-4,5,6,7-tetrahydro-1-benzothiophen-2-yl]carbamoyl}-D-proline' 
402.467   1   ? ? ? ? 
3 non-polymer syn 'SULFATE ION'                                                                                                  
96.063    2   ? ? ? ? 
4 water       nat water                                                                                                          
18.015    141 ? ? ? ? 
# 
_entity_name_com.entity_id   1 
_entity_name_com.name        
'Adipocyte lipid-binding protein,ALBP,Adipocyte-type fatty acid-binding protein,A-FABP,AFABP,Fatty acid-binding protein 4' 
# 
_entity_poly.entity_id                      1 
_entity_poly.type                           'polypeptide(L)' 
_entity_poly.nstd_linkage                   no 
_entity_poly.nstd_monomer                   no 
_entity_poly.pdbx_seq_one_letter_code       
;GSHMCDAFVGTWKLVSSENFDDYMKEVGVGFATRKVAGMAKPNMIISVNGDVITIKSESTFKNTEISFILGQEFDEVTAD
DRKVKSTITLDGGVLVHVQKWDGKSTTIKRKREDDKLVVECVMKGVTSTRVYERA
;
_entity_poly.pdbx_seq_one_letter_code_can   
;GSHMCDAFVGTWKLVSSENFDDYMKEVGVGFATRKVAGMAKPNMIISVNGDVITIKSESTFKNTEISFILGQEFDEVTAD
DRKVKSTITLDGGVLVHVQKWDGKSTTIKRKREDDKLVVECVMKGVTSTRVYERA
;
_entity_poly.pdbx_strand_id                 A 
_entity_poly.pdbx_target_identifier         ? 
# 
loop_
_pdbx_entity_nonpoly.entity_id 
_pdbx_entity_nonpoly.name 
_pdbx_entity_nonpoly.comp_id 
2 '1-{[(3M)-3-(3-cyclopropyl-1,2,4-oxadiazol-5-yl)-4,5,6,7-tetrahydro-1-benzothiophen-2-yl]carbamoyl}-D-proline' WE6 
3 'SULFATE ION'                                                                                                  SO4 
4 water                                                                                                          HOH 
# 
loop_
_entity_poly_seq.entity_id 
_entity_poly_seq.num 
_entity_poly_seq.mon_id 
_entity_poly_seq.hetero 
1 1   GLY n 
1 2   SER n 
1 3   HIS n 
1 4   MET n 
1 5   CYS n 
1 6   ASP n 
1 7   ALA n 
1 8   PHE n 
1 9   VAL n 
1 10  GLY n 
1 11  THR n 
1 12  TRP n 
1 13  LYS n 
1 14  LEU n 
1 15  VAL n 
1 16  SER n 
1 17  SER n 
1 18  GLU n 
1 19  ASN n 
1 20  PHE n 
1 21  ASP n 
1 22  ASP n 
1 23  TYR n 
1 24  MET n 
1 25  LYS n 
1 26  GLU n 
1 27  VAL n 
1 28  GLY n 
1 29  VAL n 
1 30  GLY n 
1 31  PHE n 
1 32  ALA n 
1 33  THR n 
1 34  ARG n 
1 35  LYS n 
1 36  VAL n 
1 37  ALA n 
1 38  GLY n 
1 39  MET n 
1 40  ALA n 
1 41  LYS n 
1 42  PRO n 
1 43  ASN n 
1 44  MET n 
1 45  ILE n 
1 46  ILE n 
1 47  SER n 
1 48  VAL n 
1 49  ASN n 
1 50  GLY n 
1 51  ASP n 
1 52  VAL n 
1 53  ILE n 
1 54  THR n 
1 55  ILE n 
1 56  LYS n 
1 57  SER n 
1 58  GLU n 
1 59  SER n 
1 60  THR n 
1 61  PHE n 
1 62  LYS n 
1 63  ASN n 
1 64  THR n 
1 65  GLU n 
1 66  ILE n 
1 67  SER n 
1 68  PHE n 
1 69  ILE n 
1 70  LEU n 
1 71  GLY n 
1 72  GLN n 
1 73  GLU n 
1 74  PHE n 
1 75  ASP n 
1 76  GLU n 
1 77  VAL n 
1 78  THR n 
1 79  ALA n 
1 80  ASP n 
1 81  ASP n 
1 82  ARG n 
1 83  LYS n 
1 84  VAL n 
1 85  LYS n 
1 86  SER n 
1 87  THR n 
1 88  ILE n 
1 89  THR n 
1 90  LEU n 
1 91  ASP n 
1 92  GLY n 
1 93  GLY n 
1 94  VAL n 
1 95  LEU n 
1 96  VAL n 
1 97  HIS n 
1 98  VAL n 
1 99  GLN n 
1 100 LYS n 
1 101 TRP n 
1 102 ASP n 
1 103 GLY n 
1 104 LYS n 
1 105 SER n 
1 106 THR n 
1 107 THR n 
1 108 ILE n 
1 109 LYS n 
1 110 ARG n 
1 111 LYS n 
1 112 ARG n 
1 113 GLU n 
1 114 ASP n 
1 115 ASP n 
1 116 LYS n 
1 117 LEU n 
1 118 VAL n 
1 119 VAL n 
1 120 GLU n 
1 121 CYS n 
1 122 VAL n 
1 123 MET n 
1 124 LYS n 
1 125 GLY n 
1 126 VAL n 
1 127 THR n 
1 128 SER n 
1 129 THR n 
1 130 ARG n 
1 131 VAL n 
1 132 TYR n 
1 133 GLU n 
1 134 ARG n 
1 135 ALA n 
# 
_entity_src_gen.entity_id                          1 
_entity_src_gen.pdbx_src_id                        1 
_entity_src_gen.pdbx_alt_source_flag               sample 
_entity_src_gen.pdbx_seq_type                      'Biological sequence' 
_entity_src_gen.pdbx_beg_seq_num                   1 
_entity_src_gen.pdbx_end_seq_num                   135 
_entity_src_gen.gene_src_common_name               human 
_entity_src_gen.gene_src_genus                     ? 
_entity_src_gen.pdbx_gene_src_gene                 FABP4 
_entity_src_gen.gene_src_species                   ? 
_entity_src_gen.gene_src_strain                    ? 
_entity_src_gen.gene_src_tissue                    ? 
_entity_src_gen.gene_src_tissue_fraction           ? 
_entity_src_gen.gene_src_details                   ? 
_entity_src_gen.pdbx_gene_src_fragment             ? 
_entity_src_gen.pdbx_gene_src_scientific_name      'Homo sapiens' 
_entity_src_gen.pdbx_gene_src_ncbi_taxonomy_id     9606 
_entity_src_gen.pdbx_gene_src_variant              ? 
_entity_src_gen.pdbx_gene_src_cell_line            ? 
_entity_src_gen.pdbx_gene_src_atcc                 ? 
_entity_src_gen.pdbx_gene_src_organ                ? 
_entity_src_gen.pdbx_gene_src_organelle            ? 
_entity_src_gen.pdbx_gene_src_cell                 ? 
_entity_src_gen.pdbx_gene_src_cellular_location    ? 
_entity_src_gen.host_org_common_name               ? 
_entity_src_gen.pdbx_host_org_scientific_name      'Escherichia coli BL21(DE3)' 
_entity_src_gen.pdbx_host_org_ncbi_taxonomy_id     469008 
_entity_src_gen.host_org_genus                     ? 
_entity_src_gen.pdbx_host_org_gene                 ? 
_entity_src_gen.pdbx_host_org_organ                ? 
_entity_src_gen.host_org_species                   ? 
_entity_src_gen.pdbx_host_org_tissue               ? 
_entity_src_gen.pdbx_host_org_tissue_fraction      ? 
_entity_src_gen.pdbx_host_org_strain               ? 
_entity_src_gen.pdbx_host_org_variant              ? 
_entity_src_gen.pdbx_host_org_cell_line            ? 
_entity_src_gen.pdbx_host_org_atcc                 ? 
_entity_src_gen.pdbx_host_org_culture_collection   ? 
_entity_src_gen.pdbx_host_org_cell                 ? 
_entity_src_gen.pdbx_host_org_organelle            ? 
_entity_src_gen.pdbx_host_org_cellular_location    ? 
_entity_src_gen.pdbx_host_org_vector_type          plasmid 
_entity_src_gen.pdbx_host_org_vector               ? 
_entity_src_gen.host_org_details                   ? 
_entity_src_gen.expression_system_id               ? 
_entity_src_gen.plasmid_name                       PET15b 
_entity_src_gen.plasmid_details                    ? 
_entity_src_gen.pdbx_description                   ? 
# 
loop_
_chem_comp.id 
_chem_comp.type 
_chem_comp.mon_nstd_flag 
_chem_comp.name 
_chem_comp.pdbx_synonyms 
_chem_comp.formula 
_chem_comp.formula_weight 
ALA 'L-peptide linking' y ALANINE ? 'C3 H7 N O2'      89.093  
ARG 'L-peptide linking' y ARGININE ? 'C6 H15 N4 O2 1'  175.209 
ASN 'L-peptide linking' y ASPARAGINE ? 'C4 H8 N2 O3'     132.118 
ASP 'L-peptide linking' y 'ASPARTIC ACID' ? 'C4 H7 N O4'      133.103 
CYS 'L-peptide linking' y CYSTEINE ? 'C3 H7 N O2 S'    121.158 
GLN 'L-peptide linking' y GLUTAMINE ? 'C5 H10 N2 O3'    146.144 
GLU 'L-peptide linking' y 'GLUTAMIC ACID' ? 'C5 H9 N O4'      147.129 
GLY 'peptide linking'   y GLYCINE ? 'C2 H5 N O2'      75.067  
HIS 'L-peptide linking' y HISTIDINE ? 'C6 H10 N3 O2 1'  156.162 
HOH non-polymer         . WATER ? 'H2 O'            18.015  
ILE 'L-peptide linking' y ISOLEUCINE ? 'C6 H13 N O2'     131.173 
LEU 'L-peptide linking' y LEUCINE ? 'C6 H13 N O2'     131.173 
LYS 'L-peptide linking' y LYSINE ? 'C6 H15 N2 O2 1'  147.195 
MET 'L-peptide linking' y METHIONINE ? 'C5 H11 N O2 S'   149.211 
PHE 'L-peptide linking' y PHENYLALANINE ? 'C9 H11 N O2'     165.189 
PRO 'L-peptide linking' y PROLINE ? 'C5 H9 N O2'      115.130 
SER 'L-peptide linking' y SERINE ? 'C3 H7 N O3'      105.093 
SO4 non-polymer         . 'SULFATE ION' ? 'O4 S -2'         96.063  
THR 'L-peptide linking' y THREONINE ? 'C4 H9 N O3'      119.119 
TRP 'L-peptide linking' y TRYPTOPHAN ? 'C11 H12 N2 O2'   204.225 
TYR 'L-peptide linking' y TYROSINE ? 'C9 H11 N O3'     181.189 
VAL 'L-peptide linking' y VALINE ? 'C5 H11 N O2'     117.146 
WE6 non-polymer         . 
'1-{[(3M)-3-(3-cyclopropyl-1,2,4-oxadiazol-5-yl)-4,5,6,7-tetrahydro-1-benzothiophen-2-yl]carbamoyl}-D-proline' ? 'C19 H22 N4 O4 S' 
402.467 
# 
loop_
_pdbx_poly_seq_scheme.asym_id 
_pdbx_poly_seq_scheme.entity_id 
_pdbx_poly_seq_scheme.seq_id 
_pdbx_poly_seq_scheme.mon_id 
_pdbx_poly_seq_scheme.ndb_seq_num 
_pdbx_poly_seq_scheme.pdb_seq_num 
_pdbx_poly_seq_scheme.auth_seq_num 
_pdbx_poly_seq_scheme.pdb_mon_id 
_pdbx_poly_seq_scheme.auth_mon_id 
_pdbx_poly_seq_scheme.pdb_strand_id 
_pdbx_poly_seq_scheme.pdb_ins_code 
_pdbx_poly_seq_scheme.hetero 
A 1 1   GLY 1   -3  ?   ?   ?   A . n 
A 1 2   SER 2   -2  ?   ?   ?   A . n 
A 1 3   HIS 3   -1  -1  HIS HIS A . n 
A 1 4   MET 4   0   0   MET MET A . n 
A 1 5   CYS 5   1   1   CYS CYS A . n 
A 1 6   ASP 6   2   2   ASP ASP A . n 
A 1 7   ALA 7   3   3   ALA ALA A . n 
A 1 8   PHE 8   4   4   PHE PHE A . n 
A 1 9   VAL 9   5   5   VAL VAL A . n 
A 1 10  GLY 10  6   6   GLY GLY A . n 
A 1 11  THR 11  7   7   THR THR A . n 
A 1 12  TRP 12  8   8   TRP TRP A . n 
A 1 13  LYS 13  9   9   LYS LYS A . n 
A 1 14  LEU 14  10  10  LEU LEU A . n 
A 1 15  VAL 15  11  11  VAL VAL A . n 
A 1 16  SER 16  12  12  SER SER A . n 
A 1 17  SER 17  13  13  SER SER A . n 
A 1 18  GLU 18  14  14  GLU GLU A . n 
A 1 19  ASN 19  15  15  ASN ASN A . n 
A 1 20  PHE 20  16  16  PHE PHE A . n 
A 1 21  ASP 21  17  17  ASP ASP A . n 
A 1 22  ASP 22  18  18  ASP ASP A . n 
A 1 23  TYR 23  19  19  TYR TYR A . n 
A 1 24  MET 24  20  20  MET MET A . n 
A 1 25  LYS 25  21  21  LYS LYS A . n 
A 1 26  GLU 26  22  22  GLU GLU A . n 
A 1 27  VAL 27  23  23  VAL VAL A . n 
A 1 28  GLY 28  24  24  GLY GLY A . n 
A 1 29  VAL 29  25  25  VAL VAL A . n 
A 1 30  GLY 30  26  26  GLY GLY A . n 
A 1 31  PHE 31  27  27  PHE PHE A . n 
A 1 32  ALA 32  28  28  ALA ALA A . n 
A 1 33  THR 33  29  29  THR THR A . n 
A 1 34  ARG 34  30  30  ARG ARG A . n 
A 1 35  LYS 35  31  31  LYS LYS A . n 
A 1 36  VAL 36  32  32  VAL VAL A . n 
A 1 37  ALA 37  33  33  ALA ALA A . n 
A 1 38  GLY 38  34  34  GLY GLY A . n 
A 1 39  MET 39  35  35  MET MET A . n 
A 1 40  ALA 40  36  36  ALA ALA A . n 
A 1 41  LYS 41  37  37  LYS LYS A . n 
A 1 42  PRO 42  38  38  PRO PRO A . n 
A 1 43  ASN 43  39  39  ASN ASN A . n 
A 1 44  MET 44  40  40  MET MET A . n 
A 1 45  ILE 45  41  41  ILE ILE A . n 
A 1 46  ILE 46  42  42  ILE ILE A . n 
A 1 47  SER 47  43  43  SER SER A . n 
A 1 48  VAL 48  44  44  VAL VAL A . n 
A 1 49  ASN 49  45  45  ASN ASN A . n 
A 1 50  GLY 50  46  46  GLY GLY A . n 
A 1 51  ASP 51  47  47  ASP ASP A . n 
A 1 52  VAL 52  48  48  VAL VAL A . n 
A 1 53  ILE 53  49  49  ILE ILE A . n 
A 1 54  THR 54  50  50  THR THR A . n 
A 1 55  ILE 55  51  51  ILE ILE A . n 
A 1 56  LYS 56  52  52  LYS LYS A . n 
A 1 57  SER 57  53  53  SER SER A . n 
A 1 58  GLU 58  54  54  GLU GLU A . n 
A 1 59  SER 59  55  55  SER SER A . n 
A 1 60  THR 60  56  56  THR THR A . n 
A 1 61  PHE 61  57  ?   ?   ?   A . n 
A 1 62  LYS 62  58  58  LYS LYS A . n 
A 1 63  ASN 63  59  59  ASN ASN A . n 
A 1 64  THR 64  60  60  THR THR A . n 
A 1 65  GLU 65  61  61  GLU GLU A . n 
A 1 66  ILE 66  62  62  ILE ILE A . n 
A 1 67  SER 67  63  63  SER SER A . n 
A 1 68  PHE 68  64  64  PHE PHE A . n 
A 1 69  ILE 69  65  65  ILE ILE A . n 
A 1 70  LEU 70  66  66  LEU LEU A . n 
A 1 71  GLY 71  67  67  GLY GLY A . n 
A 1 72  GLN 72  68  68  GLN GLN A . n 
A 1 73  GLU 73  69  69  GLU GLU A . n 
A 1 74  PHE 74  70  70  PHE PHE A . n 
A 1 75  ASP 75  71  71  ASP ASP A . n 
A 1 76  GLU 76  72  72  GLU GLU A . n 
A 1 77  VAL 77  73  73  VAL VAL A . n 
A 1 78  THR 78  74  74  THR THR A . n 
A 1 79  ALA 79  75  75  ALA ALA A . n 
A 1 80  ASP 80  76  76  ASP ASP A . n 
A 1 81  ASP 81  77  77  ASP ASP A . n 
A 1 82  ARG 82  78  78  ARG ARG A . n 
A 1 83  LYS 83  79  79  LYS LYS A . n 
A 1 84  VAL 84  80  80  VAL VAL A . n 
A 1 85  LYS 85  81  81  LYS LYS A . n 
A 1 86  SER 86  82  82  SER SER A . n 
A 1 87  THR 87  83  83  THR THR A . n 
A 1 88  ILE 88  84  84  ILE ILE A . n 
A 1 89  THR 89  85  85  THR THR A . n 
A 1 90  LEU 90  86  86  LEU LEU A . n 
A 1 91  ASP 91  87  87  ASP ASP A . n 
A 1 92  GLY 92  88  88  GLY GLY A . n 
A 1 93  GLY 93  89  89  GLY GLY A . n 
A 1 94  VAL 94  90  90  VAL VAL A . n 
A 1 95  LEU 95  91  91  LEU LEU A . n 
A 1 96  VAL 96  92  92  VAL VAL A . n 
A 1 97  HIS 97  93  93  HIS HIS A . n 
A 1 98  VAL 98  94  94  VAL VAL A . n 
A 1 99  GLN 99  95  95  GLN GLN A . n 
A 1 100 LYS 100 96  96  LYS LYS A . n 
A 1 101 TRP 101 97  97  TRP TRP A . n 
A 1 102 ASP 102 98  98  ASP ASP A . n 
A 1 103 GLY 103 99  99  GLY GLY A . n 
A 1 104 LYS 104 100 100 LYS LYS A . n 
A 1 105 SER 105 101 101 SER SER A . n 
A 1 106 THR 106 102 102 THR THR A . n 
A 1 107 THR 107 103 103 THR THR A . n 
A 1 108 ILE 108 104 104 ILE ILE A . n 
A 1 109 LYS 109 105 105 LYS LYS A . n 
A 1 110 ARG 110 106 106 ARG ARG A . n 
A 1 111 LYS 111 107 107 LYS LYS A . n 
A 1 112 ARG 112 108 108 ARG ARG A . n 
A 1 113 GLU 113 109 109 GLU GLU A . n 
A 1 114 ASP 114 110 110 ASP ASP A . n 
A 1 115 ASP 115 111 111 ASP ASP A . n 
A 1 116 LYS 116 112 112 LYS LYS A . n 
A 1 117 LEU 117 113 113 LEU LEU A . n 
A 1 118 VAL 118 114 114 VAL VAL A . n 
A 1 119 VAL 119 115 115 VAL VAL A . n 
A 1 120 GLU 120 116 116 GLU GLU A . n 
A 1 121 CYS 121 117 117 CYS CYS A . n 
A 1 122 VAL 122 118 118 VAL VAL A . n 
A 1 123 MET 123 119 119 MET MET A . n 
A 1 124 LYS 124 120 120 LYS LYS A . n 
A 1 125 GLY 125 121 121 GLY GLY A . n 
A 1 126 VAL 126 122 122 VAL VAL A . n 
A 1 127 THR 127 123 123 THR THR A . n 
A 1 128 SER 128 124 124 SER SER A . n 
A 1 129 THR 129 125 125 THR THR A . n 
A 1 130 ARG 130 126 126 ARG ARG A . n 
A 1 131 VAL 131 127 127 VAL VAL A . n 
A 1 132 TYR 132 128 128 TYR TYR A . n 
A 1 133 GLU 133 129 129 GLU GLU A . n 
A 1 134 ARG 134 130 130 ARG ARG A . n 
A 1 135 ALA 135 131 131 ALA ALA A . n 
# 
_pdbx_entity_instance_feature.ordinal        1 
_pdbx_entity_instance_feature.comp_id        WE6 
_pdbx_entity_instance_feature.asym_id        ? 
_pdbx_entity_instance_feature.seq_num        ? 
_pdbx_entity_instance_feature.auth_comp_id   WE6 
_pdbx_entity_instance_feature.auth_asym_id   ? 
_pdbx_entity_instance_feature.auth_seq_num   ? 
_pdbx_entity_instance_feature.feature_type   'SUBJECT OF INVESTIGATION' 
_pdbx_entity_instance_feature.details        ? 
# 
loop_
_pdbx_nonpoly_scheme.asym_id 
_pdbx_nonpoly_scheme.entity_id 
_pdbx_nonpoly_scheme.mon_id 
_pdbx_nonpoly_scheme.ndb_seq_num 
_pdbx_nonpoly_scheme.pdb_seq_num 
_pdbx_nonpoly_scheme.auth_seq_num 
_pdbx_nonpoly_scheme.pdb_mon_id 
_pdbx_nonpoly_scheme.auth_mon_id 
_pdbx_nonpoly_scheme.pdb_strand_id 
_pdbx_nonpoly_scheme.pdb_ins_code 
B 2 WE6 1   201 1   WE6 L0R A . 
C 3 SO4 1   202 1   SO4 SO4 A . 
D 3 SO4 1   203 3   SO4 SO4 A . 
E 4 HOH 1   301 113 HOH HOH A . 
E 4 HOH 2   302 91  HOH HOH A . 
E 4 HOH 3   303 125 HOH HOH A . 
E 4 HOH 4   304 121 HOH HOH A . 
E 4 HOH 5   305 52  HOH HOH A . 
E 4 HOH 6   306 115 HOH HOH A . 
E 4 HOH 7   307 84  HOH HOH A . 
E 4 HOH 8   308 133 HOH HOH A . 
E 4 HOH 9   309 132 HOH HOH A . 
E 4 HOH 10  310 57  HOH HOH A . 
E 4 HOH 11  311 26  HOH HOH A . 
E 4 HOH 12  312 93  HOH HOH A . 
E 4 HOH 13  313 127 HOH HOH A . 
E 4 HOH 14  314 29  HOH HOH A . 
E 4 HOH 15  315 31  HOH HOH A . 
E 4 HOH 16  316 134 HOH HOH A . 
E 4 HOH 17  317 16  HOH HOH A . 
E 4 HOH 18  318 59  HOH HOH A . 
E 4 HOH 19  319 30  HOH HOH A . 
E 4 HOH 20  320 101 HOH HOH A . 
E 4 HOH 21  321 39  HOH HOH A . 
E 4 HOH 22  322 7   HOH HOH A . 
E 4 HOH 23  323 46  HOH HOH A . 
E 4 HOH 24  324 110 HOH HOH A . 
E 4 HOH 25  325 79  HOH HOH A . 
E 4 HOH 26  326 99  HOH HOH A . 
E 4 HOH 27  327 63  HOH HOH A . 
E 4 HOH 28  328 20  HOH HOH A . 
E 4 HOH 29  329 92  HOH HOH A . 
E 4 HOH 30  330 3   HOH HOH A . 
E 4 HOH 31  331 68  HOH HOH A . 
E 4 HOH 32  332 81  HOH HOH A . 
E 4 HOH 33  333 139 HOH HOH A . 
E 4 HOH 34  334 70  HOH HOH A . 
E 4 HOH 35  335 54  HOH HOH A . 
E 4 HOH 36  336 19  HOH HOH A . 
E 4 HOH 37  337 11  HOH HOH A . 
E 4 HOH 38  338 14  HOH HOH A . 
E 4 HOH 39  339 35  HOH HOH A . 
E 4 HOH 40  340 9   HOH HOH A . 
E 4 HOH 41  341 65  HOH HOH A . 
E 4 HOH 42  342 47  HOH HOH A . 
E 4 HOH 43  343 32  HOH HOH A . 
E 4 HOH 44  344 87  HOH HOH A . 
E 4 HOH 45  345 94  HOH HOH A . 
E 4 HOH 46  346 2   HOH HOH A . 
E 4 HOH 47  347 96  HOH HOH A . 
E 4 HOH 48  348 97  HOH HOH A . 
E 4 HOH 49  349 6   HOH HOH A . 
E 4 HOH 50  350 15  HOH HOH A . 
E 4 HOH 51  351 33  HOH HOH A . 
E 4 HOH 52  352 5   HOH HOH A . 
E 4 HOH 53  353 21  HOH HOH A . 
E 4 HOH 54  354 40  HOH HOH A . 
E 4 HOH 55  355 138 HOH HOH A . 
E 4 HOH 56  356 78  HOH HOH A . 
E 4 HOH 57  357 45  HOH HOH A . 
E 4 HOH 58  358 1   HOH HOH A . 
E 4 HOH 59  359 62  HOH HOH A . 
E 4 HOH 60  360 85  HOH HOH A . 
E 4 HOH 61  361 76  HOH HOH A . 
E 4 HOH 62  362 83  HOH HOH A . 
E 4 HOH 63  363 111 HOH HOH A . 
E 4 HOH 64  364 120 HOH HOH A . 
E 4 HOH 65  365 58  HOH HOH A . 
E 4 HOH 66  366 107 HOH HOH A . 
E 4 HOH 67  367 22  HOH HOH A . 
E 4 HOH 68  368 64  HOH HOH A . 
E 4 HOH 69  369 106 HOH HOH A . 
E 4 HOH 70  370 17  HOH HOH A . 
E 4 HOH 71  371 23  HOH HOH A . 
E 4 HOH 72  372 12  HOH HOH A . 
E 4 HOH 73  373 50  HOH HOH A . 
E 4 HOH 74  374 48  HOH HOH A . 
E 4 HOH 75  375 4   HOH HOH A . 
E 4 HOH 76  376 73  HOH HOH A . 
E 4 HOH 77  377 10  HOH HOH A . 
E 4 HOH 78  378 116 HOH HOH A . 
E 4 HOH 79  379 8   HOH HOH A . 
E 4 HOH 80  380 18  HOH HOH A . 
E 4 HOH 81  381 141 HOH HOH A . 
E 4 HOH 82  382 24  HOH HOH A . 
E 4 HOH 83  383 27  HOH HOH A . 
E 4 HOH 84  384 66  HOH HOH A . 
E 4 HOH 85  385 13  HOH HOH A . 
E 4 HOH 86  386 126 HOH HOH A . 
E 4 HOH 87  387 74  HOH HOH A . 
E 4 HOH 88  388 38  HOH HOH A . 
E 4 HOH 89  389 72  HOH HOH A . 
E 4 HOH 90  390 109 HOH HOH A . 
E 4 HOH 91  391 61  HOH HOH A . 
E 4 HOH 92  392 37  HOH HOH A . 
E 4 HOH 93  393 43  HOH HOH A . 
E 4 HOH 94  394 100 HOH HOH A . 
E 4 HOH 95  395 49  HOH HOH A . 
E 4 HOH 96  396 75  HOH HOH A . 
E 4 HOH 97  397 108 HOH HOH A . 
E 4 HOH 98  398 41  HOH HOH A . 
E 4 HOH 99  399 34  HOH HOH A . 
E 4 HOH 100 400 56  HOH HOH A . 
E 4 HOH 101 401 69  HOH HOH A . 
E 4 HOH 102 402 36  HOH HOH A . 
E 4 HOH 103 403 67  HOH HOH A . 
E 4 HOH 104 404 44  HOH HOH A . 
E 4 HOH 105 405 89  HOH HOH A . 
E 4 HOH 106 406 51  HOH HOH A . 
E 4 HOH 107 407 88  HOH HOH A . 
E 4 HOH 108 408 55  HOH HOH A . 
E 4 HOH 109 409 128 HOH HOH A . 
E 4 HOH 110 410 80  HOH HOH A . 
E 4 HOH 111 411 122 HOH HOH A . 
E 4 HOH 112 412 104 HOH HOH A . 
E 4 HOH 113 413 82  HOH HOH A . 
E 4 HOH 114 414 53  HOH HOH A . 
E 4 HOH 115 415 95  HOH HOH A . 
E 4 HOH 116 416 105 HOH HOH A . 
E 4 HOH 117 417 119 HOH HOH A . 
E 4 HOH 118 418 28  HOH HOH A . 
E 4 HOH 119 419 123 HOH HOH A . 
E 4 HOH 120 420 118 HOH HOH A . 
E 4 HOH 121 421 42  HOH HOH A . 
E 4 HOH 122 422 137 HOH HOH A . 
E 4 HOH 123 423 135 HOH HOH A . 
E 4 HOH 124 424 25  HOH HOH A . 
E 4 HOH 125 425 117 HOH HOH A . 
E 4 HOH 126 426 102 HOH HOH A . 
E 4 HOH 127 427 77  HOH HOH A . 
E 4 HOH 128 428 86  HOH HOH A . 
E 4 HOH 129 429 60  HOH HOH A . 
E 4 HOH 130 430 71  HOH HOH A . 
E 4 HOH 131 431 131 HOH HOH A . 
E 4 HOH 132 432 90  HOH HOH A . 
E 4 HOH 133 433 112 HOH HOH A . 
E 4 HOH 134 434 136 HOH HOH A . 
E 4 HOH 135 435 130 HOH HOH A . 
E 4 HOH 136 436 140 HOH HOH A . 
E 4 HOH 137 437 114 HOH HOH A . 
E 4 HOH 138 438 129 HOH HOH A . 
E 4 HOH 139 439 98  HOH HOH A . 
E 4 HOH 140 440 124 HOH HOH A . 
E 4 HOH 141 441 103 HOH HOH A . 
# 
loop_
_software.pdbx_ordinal 
_software.name 
_software.version 
_software.date 
_software.type 
_software.contact_author 
_software.contact_author_email 
_software.classification 
_software.location 
_software.language 
_software.citation_id 
1 XSCALE      .        ?               package 'Wolfgang Kabsch'    ?                        'data scaling'    
http://www.mpimf-heidelberg.mpg.de/~kabsch/xds/html_doc/xscale_program.html ?          ? 
2 REFMAC      5.6.0112 ?               program 'Garib N. Murshudov' garib@ysbl.york.ac.uk    refinement        
http://www.ccp4.ac.uk/dist/html/refmac5.html                                Fortran_77 ? 
3 PDB_EXTRACT 3.27     'Oct. 31, 2020' package PDB                  deposit@deposit.rcsb.org 'data extraction' 
http://sw-tools.pdb.org/apps/PDB_EXTRACT/                                   C++        ? 
4 XDS         .        ?               ?       ?                    ?                        'data reduction'  ? ?          ? 
5 PHASER      .        ?               ?       ?                    ?                        phasing           ? ?          ? 
# 
_cell.entry_id           7FZ5 
_cell.length_a           32.573 
_cell.length_b           54.147 
_cell.length_c           74.980 
_cell.angle_alpha        90.000 
_cell.angle_beta         90.000 
_cell.angle_gamma        90.000 
_cell.Z_PDB              4 
_cell.pdbx_unique_axis   ? 
# 
_symmetry.entry_id                         7FZ5 
_symmetry.space_group_name_H-M             'P 21 21 21' 
_symmetry.pdbx_full_space_group_name_H-M   ? 
_symmetry.cell_setting                     ? 
_symmetry.Int_Tables_number                19 
# 
_exptl.crystals_number   1 
_exptl.entry_id          7FZ5 
_exptl.method            'X-RAY DIFFRACTION' 
# 
_exptl_crystal.id                    1 
_exptl_crystal.density_meas          ? 
_exptl_crystal.density_Matthews      2.20 
_exptl_crystal.density_percent_sol   44.11 
_exptl_crystal.description           ? 
_exptl_crystal.preparation           ? 
# 
_exptl_crystal_grow.crystal_id      1 
_exptl_crystal_grow.method          'VAPOR DIFFUSION, SITTING DROP' 
_exptl_crystal_grow.pH              7.0 
_exptl_crystal_grow.temp            293 
_exptl_crystal_grow.pdbx_details    'protein in 25mM Tris/HCl pH 7.5 100mM NaCl, see also PMID 27658368' 
_exptl_crystal_grow.temp_details    ? 
_exptl_crystal_grow.pdbx_pH_range   ? 
# 
_diffrn.id                               1 
_diffrn.crystal_id                       1 
_diffrn.ambient_temp                     100 
_diffrn.ambient_temp_details             ? 
_diffrn.pdbx_serial_crystal_experiment   ? 
# 
_diffrn_detector.diffrn_id              1 
_diffrn_detector.detector               PIXEL 
_diffrn_detector.type                   'PSI PILATUS 6M' 
_diffrn_detector.pdbx_collection_date   2011-06-30 
_diffrn_detector.details                ? 
# 
_diffrn_radiation.diffrn_id                        1 
_diffrn_radiation.pdbx_diffrn_protocol             'SINGLE WAVELENGTH' 
_diffrn_radiation.monochromator                    ? 
_diffrn_radiation.pdbx_monochromatic_or_laue_m_l   M 
_diffrn_radiation.wavelength_id                    1 
_diffrn_radiation.pdbx_scattering_type             x-ray 
# 
_diffrn_radiation_wavelength.id           1 
_diffrn_radiation_wavelength.wavelength   1.000000 
_diffrn_radiation_wavelength.wt           1.0 
# 
_diffrn_source.diffrn_id                   1 
_diffrn_source.source                      SYNCHROTRON 
_diffrn_source.type                        'SLS BEAMLINE X10SA' 
_diffrn_source.pdbx_wavelength_list        1.000000 
_diffrn_source.pdbx_synchrotron_site       SLS 
_diffrn_source.pdbx_synchrotron_beamline   X10SA 
_diffrn_source.pdbx_wavelength             ? 
# 
_reflns.entry_id                     7FZ5 
_reflns.pdbx_diffrn_id               1 
_reflns.pdbx_ordinal                 1 
_reflns.observed_criterion_sigma_I   ? 
_reflns.observed_criterion_sigma_F   ? 
_reflns.d_resolution_low             37.49 
_reflns.d_resolution_high            1.250 
_reflns.number_obs                   37442 
_reflns.number_all                   ? 
_reflns.percent_possible_obs         99.600 
_reflns.pdbx_Rmerge_I_obs            0.091 
_reflns.pdbx_Rsym_value              0.091 
_reflns.pdbx_netI_over_sigmaI        8.390 
_reflns.B_iso_Wilson_estimate        21.658 
_reflns.pdbx_redundancy              6.280 
_reflns.pdbx_Rrim_I_all              0.091 
_reflns.pdbx_Rpim_I_all              ? 
_reflns.pdbx_CC_half                 0.997 
_reflns.pdbx_netI_over_av_sigmaI     ? 
_reflns.pdbx_number_measured_all     233723 
_reflns.pdbx_scaling_rejects         13 
_reflns.pdbx_chi_squared             0.830 
_reflns.Rmerge_F_all                 ? 
_reflns.Rmerge_F_obs                 ? 
_reflns.observed_criterion_F_max     ? 
_reflns.observed_criterion_F_min     ? 
_reflns.observed_criterion_I_max     ? 
_reflns.observed_criterion_I_min     ? 
_reflns.pdbx_d_res_high_opt          ? 
_reflns.pdbx_d_res_low_opt           ? 
_reflns.details                      ? 
# 
loop_
_reflns_shell.pdbx_diffrn_id 
_reflns_shell.pdbx_ordinal 
_reflns_shell.d_res_high 
_reflns_shell.d_res_low 
_reflns_shell.number_measured_obs 
_reflns_shell.number_measured_all 
_reflns_shell.number_unique_obs 
_reflns_shell.pdbx_rejects 
_reflns_shell.Rmerge_I_obs 
_reflns_shell.meanI_over_sigI_obs 
_reflns_shell.pdbx_Rsym_value 
_reflns_shell.pdbx_chi_squared 
_reflns_shell.pdbx_redundancy 
_reflns_shell.percent_possible_obs 
_reflns_shell.pdbx_netI_over_sigmaI_obs 
_reflns_shell.number_possible 
_reflns_shell.number_unique_all 
_reflns_shell.Rmerge_F_all 
_reflns_shell.Rmerge_F_obs 
_reflns_shell.Rmerge_I_all 
_reflns_shell.meanI_over_sigI_all 
_reflns_shell.percent_possible_all 
_reflns_shell.pdbx_Rrim_I_all 
_reflns_shell.pdbx_Rpim_I_all 
_reflns_shell.pdbx_CC_half 
1 1  1.250 1.280  16963 ? 2702 ? 1.916 1.190  ? ? 6.278 ? ? 2721 ? ? ? ? ? 99.300  2.091 ? 0.497 
1 2  1.280 1.320  16937 ? 2686 ? 1.611 1.430  ? ? 6.306 ? ? 2696 ? ? ? ? ? 99.600  1.758 ? 0.585 
1 3  1.320 1.360  16281 ? 2578 ? 1.341 1.780  ? ? 6.315 ? ? 2593 ? ? ? ? ? 99.400  1.462 ? 0.689 
1 4  1.360 1.400  15356 ? 2495 ? 1.148 2.160  ? ? 6.155 ? ? 2509 ? ? ? ? ? 99.400  1.256 ? 0.710 
1 5  1.400 1.440  14482 ? 2424 ? 0.891 2.700  ? ? 5.974 ? ? 2437 ? ? ? ? ? 99.500  0.977 ? 0.808 
1 6  1.440 1.490  15300 ? 2352 ? 0.666 3.610  ? ? 6.505 ? ? 2365 ? ? ? ? ? 99.500  0.724 ? 0.892 
1 7  1.490 1.550  14951 ? 2315 ? 0.501 4.800  ? ? 6.458 ? ? 2325 ? ? ? ? ? 99.600  0.545 ? 0.943 
1 8  1.550 1.610  14031 ? 2169 ? 0.344 6.720  ? ? 6.469 ? ? 2176 ? ? ? ? ? 99.700  0.375 ? 0.969 
1 9  1.610 1.690  13616 ? 2126 ? 0.286 8.030  ? ? 6.405 ? ? 2129 ? ? ? ? ? 99.900  0.312 ? 0.980 
1 10 1.690 1.770  12071 ? 2021 ? 0.209 10.090 ? ? 5.973 ? ? 2022 ? ? ? ? ? 100.000 0.229 ? 0.981 
1 11 1.770 1.860  13038 ? 1941 ? 0.153 13.610 ? ? 6.717 ? ? 1944 ? ? ? ? ? 99.800  0.166 ? 0.989 
1 12 1.860 1.980  12139 ? 1826 ? 0.106 17.590 ? ? 6.648 ? ? 1833 ? ? ? ? ? 99.600  0.115 ? 0.994 
1 13 1.980 2.110  11194 ? 1722 ? 0.088 20.330 ? ? 6.501 ? ? 1732 ? ? ? ? ? 99.400  0.096 ? 0.995 
1 14 2.110 2.280  9959  ? 1614 ? 0.077 22.620 ? ? 6.170 ? ? 1625 ? ? ? ? ? 99.300  0.084 ? 0.995 
1 15 2.280 2.500  8340  ? 1497 ? 0.069 23.290 ? ? 5.571 ? ? 1506 ? ? ? ? ? 99.400  0.076 ? 0.995 
1 16 2.500 2.800  8658  ? 1357 ? 0.056 27.660 ? ? 6.380 ? ? 1364 ? ? ? ? ? 99.500  0.062 ? 0.997 
1 17 2.800 3.230  7446  ? 1212 ? 0.052 29.320 ? ? 6.144 ? ? 1217 ? ? ? ? ? 99.600  0.057 ? 0.997 
1 18 3.230 3.950  5882  ? 1037 ? 0.048 30.810 ? ? 5.672 ? ? 1043 ? ? ? ? ? 99.400  0.053 ? 0.996 
1 19 3.950 5.590  4261  ? 817  ? 0.047 30.160 ? ? 5.215 ? ? 831  ? ? ? ? ? 98.300  0.052 ? 0.995 
1 20 5.590 37.500 2818  ? 499  ? 0.041 30.870 ? ? 5.647 ? ? 507  ? ? ? ? ? 98.400  0.045 ? 0.998 
# 
_refine.entry_id                                 7FZ5 
_refine.pdbx_refine_id                           'X-RAY DIFFRACTION' 
_refine.ls_d_res_high                            1.2500 
_refine.ls_d_res_low                             37.5000 
_refine.pdbx_ls_sigma_F                          0.000 
_refine.pdbx_data_cutoff_high_absF               ? 
_refine.pdbx_data_cutoff_low_absF                ? 
_refine.ls_percent_reflns_obs                    95.1100 
_refine.ls_number_reflns_obs                     33862 
_refine.ls_number_reflns_all                     ? 
_refine.pdbx_ls_cross_valid_method               THROUGHOUT 
_refine.ls_matrix_type                           ? 
_refine.pdbx_R_Free_selection_details            RANDOM 
_refine.details                                  
;phe57 disordered, (R)-enantiomer bound, N-O region of oxadiazol has less density than rest of heterocycle, cyclopropyl orientation well defined, tetrahydro-part flexible and not well defined
;
_refine.ls_R_factor_all                          ? 
_refine.ls_R_factor_obs                          0.1562 
_refine.ls_R_factor_R_work                       0.1543 
_refine.ls_wR_factor_R_work                      ? 
_refine.ls_R_factor_R_free                       0.1915 
_refine.ls_wR_factor_R_free                      ? 
_refine.ls_percent_reflns_R_free                 5.1000 
_refine.ls_number_reflns_R_free                  1814 
_refine.ls_number_reflns_R_work                  ? 
_refine.ls_R_factor_R_free_error                 ? 
_refine.B_iso_mean                               17.7490 
_refine.solvent_model_param_bsol                 ? 
_refine.solvent_model_param_ksol                 ? 
_refine.pdbx_isotropic_thermal_model             ? 
_refine.aniso_B[1][1]                            1.1100 
_refine.aniso_B[2][2]                            -0.2600 
_refine.aniso_B[3][3]                            -0.8500 
_refine.aniso_B[1][2]                            0.0000 
_refine.aniso_B[1][3]                            0.0000 
_refine.aniso_B[2][3]                            0.0000 
_refine.correlation_coeff_Fo_to_Fc               0.9770 
_refine.correlation_coeff_Fo_to_Fc_free          0.9690 
_refine.overall_SU_R_Cruickshank_DPI             ? 
_refine.pdbx_overall_SU_R_free_Cruickshank_DPI   ? 
_refine.pdbx_overall_SU_R_Blow_DPI               ? 
_refine.pdbx_overall_SU_R_free_Blow_DPI          ? 
_refine.overall_SU_R_free                        ? 
_refine.pdbx_overall_ESU_R                       0.0470 
_refine.pdbx_overall_ESU_R_Free                  0.0480 
_refine.overall_SU_ML                            0.0360 
_refine.overall_SU_B                             1.9430 
_refine.solvent_model_details                    'BABINET MODEL WITH MASK' 
_refine.pdbx_solvent_vdw_probe_radii             1.2000 
_refine.pdbx_solvent_ion_probe_radii             0.8000 
_refine.pdbx_solvent_shrinkage_radii             0.8000 
_refine.ls_number_parameters                     ? 
_refine.ls_number_restraints                     ? 
_refine.pdbx_starting_model                      'inhouse model' 
_refine.pdbx_method_to_determine_struct          'MOLECULAR REPLACEMENT' 
_refine.pdbx_stereochemistry_target_values       'MAXIMUM LIKELIHOOD' 
_refine.pdbx_stereochem_target_val_spec_case     ? 
_refine.overall_FOM_work_R_set                   ? 
_refine.B_iso_max                                71.420 
_refine.B_iso_min                                9.310 
_refine.pdbx_overall_phase_error                 ? 
_refine.occupancy_max                            ? 
_refine.occupancy_min                            ? 
_refine.pdbx_diffrn_id                           1 
_refine.pdbx_TLS_residual_ADP_flag               ? 
_refine.pdbx_ls_sigma_I                          ? 
_refine.pdbx_data_cutoff_high_rms_absF           ? 
_refine.ls_R_factor_R_free_error_details         ? 
# 
_refine_hist.cycle_id                         final 
_refine_hist.pdbx_refine_id                   'X-RAY DIFFRACTION' 
_refine_hist.d_res_high                       1.2500 
_refine_hist.d_res_low                        37.5000 
_refine_hist.pdbx_number_atoms_ligand         38 
_refine_hist.number_atoms_solvent             142 
_refine_hist.number_atoms_total               1209 
_refine_hist.pdbx_number_residues_total       132 
_refine_hist.pdbx_B_iso_mean_ligand           30.07 
_refine_hist.pdbx_B_iso_mean_solvent          32.39 
_refine_hist.pdbx_number_atoms_protein        1029 
_refine_hist.pdbx_number_atoms_nucleic_acid   0 
# 
loop_
_refine_ls_restr.pdbx_refine_id 
_refine_ls_restr.type 
_refine_ls_restr.number 
_refine_ls_restr.dev_ideal 
_refine_ls_restr.dev_ideal_target 
_refine_ls_restr.weight 
_refine_ls_restr.pdbx_restraint_function 
'X-RAY DIFFRACTION' r_bond_refined_d       1128 0.014  0.020  ? ? 
'X-RAY DIFFRACTION' r_bond_other_d         771  0.001  0.020  ? ? 
'X-RAY DIFFRACTION' r_angle_refined_deg    1530 1.817  1.995  ? ? 
'X-RAY DIFFRACTION' r_angle_other_deg      1903 1.056  3.000  ? ? 
'X-RAY DIFFRACTION' r_dihedral_angle_1_deg 143  5.871  5.000  ? ? 
'X-RAY DIFFRACTION' r_dihedral_angle_2_deg 48   31.306 25.208 ? ? 
'X-RAY DIFFRACTION' r_dihedral_angle_3_deg 219  14.592 15.000 ? ? 
'X-RAY DIFFRACTION' r_dihedral_angle_4_deg 6    15.719 15.000 ? ? 
'X-RAY DIFFRACTION' r_chiral_restr         175  0.104  0.200  ? ? 
'X-RAY DIFFRACTION' r_gen_planes_refined   1228 0.008  0.020  ? ? 
'X-RAY DIFFRACTION' r_gen_planes_other     210  0.002  0.020  ? ? 
'X-RAY DIFFRACTION' r_rigid_bond_restr     1899 3.778  3.000  ? ? 
'X-RAY DIFFRACTION' r_sphericity_free      44   27.681 5.000  ? ? 
'X-RAY DIFFRACTION' r_sphericity_bonded    1978 10.101 5.000  ? ? 
# 
_refine_ls_shell.d_res_high                       1.2500 
_refine_ls_shell.d_res_low                        1.2820 
_refine_ls_shell.pdbx_total_number_of_bins_used   20 
_refine_ls_shell.percent_reflns_obs               86.8300 
_refine_ls_shell.number_reflns_R_work             2131 
_refine_ls_shell.R_factor_all                     ? 
_refine_ls_shell.R_factor_R_work                  0.3030 
_refine_ls_shell.R_factor_R_free                  0.3610 
_refine_ls_shell.percent_reflns_R_free            ? 
_refine_ls_shell.number_reflns_R_free             110 
_refine_ls_shell.R_factor_R_free_error            0.0000 
_refine_ls_shell.number_reflns_all                2241 
_refine_ls_shell.number_reflns_obs                ? 
_refine_ls_shell.pdbx_refine_id                   'X-RAY DIFFRACTION' 
# 
_struct.entry_id                  7FZ5 
_struct.title                     
;Crystal Structure of human FABP4 in complex with rac-(2R)-1-[[3-(3-cyclopropyl-1,2,4-oxadiazol-5-yl)-4,5,6,7-tetrahydro-1-benzothiophen-2-yl]carbamoyl]pyrrolidine-2-carboxylic acid
;
_struct.pdbx_model_details        ? 
_struct.pdbx_CASP_flag            ? 
_struct.pdbx_model_type_details   ? 
# 
_struct_keywords.entry_id        7FZ5 
_struct_keywords.text            
'LIPID BINDING PROTEIN, FATTY ACID BINDING PROTEIN, CYTOPLASM, LIPID-BINDING, TRANSPORT, PROTEIN BINDING' 
_struct_keywords.pdbx_keywords   'LIPID BINDING PROTEIN' 
# 
loop_
_struct_asym.id 
_struct_asym.pdbx_blank_PDB_chainid_flag 
_struct_asym.pdbx_modified 
_struct_asym.entity_id 
_struct_asym.details 
A N N 1 ? 
B N N 2 ? 
C N N 3 ? 
D N N 3 ? 
E N N 4 ? 
# 
_struct_ref.id                         1 
_struct_ref.db_name                    UNP 
_struct_ref.db_code                    FABP4_HUMAN 
_struct_ref.pdbx_db_accession          P15090 
_struct_ref.pdbx_db_isoform            ? 
_struct_ref.entity_id                  1 
_struct_ref.pdbx_seq_one_letter_code   
;MCDAFVGTWKLVSSENFDDYMKEVGVGFATRKVAGMAKPNMIISVNGDVITIKSESTFKNTEISFILGQEFDEVTADDRK
VKSTITLDGGVLVHVQKWDGKSTTIKRKREDDKLVVECVMKGVTSTRVYERA
;
_struct_ref.pdbx_align_begin           1 
# 
_struct_ref_seq.align_id                      1 
_struct_ref_seq.ref_id                        1 
_struct_ref_seq.pdbx_PDB_id_code              7FZ5 
_struct_ref_seq.pdbx_strand_id                A 
_struct_ref_seq.seq_align_beg                 4 
_struct_ref_seq.pdbx_seq_align_beg_ins_code   ? 
_struct_ref_seq.seq_align_end                 135 
_struct_ref_seq.pdbx_seq_align_end_ins_code   ? 
_struct_ref_seq.pdbx_db_accession             P15090 
_struct_ref_seq.db_align_beg                  1 
_struct_ref_seq.pdbx_db_align_beg_ins_code    ? 
_struct_ref_seq.db_align_end                  132 
_struct_ref_seq.pdbx_db_align_end_ins_code    ? 
_struct_ref_seq.pdbx_auth_seq_align_beg       0 
_struct_ref_seq.pdbx_auth_seq_align_end       131 
# 
loop_
_struct_ref_seq_dif.align_id 
_struct_ref_seq_dif.pdbx_pdb_id_code 
_struct_ref_seq_dif.mon_id 
_struct_ref_seq_dif.pdbx_pdb_strand_id 
_struct_ref_seq_dif.seq_num 
_struct_ref_seq_dif.pdbx_pdb_ins_code 
_struct_ref_seq_dif.pdbx_seq_db_name 
_struct_ref_seq_dif.pdbx_seq_db_accession_code 
_struct_ref_seq_dif.db_mon_id 
_struct_ref_seq_dif.pdbx_seq_db_seq_num 
_struct_ref_seq_dif.details 
_struct_ref_seq_dif.pdbx_auth_seq_num 
_struct_ref_seq_dif.pdbx_ordinal 
1 7FZ5 GLY A 1 ? UNP P15090 ? ? 'expression tag' -3 1 
1 7FZ5 SER A 2 ? UNP P15090 ? ? 'expression tag' -2 2 
1 7FZ5 HIS A 3 ? UNP P15090 ? ? 'expression tag' -1 3 
# 
_pdbx_struct_assembly.id                   1 
_pdbx_struct_assembly.details              author_and_software_defined_assembly 
_pdbx_struct_assembly.method_details       PISA 
_pdbx_struct_assembly.oligomeric_details   monomeric 
_pdbx_struct_assembly.oligomeric_count     1 
# 
_pdbx_struct_assembly_gen.assembly_id       1 
_pdbx_struct_assembly_gen.oper_expression   1 
_pdbx_struct_assembly_gen.asym_id_list      A,B,C,D,E 
# 
_pdbx_struct_assembly_auth_evidence.id                     1 
_pdbx_struct_assembly_auth_evidence.assembly_id            1 
_pdbx_struct_assembly_auth_evidence.experimental_support   'gel filtration' 
_pdbx_struct_assembly_auth_evidence.details                'elutes as a monomer' 
# 
_pdbx_struct_oper_list.id                   1 
_pdbx_struct_oper_list.type                 'identity operation' 
_pdbx_struct_oper_list.name                 1_555 
_pdbx_struct_oper_list.symmetry_operation   x,y,z 
_pdbx_struct_oper_list.matrix[1][1]         1.0000000000 
_pdbx_struct_oper_list.matrix[1][2]         0.0000000000 
_pdbx_struct_oper_list.matrix[1][3]         0.0000000000 
_pdbx_struct_oper_list.vector[1]            0.0000000000 
_pdbx_struct_oper_list.matrix[2][1]         0.0000000000 
_pdbx_struct_oper_list.matrix[2][2]         1.0000000000 
_pdbx_struct_oper_list.matrix[2][3]         0.0000000000 
_pdbx_struct_oper_list.vector[2]            0.0000000000 
_pdbx_struct_oper_list.matrix[3][1]         0.0000000000 
_pdbx_struct_oper_list.matrix[3][2]         0.0000000000 
_pdbx_struct_oper_list.matrix[3][3]         1.0000000000 
_pdbx_struct_oper_list.vector[3]            0.0000000000 
# 
loop_
_struct_conf.conf_type_id 
_struct_conf.id 
_struct_conf.pdbx_PDB_helix_id 
_struct_conf.beg_label_comp_id 
_struct_conf.beg_label_asym_id 
_struct_conf.beg_label_seq_id 
_struct_conf.pdbx_beg_PDB_ins_code 
_struct_conf.end_label_comp_id 
_struct_conf.end_label_asym_id 
_struct_conf.end_label_seq_id 
_struct_conf.pdbx_end_PDB_ins_code 
_struct_conf.beg_auth_comp_id 
_struct_conf.beg_auth_asym_id 
_struct_conf.beg_auth_seq_id 
_struct_conf.end_auth_comp_id 
_struct_conf.end_auth_asym_id 
_struct_conf.end_auth_seq_id 
_struct_conf.pdbx_PDB_helix_class 
_struct_conf.details 
_struct_conf.pdbx_PDB_helix_length 
HELX_P HELX_P1 AA1 CYS A 5  ? VAL A 9  ? CYS A 1  VAL A 5  5 ? 5  
HELX_P HELX_P2 AA2 ASN A 19 ? GLY A 28 ? ASN A 15 GLY A 24 1 ? 10 
HELX_P HELX_P3 AA3 GLY A 30 ? ALA A 40 ? GLY A 26 ALA A 36 1 ? 11 
# 
_struct_conf_type.id          HELX_P 
_struct_conf_type.criteria    ? 
_struct_conf_type.reference   ? 
# 
_struct_sheet.id               AA1 
_struct_sheet.type             ? 
_struct_sheet.number_strands   10 
_struct_sheet.details          ? 
# 
loop_
_struct_sheet_order.sheet_id 
_struct_sheet_order.range_id_1 
_struct_sheet_order.range_id_2 
_struct_sheet_order.offset 
_struct_sheet_order.sense 
AA1 1 2  ? anti-parallel 
AA1 2 3  ? anti-parallel 
AA1 3 4  ? anti-parallel 
AA1 4 5  ? anti-parallel 
AA1 5 6  ? anti-parallel 
AA1 6 7  ? anti-parallel 
AA1 7 8  ? anti-parallel 
AA1 8 9  ? anti-parallel 
AA1 9 10 ? anti-parallel 
# 
loop_
_struct_sheet_range.sheet_id 
_struct_sheet_range.id 
_struct_sheet_range.beg_label_comp_id 
_struct_sheet_range.beg_label_asym_id 
_struct_sheet_range.beg_label_seq_id 
_struct_sheet_range.pdbx_beg_PDB_ins_code 
_struct_sheet_range.end_label_comp_id 
_struct_sheet_range.end_label_asym_id 
_struct_sheet_range.end_label_seq_id 
_struct_sheet_range.pdbx_end_PDB_ins_code 
_struct_sheet_range.beg_auth_comp_id 
_struct_sheet_range.beg_auth_asym_id 
_struct_sheet_range.beg_auth_seq_id 
_struct_sheet_range.end_auth_comp_id 
_struct_sheet_range.end_auth_asym_id 
_struct_sheet_range.end_auth_seq_id 
AA1 1  ASN A 63  ? PHE A 68  ? ASN A 59  PHE A 64  
AA1 2  VAL A 52  ? GLU A 58  ? VAL A 48  GLU A 54  
AA1 3  ASN A 43  ? ASN A 49  ? ASN A 39  ASN A 45  
AA1 4  GLY A 10  ? GLU A 18  ? GLY A 6   GLU A 14  
AA1 5  VAL A 126 ? ARG A 134 ? VAL A 122 ARG A 130 
AA1 6  LYS A 116 ? MET A 123 ? LYS A 112 MET A 119 
AA1 7  LYS A 104 ? GLU A 113 ? LYS A 100 GLU A 109 
AA1 8  VAL A 94  ? TRP A 101 ? VAL A 90  TRP A 97  
AA1 9  LYS A 83  ? ASP A 91  ? LYS A 79  ASP A 87  
AA1 10 PHE A 74  ? VAL A 77  ? PHE A 70  VAL A 73  
# 
loop_
_pdbx_struct_sheet_hbond.sheet_id 
_pdbx_struct_sheet_hbond.range_id_1 
_pdbx_struct_sheet_hbond.range_id_2 
_pdbx_struct_sheet_hbond.range_1_label_atom_id 
_pdbx_struct_sheet_hbond.range_1_label_comp_id 
_pdbx_struct_sheet_hbond.range_1_label_asym_id 
_pdbx_struct_sheet_hbond.range_1_label_seq_id 
_pdbx_struct_sheet_hbond.range_1_PDB_ins_code 
_pdbx_struct_sheet_hbond.range_1_auth_atom_id 
_pdbx_struct_sheet_hbond.range_1_auth_comp_id 
_pdbx_struct_sheet_hbond.range_1_auth_asym_id 
_pdbx_struct_sheet_hbond.range_1_auth_seq_id 
_pdbx_struct_sheet_hbond.range_2_label_atom_id 
_pdbx_struct_sheet_hbond.range_2_label_comp_id 
_pdbx_struct_sheet_hbond.range_2_label_asym_id 
_pdbx_struct_sheet_hbond.range_2_label_seq_id 
_pdbx_struct_sheet_hbond.range_2_PDB_ins_code 
_pdbx_struct_sheet_hbond.range_2_auth_atom_id 
_pdbx_struct_sheet_hbond.range_2_auth_comp_id 
_pdbx_struct_sheet_hbond.range_2_auth_asym_id 
_pdbx_struct_sheet_hbond.range_2_auth_seq_id 
AA1 1 2  O PHE A 68  ? O PHE A 64  N ILE A 53  ? N ILE A 49  
AA1 2 3  O THR A 54  ? O THR A 50  N SER A 47  ? N SER A 43  
AA1 3 4  O MET A 44  ? O MET A 40  N TRP A 12  ? N TRP A 8   
AA1 4 5  N VAL A 15  ? N VAL A 11  O VAL A 131 ? O VAL A 127 
AA1 5 6  O ARG A 130 ? O ARG A 126 N VAL A 119 ? N VAL A 115 
AA1 6 7  O VAL A 118 ? O VAL A 114 N LYS A 111 ? N LYS A 107 
AA1 7 8  O LYS A 104 ? O LYS A 100 N TRP A 101 ? N TRP A 97  
AA1 8 9  O VAL A 96  ? O VAL A 92  N THR A 89  ? N THR A 85  
AA1 9 10 O SER A 86  ? O SER A 82  N PHE A 74  ? N PHE A 70  
# 
_pdbx_entry_details.entry_id                   7FZ5 
_pdbx_entry_details.compound_details           ? 
_pdbx_entry_details.source_details             ? 
_pdbx_entry_details.nonpolymer_details         ? 
_pdbx_entry_details.sequence_details           ? 
_pdbx_entry_details.has_ligand_of_interest     Y 
_pdbx_entry_details.has_protein_modification   N 
# 
loop_
_pdbx_validate_close_contact.id 
_pdbx_validate_close_contact.PDB_model_num 
_pdbx_validate_close_contact.auth_atom_id_1 
_pdbx_validate_close_contact.auth_asym_id_1 
_pdbx_validate_close_contact.auth_comp_id_1 
_pdbx_validate_close_contact.auth_seq_id_1 
_pdbx_validate_close_contact.PDB_ins_code_1 
_pdbx_validate_close_contact.label_alt_id_1 
_pdbx_validate_close_contact.auth_atom_id_2 
_pdbx_validate_close_contact.auth_asym_id_2 
_pdbx_validate_close_contact.auth_comp_id_2 
_pdbx_validate_close_contact.auth_seq_id_2 
_pdbx_validate_close_contact.PDB_ins_code_2 
_pdbx_validate_close_contact.label_alt_id_2 
_pdbx_validate_close_contact.dist 
1 1 OE2 A GLU 14 ? B O A HOH 301 ? ? 2.02 
2 1 OE1 A GLU 14 ? B O A HOH 302 ? ? 2.03 
# 
loop_
_pdbx_validate_rmsd_angle.id 
_pdbx_validate_rmsd_angle.PDB_model_num 
_pdbx_validate_rmsd_angle.auth_atom_id_1 
_pdbx_validate_rmsd_angle.auth_asym_id_1 
_pdbx_validate_rmsd_angle.auth_comp_id_1 
_pdbx_validate_rmsd_angle.auth_seq_id_1 
_pdbx_validate_rmsd_angle.PDB_ins_code_1 
_pdbx_validate_rmsd_angle.label_alt_id_1 
_pdbx_validate_rmsd_angle.auth_atom_id_2 
_pdbx_validate_rmsd_angle.auth_asym_id_2 
_pdbx_validate_rmsd_angle.auth_comp_id_2 
_pdbx_validate_rmsd_angle.auth_seq_id_2 
_pdbx_validate_rmsd_angle.PDB_ins_code_2 
_pdbx_validate_rmsd_angle.label_alt_id_2 
_pdbx_validate_rmsd_angle.auth_atom_id_3 
_pdbx_validate_rmsd_angle.auth_asym_id_3 
_pdbx_validate_rmsd_angle.auth_comp_id_3 
_pdbx_validate_rmsd_angle.auth_seq_id_3 
_pdbx_validate_rmsd_angle.PDB_ins_code_3 
_pdbx_validate_rmsd_angle.label_alt_id_3 
_pdbx_validate_rmsd_angle.angle_value 
_pdbx_validate_rmsd_angle.angle_target_value 
_pdbx_validate_rmsd_angle.angle_deviation 
_pdbx_validate_rmsd_angle.angle_standard_deviation 
_pdbx_validate_rmsd_angle.linker_flag 
1 1 NE A ARG 78  ? ? CZ A ARG 78  ? ? NH2 A ARG 78  ? ? 116.15 120.30 -4.15 0.50 N 
2 1 CA A LEU 86  ? ? CB A LEU 86  ? ? CG  A LEU 86  ? ? 129.55 115.30 14.25 2.30 N 
3 1 NE A ARG 130 ? ? CZ A ARG 130 ? ? NH2 A ARG 130 ? ? 117.29 120.30 -3.01 0.50 N 
# 
loop_
_pdbx_validate_torsion.id 
_pdbx_validate_torsion.PDB_model_num 
_pdbx_validate_torsion.auth_comp_id 
_pdbx_validate_torsion.auth_asym_id 
_pdbx_validate_torsion.auth_seq_id 
_pdbx_validate_torsion.PDB_ins_code 
_pdbx_validate_torsion.label_alt_id 
_pdbx_validate_torsion.phi 
_pdbx_validate_torsion.psi 
1 1 ASP A 110 ? ? 54.36 -132.16 
2 1 LYS A 120 ? ? 51.55 -115.63 
# 
loop_
_pdbx_unobs_or_zero_occ_residues.id 
_pdbx_unobs_or_zero_occ_residues.PDB_model_num 
_pdbx_unobs_or_zero_occ_residues.polymer_flag 
_pdbx_unobs_or_zero_occ_residues.occupancy_flag 
_pdbx_unobs_or_zero_occ_residues.auth_asym_id 
_pdbx_unobs_or_zero_occ_residues.auth_comp_id 
_pdbx_unobs_or_zero_occ_residues.auth_seq_id 
_pdbx_unobs_or_zero_occ_residues.PDB_ins_code 
_pdbx_unobs_or_zero_occ_residues.label_asym_id 
_pdbx_unobs_or_zero_occ_residues.label_comp_id 
_pdbx_unobs_or_zero_occ_residues.label_seq_id 
1 1 Y 1 A GLY -3 ? A GLY 1  
2 1 Y 1 A SER -2 ? A SER 2  
3 1 Y 1 A PHE 57 ? A PHE 61 
# 
loop_
_chem_comp_atom.comp_id 
_chem_comp_atom.atom_id 
_chem_comp_atom.type_symbol 
_chem_comp_atom.pdbx_aromatic_flag 
_chem_comp_atom.pdbx_stereo_config 
_chem_comp_atom.pdbx_ordinal 
ALA N    N N N 1   
ALA CA   C N S 2   
ALA C    C N N 3   
ALA O    O N N 4   
ALA CB   C N N 5   
ALA OXT  O N N 6   
ALA H    H N N 7   
ALA H2   H N N 8   
ALA HA   H N N 9   
ALA HB1  H N N 10  
ALA HB2  H N N 11  
ALA HB3  H N N 12  
ALA HXT  H N N 13  
ARG N    N N N 14  
ARG CA   C N S 15  
ARG C    C N N 16  
ARG O    O N N 17  
ARG CB   C N N 18  
ARG CG   C N N 19  
ARG CD   C N N 20  
ARG NE   N N N 21  
ARG CZ   C N N 22  
ARG NH1  N N N 23  
ARG NH2  N N N 24  
ARG OXT  O N N 25  
ARG H    H N N 26  
ARG H2   H N N 27  
ARG HA   H N N 28  
ARG HB2  H N N 29  
ARG HB3  H N N 30  
ARG HG2  H N N 31  
ARG HG3  H N N 32  
ARG HD2  H N N 33  
ARG HD3  H N N 34  
ARG HE   H N N 35  
ARG HH11 H N N 36  
ARG HH12 H N N 37  
ARG HH21 H N N 38  
ARG HH22 H N N 39  
ARG HXT  H N N 40  
ASN N    N N N 41  
ASN CA   C N S 42  
ASN C    C N N 43  
ASN O    O N N 44  
ASN CB   C N N 45  
ASN CG   C N N 46  
ASN OD1  O N N 47  
ASN ND2  N N N 48  
ASN OXT  O N N 49  
ASN H    H N N 50  
ASN H2   H N N 51  
ASN HA   H N N 52  
ASN HB2  H N N 53  
ASN HB3  H N N 54  
ASN HD21 H N N 55  
ASN HD22 H N N 56  
ASN HXT  H N N 57  
ASP N    N N N 58  
ASP CA   C N S 59  
ASP C    C N N 60  
ASP O    O N N 61  
ASP CB   C N N 62  
ASP CG   C N N 63  
ASP OD1  O N N 64  
ASP OD2  O N N 65  
ASP OXT  O N N 66  
ASP H    H N N 67  
ASP H2   H N N 68  
ASP HA   H N N 69  
ASP HB2  H N N 70  
ASP HB3  H N N 71  
ASP HD2  H N N 72  
ASP HXT  H N N 73  
CYS N    N N N 74  
CYS CA   C N R 75  
CYS C    C N N 76  
CYS O    O N N 77  
CYS CB   C N N 78  
CYS SG   S N N 79  
CYS OXT  O N N 80  
CYS H    H N N 81  
CYS H2   H N N 82  
CYS HA   H N N 83  
CYS HB2  H N N 84  
CYS HB3  H N N 85  
CYS HG   H N N 86  
CYS HXT  H N N 87  
GLN N    N N N 88  
GLN CA   C N S 89  
GLN C    C N N 90  
GLN O    O N N 91  
GLN CB   C N N 92  
GLN CG   C N N 93  
GLN CD   C N N 94  
GLN OE1  O N N 95  
GLN NE2  N N N 96  
GLN OXT  O N N 97  
GLN H    H N N 98  
GLN H2   H N N 99  
GLN HA   H N N 100 
GLN HB2  H N N 101 
GLN HB3  H N N 102 
GLN HG2  H N N 103 
GLN HG3  H N N 104 
GLN HE21 H N N 105 
GLN HE22 H N N 106 
GLN HXT  H N N 107 
GLU N    N N N 108 
GLU CA   C N S 109 
GLU C    C N N 110 
GLU O    O N N 111 
GLU CB   C N N 112 
GLU CG   C N N 113 
GLU CD   C N N 114 
GLU OE1  O N N 115 
GLU OE2  O N N 116 
GLU OXT  O N N 117 
GLU H    H N N 118 
GLU H2   H N N 119 
GLU HA   H N N 120 
GLU HB2  H N N 121 
GLU HB3  H N N 122 
GLU HG2  H N N 123 
GLU HG3  H N N 124 
GLU HE2  H N N 125 
GLU HXT  H N N 126 
GLY N    N N N 127 
GLY CA   C N N 128 
GLY C    C N N 129 
GLY O    O N N 130 
GLY OXT  O N N 131 
GLY H    H N N 132 
GLY H2   H N N 133 
GLY HA2  H N N 134 
GLY HA3  H N N 135 
GLY HXT  H N N 136 
HIS N    N N N 137 
HIS CA   C N S 138 
HIS C    C N N 139 
HIS O    O N N 140 
HIS CB   C N N 141 
HIS CG   C Y N 142 
HIS ND1  N Y N 143 
HIS CD2  C Y N 144 
HIS CE1  C Y N 145 
HIS NE2  N Y N 146 
HIS OXT  O N N 147 
HIS H    H N N 148 
HIS H2   H N N 149 
HIS HA   H N N 150 
HIS HB2  H N N 151 
HIS HB3  H N N 152 
HIS HD1  H N N 153 
HIS HD2  H N N 154 
HIS HE1  H N N 155 
HIS HE2  H N N 156 
HIS HXT  H N N 157 
HOH O    O N N 158 
HOH H1   H N N 159 
HOH H2   H N N 160 
ILE N    N N N 161 
ILE CA   C N S 162 
ILE C    C N N 163 
ILE O    O N N 164 
ILE CB   C N S 165 
ILE CG1  C N N 166 
ILE CG2  C N N 167 
ILE CD1  C N N 168 
ILE OXT  O N N 169 
ILE H    H N N 170 
ILE H2   H N N 171 
ILE HA   H N N 172 
ILE HB   H N N 173 
ILE HG12 H N N 174 
ILE HG13 H N N 175 
ILE HG21 H N N 176 
ILE HG22 H N N 177 
ILE HG23 H N N 178 
ILE HD11 H N N 179 
ILE HD12 H N N 180 
ILE HD13 H N N 181 
ILE HXT  H N N 182 
LEU N    N N N 183 
LEU CA   C N S 184 
LEU C    C N N 185 
LEU O    O N N 186 
LEU CB   C N N 187 
LEU CG   C N N 188 
LEU CD1  C N N 189 
LEU CD2  C N N 190 
LEU OXT  O N N 191 
LEU H    H N N 192 
LEU H2   H N N 193 
LEU HA   H N N 194 
LEU HB2  H N N 195 
LEU HB3  H N N 196 
LEU HG   H N N 197 
LEU HD11 H N N 198 
LEU HD12 H N N 199 
LEU HD13 H N N 200 
LEU HD21 H N N 201 
LEU HD22 H N N 202 
LEU HD23 H N N 203 
LEU HXT  H N N 204 
LYS N    N N N 205 
LYS CA   C N S 206 
LYS C    C N N 207 
LYS O    O N N 208 
LYS CB   C N N 209 
LYS CG   C N N 210 
LYS CD   C N N 211 
LYS CE   C N N 212 
LYS NZ   N N N 213 
LYS OXT  O N N 214 
LYS H    H N N 215 
LYS H2   H N N 216 
LYS HA   H N N 217 
LYS HB2  H N N 218 
LYS HB3  H N N 219 
LYS HG2  H N N 220 
LYS HG3  H N N 221 
LYS HD2  H N N 222 
LYS HD3  H N N 223 
LYS HE2  H N N 224 
LYS HE3  H N N 225 
LYS HZ1  H N N 226 
LYS HZ2  H N N 227 
LYS HZ3  H N N 228 
LYS HXT  H N N 229 
MET N    N N N 230 
MET CA   C N S 231 
MET C    C N N 232 
MET O    O N N 233 
MET CB   C N N 234 
MET CG   C N N 235 
MET SD   S N N 236 
MET CE   C N N 237 
MET OXT  O N N 238 
MET H    H N N 239 
MET H2   H N N 240 
MET HA   H N N 241 
MET HB2  H N N 242 
MET HB3  H N N 243 
MET HG2  H N N 244 
MET HG3  H N N 245 
MET HE1  H N N 246 
MET HE2  H N N 247 
MET HE3  H N N 248 
MET HXT  H N N 249 
PHE N    N N N 250 
PHE CA   C N S 251 
PHE C    C N N 252 
PHE O    O N N 253 
PHE CB   C N N 254 
PHE CG   C Y N 255 
PHE CD1  C Y N 256 
PHE CD2  C Y N 257 
PHE CE1  C Y N 258 
PHE CE2  C Y N 259 
PHE CZ   C Y N 260 
PHE OXT  O N N 261 
PHE H    H N N 262 
PHE H2   H N N 263 
PHE HA   H N N 264 
PHE HB2  H N N 265 
PHE HB3  H N N 266 
PHE HD1  H N N 267 
PHE HD2  H N N 268 
PHE HE1  H N N 269 
PHE HE2  H N N 270 
PHE HZ   H N N 271 
PHE HXT  H N N 272 
PRO N    N N N 273 
PRO CA   C N S 274 
PRO C    C N N 275 
PRO O    O N N 276 
PRO CB   C N N 277 
PRO CG   C N N 278 
PRO CD   C N N 279 
PRO OXT  O N N 280 
PRO H    H N N 281 
PRO HA   H N N 282 
PRO HB2  H N N 283 
PRO HB3  H N N 284 
PRO HG2  H N N 285 
PRO HG3  H N N 286 
PRO HD2  H N N 287 
PRO HD3  H N N 288 
PRO HXT  H N N 289 
SER N    N N N 290 
SER CA   C N S 291 
SER C    C N N 292 
SER O    O N N 293 
SER CB   C N N 294 
SER OG   O N N 295 
SER OXT  O N N 296 
SER H    H N N 297 
SER H2   H N N 298 
SER HA   H N N 299 
SER HB2  H N N 300 
SER HB3  H N N 301 
SER HG   H N N 302 
SER HXT  H N N 303 
SO4 S    S N N 304 
SO4 O1   O N N 305 
SO4 O2   O N N 306 
SO4 O3   O N N 307 
SO4 O4   O N N 308 
THR N    N N N 309 
THR CA   C N S 310 
THR C    C N N 311 
THR O    O N N 312 
THR CB   C N R 313 
THR OG1  O N N 314 
THR CG2  C N N 315 
THR OXT  O N N 316 
THR H    H N N 317 
THR H2   H N N 318 
THR HA   H N N 319 
THR HB   H N N 320 
THR HG1  H N N 321 
THR HG21 H N N 322 
THR HG22 H N N 323 
THR HG23 H N N 324 
THR HXT  H N N 325 
TRP N    N N N 326 
TRP CA   C N S 327 
TRP C    C N N 328 
TRP O    O N N 329 
TRP CB   C N N 330 
TRP CG   C Y N 331 
TRP CD1  C Y N 332 
TRP CD2  C Y N 333 
TRP NE1  N Y N 334 
TRP CE2  C Y N 335 
TRP CE3  C Y N 336 
TRP CZ2  C Y N 337 
TRP CZ3  C Y N 338 
TRP CH2  C Y N 339 
TRP OXT  O N N 340 
TRP H    H N N 341 
TRP H2   H N N 342 
TRP HA   H N N 343 
TRP HB2  H N N 344 
TRP HB3  H N N 345 
TRP HD1  H N N 346 
TRP HE1  H N N 347 
TRP HE3  H N N 348 
TRP HZ2  H N N 349 
TRP HZ3  H N N 350 
TRP HH2  H N N 351 
TRP HXT  H N N 352 
TYR N    N N N 353 
TYR CA   C N S 354 
TYR C    C N N 355 
TYR O    O N N 356 
TYR CB   C N N 357 
TYR CG   C Y N 358 
TYR CD1  C Y N 359 
TYR CD2  C Y N 360 
TYR CE1  C Y N 361 
TYR CE2  C Y N 362 
TYR CZ   C Y N 363 
TYR OH   O N N 364 
TYR OXT  O N N 365 
TYR H    H N N 366 
TYR H2   H N N 367 
TYR HA   H N N 368 
TYR HB2  H N N 369 
TYR HB3  H N N 370 
TYR HD1  H N N 371 
TYR HD2  H N N 372 
TYR HE1  H N N 373 
TYR HE2  H N N 374 
TYR HH   H N N 375 
TYR HXT  H N N 376 
VAL N    N N N 377 
VAL CA   C N S 378 
VAL C    C N N 379 
VAL O    O N N 380 
VAL CB   C N N 381 
VAL CG1  C N N 382 
VAL CG2  C N N 383 
VAL OXT  O N N 384 
VAL H    H N N 385 
VAL H2   H N N 386 
VAL HA   H N N 387 
VAL HB   H N N 388 
VAL HG11 H N N 389 
VAL HG12 H N N 390 
VAL HG13 H N N 391 
VAL HG21 H N N 392 
VAL HG22 H N N 393 
VAL HG23 H N N 394 
VAL HXT  H N N 395 
WE6 C10  C Y N 396 
WE6 O14  O Y N 397 
WE6 C15  C N N 398 
WE6 C17  C N N 399 
WE6 C20  C N S 400 
WE6 C21  C N N 401 
WE6 C22  C N N 402 
WE6 C23  C N N 403 
WE6 C24  C N N 404 
WE6 C27  C N N 405 
WE6 C28  C N N 406 
WE6 C1   C N N 407 
WE6 C2   C N N 408 
WE6 C3   C N N 409 
WE6 C4   C N N 410 
WE6 S5   S Y N 411 
WE6 C6   C Y N 412 
WE6 C7   C Y N 413 
WE6 C8   C Y N 414 
WE6 C9   C Y N 415 
WE6 N11  N Y N 416 
WE6 C12  C Y N 417 
WE6 N13  N Y N 418 
WE6 N16  N N N 419 
WE6 N18  N N N 420 
WE6 O19  O N N 421 
WE6 O25  O N N 422 
WE6 O26  O N N 423 
WE6 H37  H N N 424 
WE6 H39  H N N 425 
WE6 H40  H N N 426 
WE6 H41  H N N 427 
WE6 H43  H N N 428 
WE6 H42  H N N 429 
WE6 H45  H N N 430 
WE6 H44  H N N 431 
WE6 H47  H N N 432 
WE6 H48  H N N 433 
WE6 H50  H N N 434 
WE6 H49  H N N 435 
WE6 H29  H N N 436 
WE6 H30  H N N 437 
WE6 H31  H N N 438 
WE6 H32  H N N 439 
WE6 H33  H N N 440 
WE6 H34  H N N 441 
WE6 H35  H N N 442 
WE6 H36  H N N 443 
WE6 H38  H N N 444 
WE6 H1   H N N 445 
# 
loop_
_chem_comp_bond.comp_id 
_chem_comp_bond.atom_id_1 
_chem_comp_bond.atom_id_2 
_chem_comp_bond.value_order 
_chem_comp_bond.pdbx_aromatic_flag 
_chem_comp_bond.pdbx_stereo_config 
_chem_comp_bond.pdbx_ordinal 
ALA N   CA   sing N N 1   
ALA N   H    sing N N 2   
ALA N   H2   sing N N 3   
ALA CA  C    sing N N 4   
ALA CA  CB   sing N N 5   
ALA CA  HA   sing N N 6   
ALA C   O    doub N N 7   
ALA C   OXT  sing N N 8   
ALA CB  HB1  sing N N 9   
ALA CB  HB2  sing N N 10  
ALA CB  HB3  sing N N 11  
ALA OXT HXT  sing N N 12  
ARG N   CA   sing N N 13  
ARG N   H    sing N N 14  
ARG N   H2   sing N N 15  
ARG CA  C    sing N N 16  
ARG CA  CB   sing N N 17  
ARG CA  HA   sing N N 18  
ARG C   O    doub N N 19  
ARG C   OXT  sing N N 20  
ARG CB  CG   sing N N 21  
ARG CB  HB2  sing N N 22  
ARG CB  HB3  sing N N 23  
ARG CG  CD   sing N N 24  
ARG CG  HG2  sing N N 25  
ARG CG  HG3  sing N N 26  
ARG CD  NE   sing N N 27  
ARG CD  HD2  sing N N 28  
ARG CD  HD3  sing N N 29  
ARG NE  CZ   sing N N 30  
ARG NE  HE   sing N N 31  
ARG CZ  NH1  sing N N 32  
ARG CZ  NH2  doub N N 33  
ARG NH1 HH11 sing N N 34  
ARG NH1 HH12 sing N N 35  
ARG NH2 HH21 sing N N 36  
ARG NH2 HH22 sing N N 37  
ARG OXT HXT  sing N N 38  
ASN N   CA   sing N N 39  
ASN N   H    sing N N 40  
ASN N   H2   sing N N 41  
ASN CA  C    sing N N 42  
ASN CA  CB   sing N N 43  
ASN CA  HA   sing N N 44  
ASN C   O    doub N N 45  
ASN C   OXT  sing N N 46  
ASN CB  CG   sing N N 47  
ASN CB  HB2  sing N N 48  
ASN CB  HB3  sing N N 49  
ASN CG  OD1  doub N N 50  
ASN CG  ND2  sing N N 51  
ASN ND2 HD21 sing N N 52  
ASN ND2 HD22 sing N N 53  
ASN OXT HXT  sing N N 54  
ASP N   CA   sing N N 55  
ASP N   H    sing N N 56  
ASP N   H2   sing N N 57  
ASP CA  C    sing N N 58  
ASP CA  CB   sing N N 59  
ASP CA  HA   sing N N 60  
ASP C   O    doub N N 61  
ASP C   OXT  sing N N 62  
ASP CB  CG   sing N N 63  
ASP CB  HB2  sing N N 64  
ASP CB  HB3  sing N N 65  
ASP CG  OD1  doub N N 66  
ASP CG  OD2  sing N N 67  
ASP OD2 HD2  sing N N 68  
ASP OXT HXT  sing N N 69  
CYS N   CA   sing N N 70  
CYS N   H    sing N N 71  
CYS N   H2   sing N N 72  
CYS CA  C    sing N N 73  
CYS CA  CB   sing N N 74  
CYS CA  HA   sing N N 75  
CYS C   O    doub N N 76  
CYS C   OXT  sing N N 77  
CYS CB  SG   sing N N 78  
CYS CB  HB2  sing N N 79  
CYS CB  HB3  sing N N 80  
CYS SG  HG   sing N N 81  
CYS OXT HXT  sing N N 82  
GLN N   CA   sing N N 83  
GLN N   H    sing N N 84  
GLN N   H2   sing N N 85  
GLN CA  C    sing N N 86  
GLN CA  CB   sing N N 87  
GLN CA  HA   sing N N 88  
GLN C   O    doub N N 89  
GLN C   OXT  sing N N 90  
GLN CB  CG   sing N N 91  
GLN CB  HB2  sing N N 92  
GLN CB  HB3  sing N N 93  
GLN CG  CD   sing N N 94  
GLN CG  HG2  sing N N 95  
GLN CG  HG3  sing N N 96  
GLN CD  OE1  doub N N 97  
GLN CD  NE2  sing N N 98  
GLN NE2 HE21 sing N N 99  
GLN NE2 HE22 sing N N 100 
GLN OXT HXT  sing N N 101 
GLU N   CA   sing N N 102 
GLU N   H    sing N N 103 
GLU N   H2   sing N N 104 
GLU CA  C    sing N N 105 
GLU CA  CB   sing N N 106 
GLU CA  HA   sing N N 107 
GLU C   O    doub N N 108 
GLU C   OXT  sing N N 109 
GLU CB  CG   sing N N 110 
GLU CB  HB2  sing N N 111 
GLU CB  HB3  sing N N 112 
GLU CG  CD   sing N N 113 
GLU CG  HG2  sing N N 114 
GLU CG  HG3  sing N N 115 
GLU CD  OE1  doub N N 116 
GLU CD  OE2  sing N N 117 
GLU OE2 HE2  sing N N 118 
GLU OXT HXT  sing N N 119 
GLY N   CA   sing N N 120 
GLY N   H    sing N N 121 
GLY N   H2   sing N N 122 
GLY CA  C    sing N N 123 
GLY CA  HA2  sing N N 124 
GLY CA  HA3  sing N N 125 
GLY C   O    doub N N 126 
GLY C   OXT  sing N N 127 
GLY OXT HXT  sing N N 128 
HIS N   CA   sing N N 129 
HIS N   H    sing N N 130 
HIS N   H2   sing N N 131 
HIS CA  C    sing N N 132 
HIS CA  CB   sing N N 133 
HIS CA  HA   sing N N 134 
HIS C   O    doub N N 135 
HIS C   OXT  sing N N 136 
HIS CB  CG   sing N N 137 
HIS CB  HB2  sing N N 138 
HIS CB  HB3  sing N N 139 
HIS CG  ND1  sing Y N 140 
HIS CG  CD2  doub Y N 141 
HIS ND1 CE1  doub Y N 142 
HIS ND1 HD1  sing N N 143 
HIS CD2 NE2  sing Y N 144 
HIS CD2 HD2  sing N N 145 
HIS CE1 NE2  sing Y N 146 
HIS CE1 HE1  sing N N 147 
HIS NE2 HE2  sing N N 148 
HIS OXT HXT  sing N N 149 
HOH O   H1   sing N N 150 
HOH O   H2   sing N N 151 
ILE N   CA   sing N N 152 
ILE N   H    sing N N 153 
ILE N   H2   sing N N 154 
ILE CA  C    sing N N 155 
ILE CA  CB   sing N N 156 
ILE CA  HA   sing N N 157 
ILE C   O    doub N N 158 
ILE C   OXT  sing N N 159 
ILE CB  CG1  sing N N 160 
ILE CB  CG2  sing N N 161 
ILE CB  HB   sing N N 162 
ILE CG1 CD1  sing N N 163 
ILE CG1 HG12 sing N N 164 
ILE CG1 HG13 sing N N 165 
ILE CG2 HG21 sing N N 166 
ILE CG2 HG22 sing N N 167 
ILE CG2 HG23 sing N N 168 
ILE CD1 HD11 sing N N 169 
ILE CD1 HD12 sing N N 170 
ILE CD1 HD13 sing N N 171 
ILE OXT HXT  sing N N 172 
LEU N   CA   sing N N 173 
LEU N   H    sing N N 174 
LEU N   H2   sing N N 175 
LEU CA  C    sing N N 176 
LEU CA  CB   sing N N 177 
LEU CA  HA   sing N N 178 
LEU C   O    doub N N 179 
LEU C   OXT  sing N N 180 
LEU CB  CG   sing N N 181 
LEU CB  HB2  sing N N 182 
LEU CB  HB3  sing N N 183 
LEU CG  CD1  sing N N 184 
LEU CG  CD2  sing N N 185 
LEU CG  HG   sing N N 186 
LEU CD1 HD11 sing N N 187 
LEU CD1 HD12 sing N N 188 
LEU CD1 HD13 sing N N 189 
LEU CD2 HD21 sing N N 190 
LEU CD2 HD22 sing N N 191 
LEU CD2 HD23 sing N N 192 
LEU OXT HXT  sing N N 193 
LYS N   CA   sing N N 194 
LYS N   H    sing N N 195 
LYS N   H2   sing N N 196 
LYS CA  C    sing N N 197 
LYS CA  CB   sing N N 198 
LYS CA  HA   sing N N 199 
LYS C   O    doub N N 200 
LYS C   OXT  sing N N 201 
LYS CB  CG   sing N N 202 
LYS CB  HB2  sing N N 203 
LYS CB  HB3  sing N N 204 
LYS CG  CD   sing N N 205 
LYS CG  HG2  sing N N 206 
LYS CG  HG3  sing N N 207 
LYS CD  CE   sing N N 208 
LYS CD  HD2  sing N N 209 
LYS CD  HD3  sing N N 210 
LYS CE  NZ   sing N N 211 
LYS CE  HE2  sing N N 212 
LYS CE  HE3  sing N N 213 
LYS NZ  HZ1  sing N N 214 
LYS NZ  HZ2  sing N N 215 
LYS NZ  HZ3  sing N N 216 
LYS OXT HXT  sing N N 217 
MET N   CA   sing N N 218 
MET N   H    sing N N 219 
MET N   H2   sing N N 220 
MET CA  C    sing N N 221 
MET CA  CB   sing N N 222 
MET CA  HA   sing N N 223 
MET C   O    doub N N 224 
MET C   OXT  sing N N 225 
MET CB  CG   sing N N 226 
MET CB  HB2  sing N N 227 
MET CB  HB3  sing N N 228 
MET CG  SD   sing N N 229 
MET CG  HG2  sing N N 230 
MET CG  HG3  sing N N 231 
MET SD  CE   sing N N 232 
MET CE  HE1  sing N N 233 
MET CE  HE2  sing N N 234 
MET CE  HE3  sing N N 235 
MET OXT HXT  sing N N 236 
PHE N   CA   sing N N 237 
PHE N   H    sing N N 238 
PHE N   H2   sing N N 239 
PHE CA  C    sing N N 240 
PHE CA  CB   sing N N 241 
PHE CA  HA   sing N N 242 
PHE C   O    doub N N 243 
PHE C   OXT  sing N N 244 
PHE CB  CG   sing N N 245 
PHE CB  HB2  sing N N 246 
PHE CB  HB3  sing N N 247 
PHE CG  CD1  doub Y N 248 
PHE CG  CD2  sing Y N 249 
PHE CD1 CE1  sing Y N 250 
PHE CD1 HD1  sing N N 251 
PHE CD2 CE2  doub Y N 252 
PHE CD2 HD2  sing N N 253 
PHE CE1 CZ   doub Y N 254 
PHE CE1 HE1  sing N N 255 
PHE CE2 CZ   sing Y N 256 
PHE CE2 HE2  sing N N 257 
PHE CZ  HZ   sing N N 258 
PHE OXT HXT  sing N N 259 
PRO N   CA   sing N N 260 
PRO N   CD   sing N N 261 
PRO N   H    sing N N 262 
PRO CA  C    sing N N 263 
PRO CA  CB   sing N N 264 
PRO CA  HA   sing N N 265 
PRO C   O    doub N N 266 
PRO C   OXT  sing N N 267 
PRO CB  CG   sing N N 268 
PRO CB  HB2  sing N N 269 
PRO CB  HB3  sing N N 270 
PRO CG  CD   sing N N 271 
PRO CG  HG2  sing N N 272 
PRO CG  HG3  sing N N 273 
PRO CD  HD2  sing N N 274 
PRO CD  HD3  sing N N 275 
PRO OXT HXT  sing N N 276 
SER N   CA   sing N N 277 
SER N   H    sing N N 278 
SER N   H2   sing N N 279 
SER CA  C    sing N N 280 
SER CA  CB   sing N N 281 
SER CA  HA   sing N N 282 
SER C   O    doub N N 283 
SER C   OXT  sing N N 284 
SER CB  OG   sing N N 285 
SER CB  HB2  sing N N 286 
SER CB  HB3  sing N N 287 
SER OG  HG   sing N N 288 
SER OXT HXT  sing N N 289 
SO4 S   O1   doub N N 290 
SO4 S   O2   doub N N 291 
SO4 S   O3   sing N N 292 
SO4 S   O4   sing N N 293 
THR N   CA   sing N N 294 
THR N   H    sing N N 295 
THR N   H2   sing N N 296 
THR CA  C    sing N N 297 
THR CA  CB   sing N N 298 
THR CA  HA   sing N N 299 
THR C   O    doub N N 300 
THR C   OXT  sing N N 301 
THR CB  OG1  sing N N 302 
THR CB  CG2  sing N N 303 
THR CB  HB   sing N N 304 
THR OG1 HG1  sing N N 305 
THR CG2 HG21 sing N N 306 
THR CG2 HG22 sing N N 307 
THR CG2 HG23 sing N N 308 
THR OXT HXT  sing N N 309 
TRP N   CA   sing N N 310 
TRP N   H    sing N N 311 
TRP N   H2   sing N N 312 
TRP CA  C    sing N N 313 
TRP CA  CB   sing N N 314 
TRP CA  HA   sing N N 315 
TRP C   O    doub N N 316 
TRP C   OXT  sing N N 317 
TRP CB  CG   sing N N 318 
TRP CB  HB2  sing N N 319 
TRP CB  HB3  sing N N 320 
TRP CG  CD1  doub Y N 321 
TRP CG  CD2  sing Y N 322 
TRP CD1 NE1  sing Y N 323 
TRP CD1 HD1  sing N N 324 
TRP CD2 CE2  doub Y N 325 
TRP CD2 CE3  sing Y N 326 
TRP NE1 CE2  sing Y N 327 
TRP NE1 HE1  sing N N 328 
TRP CE2 CZ2  sing Y N 329 
TRP CE3 CZ3  doub Y N 330 
TRP CE3 HE3  sing N N 331 
TRP CZ2 CH2  doub Y N 332 
TRP CZ2 HZ2  sing N N 333 
TRP CZ3 CH2  sing Y N 334 
TRP CZ3 HZ3  sing N N 335 
TRP CH2 HH2  sing N N 336 
TRP OXT HXT  sing N N 337 
TYR N   CA   sing N N 338 
TYR N   H    sing N N 339 
TYR N   H2   sing N N 340 
TYR CA  C    sing N N 341 
TYR CA  CB   sing N N 342 
TYR CA  HA   sing N N 343 
TYR C   O    doub N N 344 
TYR C   OXT  sing N N 345 
TYR CB  CG   sing N N 346 
TYR CB  HB2  sing N N 347 
TYR CB  HB3  sing N N 348 
TYR CG  CD1  doub Y N 349 
TYR CG  CD2  sing Y N 350 
TYR CD1 CE1  sing Y N 351 
TYR CD1 HD1  sing N N 352 
TYR CD2 CE2  doub Y N 353 
TYR CD2 HD2  sing N N 354 
TYR CE1 CZ   doub Y N 355 
TYR CE1 HE1  sing N N 356 
TYR CE2 CZ   sing Y N 357 
TYR CE2 HE2  sing N N 358 
TYR CZ  OH   sing N N 359 
TYR OH  HH   sing N N 360 
TYR OXT HXT  sing N N 361 
VAL N   CA   sing N N 362 
VAL N   H    sing N N 363 
VAL N   H2   sing N N 364 
VAL CA  C    sing N N 365 
VAL CA  CB   sing N N 366 
VAL CA  HA   sing N N 367 
VAL C   O    doub N N 368 
VAL C   OXT  sing N N 369 
VAL CB  CG1  sing N N 370 
VAL CB  CG2  sing N N 371 
VAL CB  HB   sing N N 372 
VAL CG1 HG11 sing N N 373 
VAL CG1 HG12 sing N N 374 
VAL CG1 HG13 sing N N 375 
VAL CG2 HG21 sing N N 376 
VAL CG2 HG22 sing N N 377 
VAL CG2 HG23 sing N N 378 
VAL OXT HXT  sing N N 379 
WE6 C1  C2   sing N N 380 
WE6 C2  C3   sing N N 381 
WE6 C1  C4   sing N N 382 
WE6 S5  C6   sing Y N 383 
WE6 C6  C7   doub Y N 384 
WE6 C4  C8   sing N N 385 
WE6 C7  C8   sing Y N 386 
WE6 C3  C9   sing N N 387 
WE6 S5  C9   sing Y N 388 
WE6 C8  C9   doub Y N 389 
WE6 C7  C10  sing N N 390 
WE6 C10 N11  doub Y N 391 
WE6 N11 C12  sing Y N 392 
WE6 C12 N13  doub Y N 393 
WE6 C10 O14  sing Y N 394 
WE6 N13 O14  sing Y N 395 
WE6 C12 C15  sing N N 396 
WE6 C6  N16  sing N N 397 
WE6 N16 C17  sing N N 398 
WE6 C17 N18  sing N N 399 
WE6 C17 O19  doub N N 400 
WE6 N18 C20  sing N N 401 
WE6 C20 C21  sing N N 402 
WE6 C21 C22  sing N N 403 
WE6 N18 C23  sing N N 404 
WE6 C22 C23  sing N N 405 
WE6 C20 C24  sing N N 406 
WE6 C24 O25  doub N N 407 
WE6 C24 O26  sing N N 408 
WE6 C15 C27  sing N N 409 
WE6 C15 C28  sing N N 410 
WE6 C27 C28  sing N N 411 
WE6 C15 H37  sing N N 412 
WE6 C20 H39  sing N N 413 
WE6 C21 H40  sing N N 414 
WE6 C21 H41  sing N N 415 
WE6 C22 H43  sing N N 416 
WE6 C22 H42  sing N N 417 
WE6 C23 H45  sing N N 418 
WE6 C23 H44  sing N N 419 
WE6 C27 H47  sing N N 420 
WE6 C27 H48  sing N N 421 
WE6 C28 H50  sing N N 422 
WE6 C28 H49  sing N N 423 
WE6 C1  H29  sing N N 424 
WE6 C1  H30  sing N N 425 
WE6 C2  H31  sing N N 426 
WE6 C2  H32  sing N N 427 
WE6 C3  H33  sing N N 428 
WE6 C3  H34  sing N N 429 
WE6 C4  H35  sing N N 430 
WE6 C4  H36  sing N N 431 
WE6 N16 H38  sing N N 432 
WE6 O26 H1   sing N N 433 
# 
_pdbx_audit_support.ordinal                1 
_pdbx_audit_support.funding_organization   'F. Hoffmann-La Roche LTD' 
_pdbx_audit_support.grant_number           ? 
_pdbx_audit_support.country                Switzerland 
# 
_pdbx_deposit_group.group_id            G_1002264 
_pdbx_deposit_group.group_description   'A set of fabp crystal structures' 
_pdbx_deposit_group.group_title         'To be published' 
_pdbx_deposit_group.group_type          undefined 
# 
_pdbx_initial_refinement_model.accession_code   ? 
_pdbx_initial_refinement_model.id               1 
_pdbx_initial_refinement_model.entity_id_list   ? 
_pdbx_initial_refinement_model.type             other 
_pdbx_initial_refinement_model.source_name      ? 
_pdbx_initial_refinement_model.details          'inhouse model' 
# 
_atom_sites.entry_id                    7FZ5 
_atom_sites.fract_transf_matrix[1][1]   0.01259941 
_atom_sites.fract_transf_matrix[1][2]   -0.01306269 
_atom_sites.fract_transf_matrix[1][3]   0.02476108 
_atom_sites.fract_transf_matrix[2][1]   -0.00711769 
_atom_sites.fract_transf_matrix[2][2]   0.01330911 
_atom_sites.fract_transf_matrix[2][3]   0.01064298 
_atom_sites.fract_transf_matrix[3][1]   -0.01102245 
_atom_sites.fract_transf_matrix[3][2]   -0.00730018 
_atom_sites.fract_transf_matrix[3][3]   0.00175745 
_atom_sites.fract_transf_vector[1]      0.245332 
_atom_sites.fract_transf_vector[2]      0.177228 
_atom_sites.fract_transf_vector[3]      0.199423 
# 
loop_
_atom_type.symbol 
C 
N 
O 
S 
# 
loop_
_atom_site.group_PDB 
_atom_site.id 
_atom_site.type_symbol 
_atom_site.label_atom_id 
_atom_site.label_alt_id 
_atom_site.label_comp_id 
_atom_site.label_asym_id 
_atom_site.label_entity_id 
_atom_site.label_seq_id 
_atom_site.pdbx_PDB_ins_code 
_atom_site.Cartn_x 
_atom_site.Cartn_y 
_atom_site.Cartn_z 
_atom_site.occupancy 
_atom_site.B_iso_or_equiv 
_atom_site.pdbx_formal_charge 
_atom_site.auth_seq_id 
_atom_site.auth_comp_id 
_atom_site.auth_asym_id 
_atom_site.auth_atom_id 
_atom_site.pdbx_PDB_model_num 
ATOM   1    N N   . HIS A 1 3   ? 12.051  17.028  4.756   1.00 42.47 ? -1  HIS A N   1 
ATOM   2    C CA  . HIS A 1 3   ? 12.845  15.889  4.153   1.00 38.57 ? -1  HIS A CA  1 
ATOM   3    C C   . HIS A 1 3   ? 12.377  14.568  4.640   1.00 47.38 ? -1  HIS A C   1 
ATOM   4    O O   . HIS A 1 3   ? 13.038  13.505  4.460   1.00 39.57 ? -1  HIS A O   1 
ATOM   5    C CB  . HIS A 1 3   ? 14.308  16.065  4.439   1.00 40.27 ? -1  HIS A CB  1 
ATOM   6    C CG  . HIS A 1 3   ? 14.870  17.274  3.788   1.00 40.64 ? -1  HIS A CG  1 
ATOM   7    N ND1 . HIS A 1 3   ? 15.708  17.202  2.747   1.00 47.30 ? -1  HIS A ND1 1 
ATOM   8    C CD2 . HIS A 1 3   ? 14.629  18.629  4.019   1.00 46.69 ? -1  HIS A CD2 1 
ATOM   9    C CE1 . HIS A 1 3   ? 16.022  18.451  2.348   1.00 47.55 ? -1  HIS A CE1 1 
ATOM   10   N NE2 . HIS A 1 3   ? 15.358  19.320  3.129   1.00 43.05 ? -1  HIS A NE2 1 
ATOM   11   N N   . MET A 1 4   ? 11.204  14.637  5.257   1.00 48.89 ? 0   MET A N   1 
ATOM   12   C CA  . MET A 1 4   ? 10.467  13.462  5.645   1.00 50.32 ? 0   MET A CA  1 
ATOM   13   C C   . MET A 1 4   ? 9.982   12.744  4.383   1.00 46.33 ? 0   MET A C   1 
ATOM   14   O O   . MET A 1 4   ? 9.250   13.273  3.499   1.00 47.15 ? 0   MET A O   1 
ATOM   15   C CB  . MET A 1 4   ? 9.311   13.786  6.591   1.00 51.91 ? 0   MET A CB  1 
ATOM   16   C CG  . MET A 1 4   ? 8.278   14.740  6.032   1.00 50.33 ? 0   MET A CG  1 
ATOM   17   S SD  . MET A 1 4   ? 6.744   14.507  6.920   1.00 61.19 ? 0   MET A SD  1 
ATOM   18   C CE  . MET A 1 4   ? 5.654   14.659  5.531   1.00 30.18 ? 0   MET A CE  1 
ATOM   19   N N   . CYS A 1 5   ? 10.470  11.529  4.313   1.00 32.40 ? 1   CYS A N   1 
ATOM   20   C CA  . CYS A 1 5   ? 10.106  10.586  3.293   1.00 24.03 ? 1   CYS A CA  1 
ATOM   21   C C   . CYS A 1 5   ? 10.789  10.806  1.955   1.00 18.24 ? 1   CYS A C   1 
ATOM   22   O O   . CYS A 1 5   ? 10.301  10.309  0.952   1.00 19.32 ? 1   CYS A O   1 
ATOM   23   C CB  . CYS A 1 5   ? 8.575   10.503  3.089   1.00 32.16 ? 1   CYS A CB  1 
ATOM   24   S SG  . CYS A 1 5   ? 7.709   9.915   4.537   1.00 42.92 ? 1   CYS A SG  1 
ATOM   25   N N   . ASP A 1 6   ? 11.946  11.496  1.901   1.00 16.37 ? 2   ASP A N   1 
ATOM   26   C CA  . ASP A 1 6   ? 12.538  11.884  0.607   1.00 19.60 ? 2   ASP A CA  1 
ATOM   27   C C   . ASP A 1 6   ? 12.831  10.654  -0.218  1.00 18.38 ? 2   ASP A C   1 
ATOM   28   O O   . ASP A 1 6   ? 12.643  10.698  -1.424  1.00 20.74 ? 2   ASP A O   1 
ATOM   29   C CB  . ASP A 1 6   ? 13.863  12.646  0.774   1.00 22.33 ? 2   ASP A CB  1 
ATOM   30   C CG  . ASP A 1 6   ? 13.679  14.107  1.102   1.00 28.77 ? 2   ASP A CG  1 
ATOM   31   O OD1 . ASP A 1 6   ? 12.530  14.612  1.037   1.00 29.57 ? 2   ASP A OD1 1 
ATOM   32   O OD2 . ASP A 1 6   ? 14.718  14.741  1.426   1.00 32.93 ? 2   ASP A OD2 1 
ATOM   33   N N   . ALA A 1 7   ? 13.353  9.599   0.427   1.00 18.35 ? 3   ALA A N   1 
ATOM   34   C CA  . ALA A 1 7   ? 13.742  8.366   -0.275  1.00 20.01 ? 3   ALA A CA  1 
ATOM   35   C C   . ALA A 1 7   ? 12.562  7.599   -0.876  1.00 14.77 ? 3   ALA A C   1 
ATOM   36   O O   . ALA A 1 7   ? 12.765  6.711   -1.703  1.00 18.22 ? 3   ALA A O   1 
ATOM   37   C CB  . ALA A 1 7   ? 14.515  7.442   0.636   1.00 24.20 ? 3   ALA A CB  1 
ATOM   38   N N   . PHE A 1 8   ? 11.348  7.929   -0.442  1.00 14.39 ? 4   PHE A N   1 
ATOM   39   C CA  . PHE A 1 8   ? 10.120  7.341   -1.015  1.00 12.39 ? 4   PHE A CA  1 
ATOM   40   C C   . PHE A 1 8   ? 9.572   8.096   -2.210  1.00 12.83 ? 4   PHE A C   1 
ATOM   41   O O   . PHE A 1 8   ? 8.826   7.542   -3.012  1.00 13.16 ? 4   PHE A O   1 
ATOM   42   C CB  . PHE A 1 8   ? 9.011   7.298   0.028   1.00 13.98 ? 4   PHE A CB  1 
ATOM   43   C CG  . PHE A 1 8   ? 9.273   6.324   1.160   1.00 14.22 ? 4   PHE A CG  1 
ATOM   44   C CD1 . PHE A 1 8   ? 8.992   4.989   1.002   1.00 16.57 ? 4   PHE A CD1 1 
ATOM   45   C CD2 . PHE A 1 8   ? 9.811   6.717   2.377   1.00 16.16 ? 4   PHE A CD2 1 
ATOM   46   C CE1 . PHE A 1 8   ? 9.201   4.087   2.023   1.00 16.93 ? 4   PHE A CE1 1 
ATOM   47   C CE2 . PHE A 1 8   ? 10.022  5.805   3.397   1.00 16.26 ? 4   PHE A CE2 1 
ATOM   48   C CZ  . PHE A 1 8   ? 9.729   4.496   3.214   1.00 16.26 ? 4   PHE A CZ  1 
ATOM   49   N N   . VAL A 1 9   ? 9.868   9.375   -2.312  1.00 12.82 ? 5   VAL A N   1 
ATOM   50   C CA  . VAL A 1 9   ? 9.225   10.200  -3.290  1.00 12.51 ? 5   VAL A CA  1 
ATOM   51   C C   . VAL A 1 9   ? 9.598   9.775   -4.709  1.00 12.10 ? 5   VAL A C   1 
ATOM   52   O O   . VAL A 1 9   ? 10.758  9.483   -4.985  1.00 15.14 ? 5   VAL A O   1 
ATOM   53   C CB  . VAL A 1 9   ? 9.534   11.711  -3.033  1.00 15.45 ? 5   VAL A CB  1 
ATOM   54   C CG1 . VAL A 1 9   ? 9.245   12.591  -4.252  1.00 17.82 ? 5   VAL A CG1 1 
ATOM   55   C CG2 . VAL A 1 9   ? 8.785   12.154  -1.757  1.00 16.12 ? 5   VAL A CG2 1 
ATOM   56   N N   . GLY A 1 10  ? 8.614   9.751   -5.611  1.00 12.37 ? 6   GLY A N   1 
ATOM   57   C CA  . GLY A 1 10  ? 8.855   9.468   -7.004  1.00 15.41 ? 6   GLY A CA  1 
ATOM   58   C C   . GLY A 1 10  ? 7.763   8.598   -7.586  1.00 13.30 ? 6   GLY A C   1 
ATOM   59   O O   . GLY A 1 10  ? 6.706   8.430   -6.993  1.00 14.26 ? 6   GLY A O   1 
ATOM   60   N N   . THR A 1 11  ? 8.081   8.031   -8.742  1.00 13.37 ? 7   THR A N   1 
ATOM   61   C CA  . THR A 1 11  ? 7.156   7.177   -9.493  1.00 14.54 ? 7   THR A CA  1 
ATOM   62   C C   . THR A 1 11  ? 7.807   5.812   -9.510  1.00 13.41 ? 7   THR A C   1 
ATOM   63   O O   . THR A 1 11  ? 8.945   5.682   -9.970  1.00 15.82 ? 7   THR A O   1 
ATOM   64   C CB  . THR A 1 11  ? 6.934   7.714   -10.935 1.00 17.79 ? 7   THR A CB  1 
ATOM   65   O OG1 . THR A 1 11  ? 6.423   9.044   -10.852 1.00 22.86 ? 7   THR A OG1 1 
ATOM   66   C CG2 . THR A 1 11  ? 5.964   6.876   -11.699 1.00 22.60 ? 7   THR A CG2 1 
ATOM   67   N N   . TRP A 1 12  ? 7.027   4.822   -9.113  1.00 13.71 ? 8   TRP A N   1 
ATOM   68   C CA  . TRP A 1 12  ? 7.505   3.465   -8.929  1.00 13.12 ? 8   TRP A CA  1 
ATOM   69   C C   . TRP A 1 12  ? 6.590   2.546   -9.728  1.00 13.54 ? 8   TRP A C   1 
ATOM   70   O O   . TRP A 1 12  ? 5.384   2.765   -9.847  1.00 16.19 ? 8   TRP A O   1 
ATOM   71   C CB  . TRP A 1 12  ? 7.406   3.087   -7.453  1.00 11.84 ? 8   TRP A CB  1 
ATOM   72   C CG  . TRP A 1 12  ? 8.238   3.979   -6.585  1.00 12.34 ? 8   TRP A CG  1 
ATOM   73   C CD1 . TRP A 1 12  ? 7.826   5.129   -5.958  1.00 12.52 ? 8   TRP A CD1 1 
ATOM   74   C CD2 . TRP A 1 12  ? 9.593   3.763   -6.177  1.00 12.75 ? 8   TRP A CD2 1 
ATOM   75   N NE1 . TRP A 1 12  ? 8.872   5.689   -5.240  1.00 12.82 ? 8   TRP A NE1 1 
ATOM   76   C CE2 . TRP A 1 12  ? 9.949   4.866   -5.310  1.00 13.14 ? 8   TRP A CE2 1 
ATOM   77   C CE3 . TRP A 1 12  ? 10.545  2.783   -6.450  1.00 13.23 ? 8   TRP A CE3 1 
ATOM   78   C CZ2 . TRP A 1 12  ? 11.199  4.989   -4.764  1.00 14.09 ? 8   TRP A CZ2 1 
ATOM   79   C CZ3 . TRP A 1 12  ? 11.789  2.906   -5.865  1.00 13.87 ? 8   TRP A CZ3 1 
ATOM   80   C CH2 . TRP A 1 12  ? 12.108  4.013   -5.071  1.00 14.00 ? 8   TRP A CH2 1 
ATOM   81   N N   . LYS A 1 13  ? 7.153   1.465   -10.251 1.00 14.10 ? 9   LYS A N   1 
ATOM   82   C CA  . LYS A 1 13  ? 6.393   0.508   -11.079 1.00 14.20 ? 9   LYS A CA  1 
ATOM   83   C C   . LYS A 1 13  ? 6.529   -0.887  -10.429 1.00 13.84 ? 9   LYS A C   1 
ATOM   84   O O   . LYS A 1 13  ? 7.615   -1.292  -9.975  1.00 14.69 ? 9   LYS A O   1 
ATOM   85   C CB  . LYS A 1 13  ? 6.902   0.504   -12.528 1.00 18.72 ? 9   LYS A CB  1 
ATOM   86   C CG  . LYS A 1 13  ? 8.368   0.202   -12.662 1.00 25.01 ? 9   LYS A CG  1 
ATOM   87   C CD  . LYS A 1 13  ? 8.808   0.110   -14.111 1.00 31.50 ? 9   LYS A CD  1 
ATOM   88   C CE  . LYS A 1 13  ? 10.144  -0.595  -14.220 1.00 36.78 ? 9   LYS A CE  1 
ATOM   89   N NZ  . LYS A 1 13  ? 11.273  0.342   -13.988 1.00 45.66 ? 9   LYS A NZ  1 
ATOM   90   N N   . LEU A 1 14  ? 5.432   -1.644  -10.381 1.00 15.63 ? 10  LEU A N   1 
ATOM   91   C CA  . LEU A 1 14  ? 5.460   -3.003  -9.804  1.00 15.94 ? 10  LEU A CA  1 
ATOM   92   C C   . LEU A 1 14  ? 6.289   -3.953  -10.642 1.00 16.61 ? 10  LEU A C   1 
ATOM   93   O O   . LEU A 1 14  ? 6.067   -4.017  -11.866 1.00 20.26 ? 10  LEU A O   1 
ATOM   94   C CB  . LEU A 1 14  ? 4.042   -3.578  -9.649  1.00 15.95 ? 10  LEU A CB  1 
ATOM   95   C CG  . LEU A 1 14  ? 3.932   -4.931  -8.974  1.00 15.87 ? 10  LEU A CG  1 
ATOM   96   C CD1 . LEU A 1 14  ? 4.246   -4.778  -7.499  1.00 16.65 ? 10  LEU A CD1 1 
ATOM   97   C CD2 . LEU A 1 14  ? 2.487   -5.453  -9.153  1.00 20.04 ? 10  LEU A CD2 1 
ATOM   98   N N   . VAL A 1 15  ? 7.262   -4.625  -10.052 1.00 16.96 ? 11  VAL A N   1 
ATOM   99   C CA  . VAL A 1 15  ? 8.021   -5.591  -10.769 1.00 18.52 ? 11  VAL A CA  1 
ATOM   100  C C   . VAL A 1 15  ? 7.877   -7.039  -10.306 1.00 18.22 ? 11  VAL A C   1 
ATOM   101  O O   . VAL A 1 15  ? 8.187   -7.942  -11.071 1.00 23.65 ? 11  VAL A O   1 
ATOM   102  C CB  . VAL A 1 15  ? 9.490   -5.199  -10.824 1.00 23.80 ? 11  VAL A CB  1 
ATOM   103  C CG1 . VAL A 1 15  ? 9.655   -3.871  -11.545 1.00 24.14 ? 11  VAL A CG1 1 
ATOM   104  C CG2 . VAL A 1 15  ? 10.155  -5.205  -9.470  1.00 24.43 ? 11  VAL A CG2 1 
ATOM   105  N N   . SER A 1 16  ? 7.406   -7.284  -9.096  1.00 16.71 ? 12  SER A N   1 
ATOM   106  C CA  . SER A 1 16  ? 7.165   -8.638  -8.660  1.00 15.84 ? 12  SER A CA  1 
ATOM   107  C C   . SER A 1 16  ? 6.133   -8.643  -7.543  1.00 15.49 ? 12  SER A C   1 
ATOM   108  O O   . SER A 1 16  ? 5.990   -7.660  -6.802  1.00 14.80 ? 12  SER A O   1 
ATOM   109  C CB  . SER A 1 16  ? 8.447   -9.352  -8.209  1.00 20.28 ? 12  SER A CB  1 
ATOM   110  O OG  . SER A 1 16  ? 8.926   -8.861  -6.999  1.00 20.77 ? 12  SER A OG  1 
ATOM   111  N N   . SER A 1 17  ? 5.458   -9.777  -7.400  1.00 15.24 ? 13  SER A N   1 
ATOM   112  C CA  . SER A 1 17  ? 4.446   -9.967  -6.364  1.00 16.32 ? 13  SER A CA  1 
ATOM   113  C C   . SER A 1 17  ? 4.453   -11.421 -5.932  1.00 15.45 ? 13  SER A C   1 
ATOM   114  O O   . SER A 1 17  ? 4.589   -12.322 -6.778  1.00 18.43 ? 13  SER A O   1 
ATOM   115  C CB  . SER A 1 17  ? 3.059   -9.603  -6.945  1.00 17.78 ? 13  SER A CB  1 
ATOM   116  O OG  . SER A 1 17  ? 2.032   -9.711  -5.995  1.00 17.70 ? 13  SER A OG  1 
ATOM   117  N N   . GLU A 1 18  ? 4.326   -11.627 -4.626  1.00 13.65 ? 14  GLU A N   1 
ATOM   118  C CA  A GLU A 1 18  ? 4.216   -12.961 -4.040  0.50 14.55 ? 14  GLU A CA  1 
ATOM   119  C CA  B GLU A 1 18  ? 4.228   -12.949 -4.030  0.50 14.15 ? 14  GLU A CA  1 
ATOM   120  C C   . GLU A 1 18  ? 3.087   -12.982 -3.020  1.00 13.08 ? 14  GLU A C   1 
ATOM   121  O O   . GLU A 1 18  ? 2.962   -12.077 -2.165  1.00 13.79 ? 14  GLU A O   1 
ATOM   122  C CB  A GLU A 1 18  ? 5.534   -13.425 -3.399  0.50 18.77 ? 14  GLU A CB  1 
ATOM   123  C CB  B GLU A 1 18  ? 5.542   -13.322 -3.351  0.50 16.49 ? 14  GLU A CB  1 
ATOM   124  C CG  A GLU A 1 18  ? 6.239   -12.362 -2.571  0.50 25.82 ? 14  GLU A CG  1 
ATOM   125  C CG  B GLU A 1 18  ? 6.703   -13.524 -4.324  0.50 20.94 ? 14  GLU A CG  1 
ATOM   126  C CD  A GLU A 1 18  ? 7.622   -12.746 -2.068  0.50 28.55 ? 14  GLU A CD  1 
ATOM   127  C CD  B GLU A 1 18  ? 6.587   -14.828 -5.096  0.50 22.63 ? 14  GLU A CD  1 
ATOM   128  O OE1 A GLU A 1 18  ? 7.668   -13.617 -1.182  0.50 25.06 ? 14  GLU A OE1 1 
ATOM   129  O OE1 B GLU A 1 18  ? 5.789   -15.692 -4.688  0.50 28.08 ? 14  GLU A OE1 1 
ATOM   130  O OE2 A GLU A 1 18  ? 8.644   -12.125 -2.507  0.50 31.32 ? 14  GLU A OE2 1 
ATOM   131  O OE2 B GLU A 1 18  ? 7.313   -15.012 -6.091  0.50 26.19 ? 14  GLU A OE2 1 
ATOM   132  N N   . ASN A 1 19  ? 2.269   -14.020 -3.129  1.00 14.25 ? 15  ASN A N   1 
ATOM   133  C CA  A ASN A 1 19  ? 1.220   -14.295 -2.147  0.50 13.41 ? 15  ASN A CA  1 
ATOM   134  C CA  B ASN A 1 19  ? 1.195   -14.341 -2.192  0.50 14.11 ? 15  ASN A CA  1 
ATOM   135  C C   . ASN A 1 19  ? 0.080   -13.288 -2.110  1.00 12.54 ? 15  ASN A C   1 
ATOM   136  O O   . ASN A 1 19  ? -0.680  -13.266 -1.130  1.00 14.03 ? 15  ASN A O   1 
ATOM   137  C CB  A ASN A 1 19  ? 1.811   -14.395 -0.744  0.50 12.80 ? 15  ASN A CB  1 
ATOM   138  C CB  B ASN A 1 19  ? 1.752   -14.711 -0.805  0.50 16.67 ? 15  ASN A CB  1 
ATOM   139  C CG  A ASN A 1 19  ? 2.800   -15.501 -0.629  0.50 15.61 ? 15  ASN A CG  1 
ATOM   140  C CG  B ASN A 1 19  ? 1.827   -16.215 -0.590  0.50 22.99 ? 15  ASN A CG  1 
ATOM   141  O OD1 A ASN A 1 19  ? 2.671   -16.540 -1.306  0.50 19.77 ? 15  ASN A OD1 1 
ATOM   142  O OD1 B ASN A 1 19  ? 2.913   -16.760 -0.448  0.50 38.04 ? 15  ASN A OD1 1 
ATOM   143  N ND2 A ASN A 1 19  ? 3.767   -15.344 0.278   0.50 17.60 ? 15  ASN A ND2 1 
ATOM   144  N ND2 B ASN A 1 19  ? 0.683   -16.894 -0.609  0.50 16.62 ? 15  ASN A ND2 1 
ATOM   145  N N   . PHE A 1 20  ? -0.060  -12.464 -3.155  1.00 13.76 ? 16  PHE A N   1 
ATOM   146  C CA  . PHE A 1 20  ? -1.056  -11.403 -3.113  1.00 13.98 ? 16  PHE A CA  1 
ATOM   147  C C   . PHE A 1 20  ? -2.469  -11.963 -3.169  1.00 14.23 ? 16  PHE A C   1 
ATOM   148  O O   . PHE A 1 20  ? -3.362  -11.420 -2.542  1.00 14.31 ? 16  PHE A O   1 
ATOM   149  C CB  . PHE A 1 20  ? -0.798  -10.384 -4.216  1.00 14.35 ? 16  PHE A CB  1 
ATOM   150  C CG  . PHE A 1 20  ? -1.577  -9.100  -4.068  1.00 13.91 ? 16  PHE A CG  1 
ATOM   151  C CD1 . PHE A 1 20  ? -1.549  -8.361  -2.873  1.00 15.85 ? 16  PHE A CD1 1 
ATOM   152  C CD2 . PHE A 1 20  ? -2.314  -8.592  -5.126  1.00 16.54 ? 16  PHE A CD2 1 
ATOM   153  C CE1 . PHE A 1 20  ? -2.254  -7.155  -2.753  1.00 19.28 ? 16  PHE A CE1 1 
ATOM   154  C CE2 . PHE A 1 20  ? -3.013  -7.382  -5.005  1.00 18.57 ? 16  PHE A CE2 1 
ATOM   155  C CZ  . PHE A 1 20  ? -3.002  -6.687  -3.815  1.00 18.52 ? 16  PHE A CZ  1 
ATOM   156  N N   . ASP A 1 21  ? -2.695  -13.033 -3.934  1.00 14.82 ? 17  ASP A N   1 
ATOM   157  C CA  . ASP A 1 21  ? -4.036  -13.619 -3.964  1.00 15.64 ? 17  ASP A CA  1 
ATOM   158  C C   . ASP A 1 21  ? -4.458  -14.092 -2.576  1.00 15.59 ? 17  ASP A C   1 
ATOM   159  O O   . ASP A 1 21  ? -5.587  -13.864 -2.138  1.00 15.41 ? 17  ASP A O   1 
ATOM   160  C CB  . ASP A 1 21  ? -4.101  -14.790 -4.948  1.00 17.66 ? 17  ASP A CB  1 
ATOM   161  C CG  . ASP A 1 21  ? -5.535  -15.275 -5.199  1.00 20.03 ? 17  ASP A CG  1 
ATOM   162  O OD1 . ASP A 1 21  ? -6.359  -14.453 -5.627  1.00 21.89 ? 17  ASP A OD1 1 
ATOM   163  O OD2 . ASP A 1 21  ? -5.853  -16.436 -4.917  1.00 28.03 ? 17  ASP A OD2 1 
ATOM   164  N N   . ASP A 1 22  ? -3.560  -14.781 -1.887  1.00 15.02 ? 18  ASP A N   1 
ATOM   165  C CA  . ASP A 1 22  ? -3.867  -15.277 -0.570  1.00 15.85 ? 18  ASP A CA  1 
ATOM   166  C C   . ASP A 1 22  ? -4.094  -14.121 0.428   1.00 14.44 ? 18  ASP A C   1 
ATOM   167  O O   . ASP A 1 22  ? -4.968  -14.198 1.291   1.00 16.03 ? 18  ASP A O   1 
ATOM   168  C CB  . ASP A 1 22  ? -2.784  -16.227 -0.103  1.00 20.07 ? 18  ASP A CB  1 
ATOM   169  C CG  . ASP A 1 22  ? -2.921  -17.647 -0.712  1.00 26.79 ? 18  ASP A CG  1 
ATOM   170  O OD1 . ASP A 1 22  ? -3.984  -18.055 -1.231  1.00 32.99 ? 18  ASP A OD1 1 
ATOM   171  O OD2 . ASP A 1 22  ? -1.910  -18.326 -0.698  1.00 34.26 ? 18  ASP A OD2 1 
ATOM   172  N N   . TYR A 1 23  ? -3.303  -13.052 0.334   1.00 14.15 ? 19  TYR A N   1 
ATOM   173  C CA  . TYR A 1 23  ? -3.540  -11.866 1.170   1.00 13.79 ? 19  TYR A CA  1 
ATOM   174  C C   . TYR A 1 23  ? -4.935  -11.297 0.898   1.00 12.31 ? 19  TYR A C   1 
ATOM   175  O O   . TYR A 1 23  ? -5.708  -11.021 1.814   1.00 13.78 ? 19  TYR A O   1 
ATOM   176  C CB  . TYR A 1 23  ? -2.461  -10.789 0.905   1.00 13.96 ? 19  TYR A CB  1 
ATOM   177  C CG  . TYR A 1 23  ? -2.784  -9.459  1.549   1.00 13.14 ? 19  TYR A CG  1 
ATOM   178  C CD1 . TYR A 1 23  ? -2.618  -9.277  2.901   1.00 13.74 ? 19  TYR A CD1 1 
ATOM   179  C CD2 . TYR A 1 23  ? -3.290  -8.432  0.810   1.00 13.48 ? 19  TYR A CD2 1 
ATOM   180  C CE1 . TYR A 1 23  ? -2.975  -8.069  3.498   1.00 12.58 ? 19  TYR A CE1 1 
ATOM   181  C CE2 . TYR A 1 23  ? -3.633  -7.211  1.374   1.00 13.89 ? 19  TYR A CE2 1 
ATOM   182  C CZ  . TYR A 1 23  ? -3.490  -7.039  2.724   1.00 12.08 ? 19  TYR A CZ  1 
ATOM   183  O OH  . TYR A 1 23  ? -3.829  -5.817  3.302   1.00 15.03 ? 19  TYR A OH  1 
ATOM   184  N N   . MET A 1 24  ? -5.294  -11.149 -0.376  1.00 12.26 ? 20  MET A N   1 
ATOM   185  C CA  . MET A 1 24  ? -6.625  -10.631 -0.734  1.00 13.59 ? 20  MET A CA  1 
ATOM   186  C C   . MET A 1 24  ? -7.738  -11.547 -0.224  1.00 13.89 ? 20  MET A C   1 
ATOM   187  O O   . MET A 1 24  ? -8.771  -11.044 0.269   1.00 14.58 ? 20  MET A O   1 
ATOM   188  C CB  . MET A 1 24  ? -6.764  -10.416 -2.231  1.00 14.47 ? 20  MET A CB  1 
ATOM   189  C CG  . MET A 1 24  ? -5.987  -9.197  -2.735  1.00 14.25 ? 20  MET A CG  1 
ATOM   190  S SD  . MET A 1 24  ? -6.368  -8.814  -4.463  1.00 15.98 ? 20  MET A SD  1 
ATOM   191  C CE  . MET A 1 24  ? -5.548  -10.192 -5.273  1.00 17.43 ? 20  MET A CE  1 
ATOM   192  N N   . LYS A 1 25  ? -7.567  -12.872 -0.332  1.00 15.67 ? 21  LYS A N   1 
ATOM   193  C CA  . LYS A 1 25  ? -8.550  -13.820 0.234   1.00 15.97 ? 21  LYS A CA  1 
ATOM   194  C C   . LYS A 1 25  ? -8.749  -13.540 1.725   1.00 17.13 ? 21  LYS A C   1 
ATOM   195  O O   . LYS A 1 25  ? -9.878  -13.512 2.213   1.00 20.39 ? 21  LYS A O   1 
ATOM   196  C CB  . LYS A 1 25  ? -8.161  -15.275 0.045   1.00 18.97 ? 21  LYS A CB  1 
ATOM   197  C CG  . LYS A 1 25  ? -8.325  -15.780 -1.370  1.00 18.67 ? 21  LYS A CG  1 
ATOM   198  C CD  . LYS A 1 25  ? -8.076  -17.279 -1.417  1.00 20.31 ? 21  LYS A CD  1 
ATOM   199  C CE  . LYS A 1 25  ? -8.304  -17.814 -2.797  1.00 23.51 ? 21  LYS A CE  1 
ATOM   200  N NZ  . LYS A 1 25  ? -8.094  -19.268 -2.886  1.00 31.37 ? 21  LYS A NZ  1 
ATOM   201  N N   . GLU A 1 26  ? -7.647  -13.396 2.458   1.00 16.47 ? 22  GLU A N   1 
ATOM   202  C CA  . GLU A 1 26  ? -7.707  -13.174 3.893   1.00 18.87 ? 22  GLU A CA  1 
ATOM   203  C C   . GLU A 1 26  ? -8.428  -11.879 4.233   1.00 16.04 ? 22  GLU A C   1 
ATOM   204  O O   . GLU A 1 26  ? -9.133  -11.803 5.238   1.00 20.48 ? 22  GLU A O   1 
ATOM   205  C CB  . GLU A 1 26  ? -6.311  -13.219 4.531   1.00 21.82 ? 22  GLU A CB  1 
ATOM   206  C CG  . GLU A 1 26  ? -6.291  -13.672 5.981   1.00 30.61 ? 22  GLU A CG  1 
ATOM   207  C CD  . GLU A 1 26  ? -6.426  -15.193 6.220   1.00 32.31 ? 22  GLU A CD  1 
ATOM   208  O OE1 . GLU A 1 26  ? -6.575  -15.993 5.270   1.00 33.19 ? 22  GLU A OE1 1 
ATOM   209  O OE2 . GLU A 1 26  ? -6.369  -15.589 7.405   1.00 43.25 ? 22  GLU A OE2 1 
ATOM   210  N N   . VAL A 1 27  ? -8.243  -10.845 3.413   1.00 16.25 ? 23  VAL A N   1 
ATOM   211  C CA  . VAL A 1 27  ? -8.888  -9.564  3.612   1.00 16.27 ? 23  VAL A CA  1 
ATOM   212  C C   . VAL A 1 27  ? -10.382 -9.637  3.301   1.00 19.02 ? 23  VAL A C   1 
ATOM   213  O O   . VAL A 1 27  ? -11.168 -8.872  3.855   1.00 24.77 ? 23  VAL A O   1 
ATOM   214  C CB  . VAL A 1 27  ? -8.186  -8.478  2.772   1.00 18.03 ? 23  VAL A CB  1 
ATOM   215  C CG1 . VAL A 1 27  ? -8.996  -7.210  2.741   1.00 22.71 ? 23  VAL A CG1 1 
ATOM   216  C CG2 . VAL A 1 27  ? -6.797  -8.231  3.300   1.00 19.03 ? 23  VAL A CG2 1 
ATOM   217  N N   . GLY A 1 28  ? -10.770 -10.605 2.484   1.00 17.86 ? 24  GLY A N   1 
ATOM   218  C CA  . GLY A 1 28  ? -12.168 -10.820 2.123   1.00 19.29 ? 24  GLY A CA  1 
ATOM   219  C C   . GLY A 1 28  ? -12.555 -10.368 0.723   1.00 17.77 ? 24  GLY A C   1 
ATOM   220  O O   . GLY A 1 28  ? -13.742 -10.254 0.406   1.00 19.82 ? 24  GLY A O   1 
ATOM   221  N N   . VAL A 1 29  ? -11.567 -10.132 -0.142  1.00 16.09 ? 25  VAL A N   1 
ATOM   222  C CA  . VAL A 1 29  ? -11.823 -9.699  -1.516  1.00 16.55 ? 25  VAL A CA  1 
ATOM   223  C C   . VAL A 1 29  ? -12.431 -10.858 -2.323  1.00 16.29 ? 25  VAL A C   1 
ATOM   224  O O   . VAL A 1 29  ? -11.978 -11.998 -2.194  1.00 17.23 ? 25  VAL A O   1 
ATOM   225  C CB  . VAL A 1 29  ? -10.512 -9.259  -2.175  1.00 15.60 ? 25  VAL A CB  1 
ATOM   226  C CG1 . VAL A 1 29  ? -10.727 -8.727  -3.585  1.00 16.74 ? 25  VAL A CG1 1 
ATOM   227  C CG2 . VAL A 1 29  ? -9.812  -8.194  -1.310  1.00 18.02 ? 25  VAL A CG2 1 
ATOM   228  N N   . GLY A 1 30  ? -13.483 -10.568 -3.072  1.00 18.55 ? 26  GLY A N   1 
ATOM   229  C CA  . GLY A 1 30  ? -14.153 -11.572 -3.876  1.00 18.90 ? 26  GLY A CA  1 
ATOM   230  C C   . GLY A 1 30  ? -13.383 -12.001 -5.095  1.00 17.32 ? 26  GLY A C   1 
ATOM   231  O O   . GLY A 1 30  ? -12.447 -11.346 -5.522  1.00 18.15 ? 26  GLY A O   1 
ATOM   232  N N   . PHE A 1 31  ? -13.840 -13.102 -5.661  1.00 16.92 ? 27  PHE A N   1 
ATOM   233  C CA  . PHE A 1 31  ? -13.141 -13.782 -6.730  1.00 15.81 ? 27  PHE A CA  1 
ATOM   234  C C   . PHE A 1 31  ? -12.798 -12.840 -7.903  1.00 16.05 ? 27  PHE A C   1 
ATOM   235  O O   . PHE A 1 31  ? -11.646 -12.762 -8.328  1.00 15.28 ? 27  PHE A O   1 
ATOM   236  C CB  . PHE A 1 31  ? -14.002 -14.939 -7.261  1.00 16.27 ? 27  PHE A CB  1 
ATOM   237  C CG  . PHE A 1 31  ? -13.334 -15.705 -8.373  1.00 16.62 ? 27  PHE A CG  1 
ATOM   238  C CD1 . PHE A 1 31  ? -12.439 -16.734 -8.108  1.00 18.53 ? 27  PHE A CD1 1 
ATOM   239  C CD2 . PHE A 1 31  ? -13.592 -15.367 -9.705  1.00 19.84 ? 27  PHE A CD2 1 
ATOM   240  C CE1 . PHE A 1 31  ? -11.801 -17.400 -9.145  1.00 18.77 ? 27  PHE A CE1 1 
ATOM   241  C CE2 . PHE A 1 31  ? -12.960 -16.024 -10.733 1.00 19.43 ? 27  PHE A CE2 1 
ATOM   242  C CZ  . PHE A 1 31  ? -12.054 -17.037 -10.469 1.00 20.48 ? 27  PHE A CZ  1 
ATOM   243  N N   . ALA A 1 32  ? -13.783 -12.156 -8.481  1.00 16.16 ? 28  ALA A N   1 
ATOM   244  C CA  . ALA A 1 32  ? -13.556 -11.370 -9.717  1.00 15.95 ? 28  ALA A CA  1 
ATOM   245  C C   . ALA A 1 32  ? -12.583 -10.247 -9.455  1.00 16.42 ? 28  ALA A C   1 
ATOM   246  O O   . ALA A 1 32  ? -11.695 -9.971  -10.269 1.00 17.01 ? 28  ALA A O   1 
ATOM   247  C CB  . ALA A 1 32  ? -14.851 -10.887 -10.327 1.00 17.95 ? 28  ALA A CB  1 
ATOM   248  N N   . THR A 1 33  ? -12.760 -9.543  -8.339  1.00 16.34 ? 29  THR A N   1 
ATOM   249  C CA  . THR A 1 33  ? -11.803 -8.485  -7.966  1.00 16.91 ? 29  THR A CA  1 
ATOM   250  C C   . THR A 1 33  ? -10.398 -9.028  -7.752  1.00 15.82 ? 29  THR A C   1 
ATOM   251  O O   . THR A 1 33  ? -9.449  -8.406  -8.208  1.00 17.22 ? 29  THR A O   1 
ATOM   252  C CB  . THR A 1 33  ? -12.311 -7.701  -6.743  1.00 17.43 ? 29  THR A CB  1 
ATOM   253  O OG1 . THR A 1 33  ? -13.586 -7.153  -7.069  1.00 21.57 ? 29  THR A OG1 1 
ATOM   254  C CG2 . THR A 1 33  ? -11.333 -6.573  -6.295  1.00 21.41 ? 29  THR A CG2 1 
ATOM   255  N N   . ARG A 1 34  ? -10.244 -10.185 -7.092  1.00 14.10 ? 30  ARG A N   1 
ATOM   256  C CA  . ARG A 1 34  ? -8.933  -10.809 -6.947  1.00 14.08 ? 30  ARG A CA  1 
ATOM   257  C C   . ARG A 1 34  ? -8.298  -11.033 -8.311  1.00 14.66 ? 30  ARG A C   1 
ATOM   258  O O   . ARG A 1 34  ? -7.113  -10.812 -8.476  1.00 15.53 ? 30  ARG A O   1 
ATOM   259  C CB  . ARG A 1 34  ? -8.993  -12.109 -6.158  1.00 15.97 ? 30  ARG A CB  1 
ATOM   260  C CG  . ARG A 1 34  ? -9.264  -11.888 -4.675  1.00 16.38 ? 30  ARG A CG  1 
ATOM   261  C CD  . ARG A 1 34  ? -8.787  -13.056 -3.850  1.00 15.62 ? 30  ARG A CD  1 
ATOM   262  N NE  . ARG A 1 34  ? -9.130  -14.342 -4.448  1.00 16.15 ? 30  ARG A NE  1 
ATOM   263  C CZ  . ARG A 1 34  ? -10.304 -14.946 -4.360  1.00 16.17 ? 30  ARG A CZ  1 
ATOM   264  N NH1 . ARG A 1 34  ? -11.302 -14.404 -3.676  1.00 16.58 ? 30  ARG A NH1 1 
ATOM   265  N NH2 . ARG A 1 34  ? -10.475 -16.125 -4.963  1.00 18.31 ? 30  ARG A NH2 1 
ATOM   266  N N   . LYS A 1 35  ? -9.065  -11.546 -9.270  1.00 15.37 ? 31  LYS A N   1 
ATOM   267  C CA  . LYS A 1 35  ? -8.450  -11.942 -10.550 1.00 15.13 ? 31  LYS A CA  1 
ATOM   268  C C   . LYS A 1 35  ? -7.947  -10.697 -11.289 1.00 16.15 ? 31  LYS A C   1 
ATOM   269  O O   . LYS A 1 35  ? -6.854  -10.668 -11.849 1.00 18.26 ? 31  LYS A O   1 
ATOM   270  C CB  . LYS A 1 35  ? -9.433  -12.707 -11.406 1.00 15.95 ? 31  LYS A CB  1 
ATOM   271  C CG  . LYS A 1 35  ? -9.851  -14.036 -10.821 1.00 18.96 ? 31  LYS A CG  1 
ATOM   272  C CD  . LYS A 1 35  ? -8.719  -15.047 -10.696 1.00 26.11 ? 31  LYS A CD  1 
ATOM   273  C CE  . LYS A 1 35  ? -8.398  -15.366 -9.245  1.00 34.10 ? 31  LYS A CE  1 
ATOM   274  N NZ  . LYS A 1 35  ? -7.435  -16.490 -9.090  1.00 36.80 ? 31  LYS A NZ  1 
ATOM   275  N N   . VAL A 1 36  ? -8.762  -9.660  -11.336 1.00 15.25 ? 32  VAL A N   1 
ATOM   276  C CA  . VAL A 1 36  ? -8.429  -8.412  -12.043 1.00 17.32 ? 32  VAL A CA  1 
ATOM   277  C C   . VAL A 1 36  ? -7.318  -7.687  -11.296 1.00 16.25 ? 32  VAL A C   1 
ATOM   278  O O   . VAL A 1 36  ? -6.400  -7.181  -11.921 1.00 18.46 ? 32  VAL A O   1 
ATOM   279  C CB  . VAL A 1 36  ? -9.685  -7.536  -12.142 1.00 21.39 ? 32  VAL A CB  1 
ATOM   280  C CG1 . VAL A 1 36  ? -9.350  -6.112  -12.611 1.00 24.20 ? 32  VAL A CG1 1 
ATOM   281  C CG2 . VAL A 1 36  ? -10.661 -8.221  -13.092 1.00 25.43 ? 32  VAL A CG2 1 
ATOM   282  N N   . ALA A 1 37  ? -7.401  -7.611  -9.972  1.00 16.63 ? 33  ALA A N   1 
ATOM   283  C CA  . ALA A 1 37  ? -6.350  -6.962  -9.170  1.00 19.40 ? 33  ALA A CA  1 
ATOM   284  C C   . ALA A 1 37  ? -5.022  -7.657  -9.324  1.00 17.82 ? 33  ALA A C   1 
ATOM   285  O O   . ALA A 1 37  ? -3.971  -7.025  -9.362  1.00 21.52 ? 33  ALA A O   1 
ATOM   286  C CB  . ALA A 1 37  ? -6.746  -6.901  -7.699  1.00 21.51 ? 33  ALA A CB  1 
ATOM   287  N N   . GLY A 1 38  ? -5.074  -8.980  -9.366  1.00 18.43 ? 34  GLY A N   1 
ATOM   288  C CA  . GLY A 1 38  ? -3.880  -9.790  -9.470  1.00 19.63 ? 34  GLY A CA  1 
ATOM   289  C C   . GLY A 1 38  ? -3.139  -9.571  -10.777 1.00 17.40 ? 34  GLY A C   1 
ATOM   290  O O   . GLY A 1 38  ? -1.920  -9.694  -10.821 1.00 22.66 ? 34  GLY A O   1 
ATOM   291  N N   . MET A 1 39  ? -3.866  -9.263  -11.847 1.00 17.16 ? 35  MET A N   1 
ATOM   292  C CA  . MET A 1 39  ? -3.251  -8.973  -13.143 1.00 18.09 ? 35  MET A CA  1 
ATOM   293  C C   . MET A 1 39  ? -2.622  -7.598  -13.246 1.00 17.21 ? 35  MET A C   1 
ATOM   294  O O   . MET A 1 39  ? -1.794  -7.353  -14.137 1.00 22.10 ? 35  MET A O   1 
ATOM   295  C CB  . MET A 1 39  ? -4.304  -9.091  -14.261 1.00 20.94 ? 35  MET A CB  1 
ATOM   296  C CG  . MET A 1 39  ? -4.777  -10.483 -14.543 1.00 20.45 ? 35  MET A CG  1 
ATOM   297  S SD  . MET A 1 39  ? -3.491  -11.442 -15.292 1.00 18.70 ? 35  MET A SD  1 
ATOM   298  C CE  . MET A 1 39  ? -3.159  -10.581 -16.816 1.00 29.27 ? 35  MET A CE  1 
ATOM   299  N N   . ALA A 1 40  ? -3.043  -6.671  -12.385 1.00 15.51 ? 36  ALA A N   1 
ATOM   300  C CA  . ALA A 1 40  ? -2.633  -5.289  -12.495 1.00 17.42 ? 36  ALA A CA  1 
ATOM   301  C C   . ALA A 1 40  ? -1.147  -5.121  -12.227 1.00 15.64 ? 36  ALA A C   1 
ATOM   302  O O   . ALA A 1 40  ? -0.551  -5.832  -11.422 1.00 16.98 ? 36  ALA A O   1 
ATOM   303  C CB  . ALA A 1 40  ? -3.425  -4.422  -11.518 1.00 19.05 ? 36  ALA A CB  1 
ATOM   304  N N   . LYS A 1 41  ? -0.555  -4.195  -12.947 1.00 16.11 ? 37  LYS A N   1 
ATOM   305  C CA  . LYS A 1 41  ? 0.828   -3.797  -12.765 1.00 16.04 ? 37  LYS A CA  1 
ATOM   306  C C   . LYS A 1 41  ? 0.827   -2.302  -12.424 1.00 16.60 ? 37  LYS A C   1 
ATOM   307  O O   . LYS A 1 41  ? 1.166   -1.472  -13.261 1.00 16.55 ? 37  LYS A O   1 
ATOM   308  C CB  . LYS A 1 41  ? 1.638   -4.117  -14.049 1.00 19.64 ? 37  LYS A CB  1 
ATOM   309  C CG  . LYS A 1 41  ? 1.775   -5.609  -14.305 1.00 25.80 ? 37  LYS A CG  1 
ATOM   310  C CD  . LYS A 1 41  ? 2.796   -6.237  -13.374 1.00 34.23 ? 37  LYS A CD  1 
ATOM   311  C CE  . LYS A 1 41  ? 2.942   -7.743  -13.610 1.00 41.75 ? 37  LYS A CE  1 
ATOM   312  N NZ  . LYS A 1 41  ? 4.281   -8.265  -13.194 1.00 41.60 ? 37  LYS A NZ  1 
ATOM   313  N N   . PRO A 1 42  ? 0.381   -1.962  -11.193 1.00 15.47 ? 38  PRO A N   1 
ATOM   314  C CA  . PRO A 1 42  ? 0.204   -0.557  -10.866 1.00 15.90 ? 38  PRO A CA  1 
ATOM   315  C C   . PRO A 1 42  ? 1.509   0.220   -10.806 1.00 14.97 ? 38  PRO A C   1 
ATOM   316  O O   . PRO A 1 42  ? 2.579   -0.305  -10.531 1.00 17.11 ? 38  PRO A O   1 
ATOM   317  C CB  . PRO A 1 42  ? -0.486  -0.550  -9.497  1.00 18.64 ? 38  PRO A CB  1 
ATOM   318  C CG  . PRO A 1 42  ? -0.385  -1.911  -8.981  1.00 20.62 ? 38  PRO A CG  1 
ATOM   319  C CD  . PRO A 1 42  ? -0.030  -2.838  -10.093 1.00 17.60 ? 38  PRO A CD  1 
ATOM   320  N N   . ASN A 1 43  ? 1.361   1.498   -11.089 1.00 14.99 ? 39  ASN A N   1 
ATOM   321  C CA  . ASN A 1 43  ? 2.350   2.467   -10.688 1.00 16.72 ? 39  ASN A CA  1 
ATOM   322  C C   . ASN A 1 43  ? 1.939   3.075   -9.365  1.00 17.09 ? 39  ASN A C   1 
ATOM   323  O O   . ASN A 1 43  ? 0.757   3.332   -9.092  1.00 21.92 ? 39  ASN A O   1 
ATOM   324  C CB  . ASN A 1 43  ? 2.523   3.588   -11.706 1.00 19.84 ? 39  ASN A CB  1 
ATOM   325  C CG  . ASN A 1 43  ? 3.107   3.120   -13.036 1.00 27.98 ? 39  ASN A CG  1 
ATOM   326  O OD1 . ASN A 1 43  ? 2.827   3.731   -14.060 1.00 42.90 ? 39  ASN A OD1 1 
ATOM   327  N ND2 . ASN A 1 43  ? 3.893   2.031   -13.027 1.00 23.29 ? 39  ASN A ND2 1 
ATOM   328  N N   . MET A 1 44  ? 2.941   3.297   -8.541  1.00 15.12 ? 40  MET A N   1 
ATOM   329  C CA  . MET A 1 44  ? 2.770   3.965   -7.232  1.00 15.15 ? 40  MET A CA  1 
ATOM   330  C C   . MET A 1 44  ? 3.515   5.304   -7.320  1.00 13.18 ? 40  MET A C   1 
ATOM   331  O O   . MET A 1 44  ? 4.712   5.337   -7.654  1.00 15.31 ? 40  MET A O   1 
ATOM   332  C CB  . MET A 1 44  ? 3.342   3.072   -6.127  1.00 16.26 ? 40  MET A CB  1 
ATOM   333  C CG  . MET A 1 44  ? 3.354   3.714   -4.749  1.00 18.31 ? 40  MET A CG  1 
ATOM   334  S SD  . MET A 1 44  ? 3.868   2.655   -3.405  1.00 20.35 ? 40  MET A SD  1 
ATOM   335  C CE  . MET A 1 44  ? 5.320   1.793   -4.055  1.00 22.41 ? 40  MET A CE  1 
ATOM   336  N N   . ILE A 1 45  ? 2.821   6.406   -7.055  1.00 13.07 ? 41  ILE A N   1 
ATOM   337  C CA  . ILE A 1 45  ? 3.361   7.749   -7.175  1.00 14.74 ? 41  ILE A CA  1 
ATOM   338  C C   . ILE A 1 45  ? 3.294   8.374   -5.794  1.00 13.93 ? 41  ILE A C   1 
ATOM   339  O O   . ILE A 1 45  ? 2.212   8.535   -5.234  1.00 15.15 ? 41  ILE A O   1 
ATOM   340  C CB  . ILE A 1 45  ? 2.583   8.599   -8.204  1.00 17.81 ? 41  ILE A CB  1 
ATOM   341  C CG1 . ILE A 1 45  ? 2.481   7.863   -9.558  1.00 20.54 ? 41  ILE A CG1 1 
ATOM   342  C CG2 . ILE A 1 45  ? 3.282   9.945   -8.352  1.00 21.58 ? 41  ILE A CG2 1 
ATOM   343  C CD1 . ILE A 1 45  ? 1.167   7.141   -9.793  1.00 31.94 ? 41  ILE A CD1 1 
ATOM   344  N N   . ILE A 1 46  ? 4.454   8.691   -5.231  1.00 12.04 ? 42  ILE A N   1 
ATOM   345  C CA  . ILE A 1 46  ? 4.535   9.234   -3.880  1.00 11.26 ? 42  ILE A CA  1 
ATOM   346  C C   . ILE A 1 46  ? 5.083   10.647  -3.943  1.00 12.38 ? 42  ILE A C   1 
ATOM   347  O O   . ILE A 1 46  ? 6.115   10.894  -4.549  1.00 12.62 ? 42  ILE A O   1 
ATOM   348  C CB  . ILE A 1 46  ? 5.414   8.356   -2.951  1.00 11.89 ? 42  ILE A CB  1 
ATOM   349  C CG1 . ILE A 1 46  ? 4.854   6.911   -2.875  1.00 12.87 ? 42  ILE A CG1 1 
ATOM   350  C CG2 . ILE A 1 46  ? 5.547   8.961   -1.550  1.00 12.83 ? 42  ILE A CG2 1 
ATOM   351  C CD1 . ILE A 1 46  ? 5.733   5.928   -2.137  1.00 14.19 ? 42  ILE A CD1 1 
ATOM   352  N N   . SER A 1 47  ? 4.418   11.562  -3.256  1.00 11.82 ? 43  SER A N   1 
ATOM   353  C CA  . SER A 1 47  ? 4.873   12.946  -3.229  1.00 12.84 ? 43  SER A CA  1 
ATOM   354  C C   . SER A 1 47  ? 4.588   13.532  -1.854  1.00 13.34 ? 43  SER A C   1 
ATOM   355  O O   . SER A 1 47  ? 3.780   13.021  -1.074  1.00 12.93 ? 43  SER A O   1 
ATOM   356  C CB  . SER A 1 47  ? 4.188   13.735  -4.289  1.00 15.47 ? 43  SER A CB  1 
ATOM   357  O OG  . SER A 1 47  ? 2.786   13.731  -4.086  1.00 18.50 ? 43  SER A OG  1 
ATOM   358  N N   . VAL A 1 48  ? 5.341   14.584  -1.550  1.00 13.13 ? 44  VAL A N   1 
ATOM   359  C CA  . VAL A 1 48  ? 5.236   15.253  -0.267  1.00 12.00 ? 44  VAL A CA  1 
ATOM   360  C C   . VAL A 1 48  ? 5.131   16.772  -0.507  1.00 13.31 ? 44  VAL A C   1 
ATOM   361  O O   . VAL A 1 48  ? 5.889   17.346  -1.320  1.00 16.21 ? 44  VAL A O   1 
ATOM   362  C CB  . VAL A 1 48  ? 6.420   14.948  0.654   1.00 13.88 ? 44  VAL A CB  1 
ATOM   363  C CG1 . VAL A 1 48  ? 6.207   15.640  1.990   1.00 18.78 ? 44  VAL A CG1 1 
ATOM   364  C CG2 . VAL A 1 48  ? 6.528   13.449  0.911   1.00 16.89 ? 44  VAL A CG2 1 
ATOM   365  N N   . ASN A 1 49  ? 4.212   17.420  0.191   1.00 12.57 ? 45  ASN A N   1 
ATOM   366  C CA  . ASN A 1 49  ? 4.108   18.890  0.170   1.00 13.08 ? 45  ASN A CA  1 
ATOM   367  C C   . ASN A 1 49  ? 3.876   19.308  1.616   1.00 13.24 ? 45  ASN A C   1 
ATOM   368  O O   . ASN A 1 49  ? 2.818   19.043  2.197   1.00 12.90 ? 45  ASN A O   1 
ATOM   369  C CB  . ASN A 1 49  ? 2.976   19.281  -0.755  1.00 13.20 ? 45  ASN A CB  1 
ATOM   370  C CG  . ASN A 1 49  ? 2.804   20.761  -0.858  1.00 13.71 ? 45  ASN A CG  1 
ATOM   371  O OD1 . ASN A 1 49  ? 3.016   21.480  0.134   1.00 15.16 ? 45  ASN A OD1 1 
ATOM   372  N ND2 . ASN A 1 49  ? 2.321   21.229  -2.016  1.00 14.34 ? 45  ASN A ND2 1 
ATOM   373  N N   . GLY A 1 50  ? 4.891   19.902  2.231   1.00 16.41 ? 46  GLY A N   1 
ATOM   374  C CA  . GLY A 1 50  ? 4.809   20.215  3.658   1.00 17.11 ? 46  GLY A CA  1 
ATOM   375  C C   . GLY A 1 50  ? 4.692   18.933  4.477   1.00 16.72 ? 46  GLY A C   1 
ATOM   376  O O   . GLY A 1 50  ? 5.480   18.011  4.334   1.00 19.88 ? 46  GLY A O   1 
ATOM   377  N N   . ASP A 1 51  ? 3.684   18.888  5.321   1.00 16.14 ? 47  ASP A N   1 
ATOM   378  C CA  . ASP A 1 51  ? 3.424   17.749  6.173   1.00 18.41 ? 47  ASP A CA  1 
ATOM   379  C C   . ASP A 1 51  ? 2.509   16.735  5.472   1.00 15.78 ? 47  ASP A C   1 
ATOM   380  O O   . ASP A 1 51  ? 2.242   15.692  6.014   1.00 15.24 ? 47  ASP A O   1 
ATOM   381  C CB  . ASP A 1 51  ? 2.761   18.190  7.482   1.00 22.53 ? 47  ASP A CB  1 
ATOM   382  C CG  . ASP A 1 51  ? 3.697   18.982  8.382   1.00 31.74 ? 47  ASP A CG  1 
ATOM   383  O OD1 . ASP A 1 51  ? 4.933   18.791  8.289   1.00 36.72 ? 47  ASP A OD1 1 
ATOM   384  O OD2 . ASP A 1 51  ? 3.187   19.798  9.188   1.00 43.53 ? 47  ASP A OD2 1 
ATOM   385  N N   . VAL A 1 52  ? 2.036   17.016  4.266   1.00 13.97 ? 48  VAL A N   1 
ATOM   386  C CA  . VAL A 1 52  ? 1.058   16.158  3.609   1.00 11.94 ? 48  VAL A CA  1 
ATOM   387  C C   . VAL A 1 52  ? 1.758   15.235  2.611   1.00 11.58 ? 48  VAL A C   1 
ATOM   388  O O   . VAL A 1 52  ? 2.425   15.675  1.675   1.00 12.49 ? 48  VAL A O   1 
ATOM   389  C CB  . VAL A 1 52  ? -0.035  16.921  2.890   1.00 12.66 ? 48  VAL A CB  1 
ATOM   390  C CG1 . VAL A 1 52  ? -1.059  15.972  2.284   1.00 15.61 ? 48  VAL A CG1 1 
ATOM   391  C CG2 . VAL A 1 52  ? -0.732  17.902  3.835   1.00 17.40 ? 48  VAL A CG2 1 
ATOM   392  N N   . ILE A 1 53  ? 1.576   13.932  2.834   1.00 11.13 ? 49  ILE A N   1 
ATOM   393  C CA  . ILE A 1 53  ? 2.083   12.905  1.960   1.00 10.36 ? 49  ILE A CA  1 
ATOM   394  C C   . ILE A 1 53  ? 0.922   12.412  1.078   1.00 10.74 ? 49  ILE A C   1 
ATOM   395  O O   . ILE A 1 53  ? -0.178  12.173  1.579   1.00 11.49 ? 49  ILE A O   1 
ATOM   396  C CB  . ILE A 1 53  ? 2.671   11.723  2.771   1.00 11.89 ? 49  ILE A CB  1 
ATOM   397  C CG1 . ILE A 1 53  ? 3.786   12.212  3.717   1.00 13.27 ? 49  ILE A CG1 1 
ATOM   398  C CG2 . ILE A 1 53  ? 3.198   10.669  1.800   1.00 13.47 ? 49  ILE A CG2 1 
ATOM   399  C CD1 . ILE A 1 53  ? 4.200   11.157  4.738   1.00 16.73 ? 49  ILE A CD1 1 
ATOM   400  N N   . THR A 1 54  ? 1.181   12.229  -0.213  1.00 11.01 ? 50  THR A N   1 
ATOM   401  C CA  . THR A 1 54  ? 0.164   11.700  -1.152  1.00 11.84 ? 50  THR A CA  1 
ATOM   402  C C   . THR A 1 54  ? 0.745   10.443  -1.775  1.00 11.69 ? 50  THR A C   1 
ATOM   403  O O   . THR A 1 54  ? 1.876   10.452  -2.245  1.00 12.09 ? 50  THR A O   1 
ATOM   404  C CB  . THR A 1 54  ? -0.191  12.719  -2.244  1.00 13.54 ? 50  THR A CB  1 
ATOM   405  O OG1 . THR A 1 54  ? -0.774  13.895  -1.615  1.00 15.69 ? 50  THR A OG1 1 
ATOM   406  C CG2 . THR A 1 54  ? -1.198  12.126  -3.265  1.00 17.02 ? 50  THR A CG2 1 
ATOM   407  N N   . ILE A 1 55  ? -0.035  9.354   -1.754  1.00 11.61 ? 51  ILE A N   1 
ATOM   408  C CA  . ILE A 1 55  ? 0.312   8.098   -2.412  1.00 12.03 ? 51  ILE A CA  1 
ATOM   409  C C   . ILE A 1 55  ? -0.804  7.789   -3.390  1.00 12.82 ? 51  ILE A C   1 
ATOM   410  O O   . ILE A 1 55  ? -1.937  7.588   -2.984  1.00 14.58 ? 51  ILE A O   1 
ATOM   411  C CB  . ILE A 1 55  ? 0.509   6.939   -1.428  1.00 12.49 ? 51  ILE A CB  1 
ATOM   412  C CG1 . ILE A 1 55  ? 1.586   7.265   -0.374  1.00 13.21 ? 51  ILE A CG1 1 
ATOM   413  C CG2 . ILE A 1 55  ? 0.857   5.674   -2.175  1.00 13.70 ? 51  ILE A CG2 1 
ATOM   414  C CD1 . ILE A 1 55  ? 1.719   6.187   0.693   1.00 16.05 ? 51  ILE A CD1 1 
ATOM   415  N N   . LYS A 1 56  ? -0.460  7.723   -4.679  1.00 13.22 ? 52  LYS A N   1 
ATOM   416  C CA  . LYS A 1 56  ? -1.384  7.295   -5.712  1.00 13.80 ? 52  LYS A CA  1 
ATOM   417  C C   . LYS A 1 56  ? -1.033  5.898   -6.191  1.00 15.97 ? 52  LYS A C   1 
ATOM   418  O O   . LYS A 1 56  ? 0.164   5.531   -6.270  1.00 18.68 ? 52  LYS A O   1 
ATOM   419  C CB  . LYS A 1 56  ? -1.263  8.222   -6.882  1.00 17.36 ? 52  LYS A CB  1 
ATOM   420  C CG  . LYS A 1 56  ? -1.624  9.648   -6.581  1.00 19.41 ? 52  LYS A CG  1 
ATOM   421  C CD  . LYS A 1 56  ? -1.270  10.559  -7.767  1.00 27.98 ? 52  LYS A CD  1 
ATOM   422  C CE  . LYS A 1 56  ? -2.430  11.078  -8.585  1.00 38.42 ? 52  LYS A CE  1 
ATOM   423  N NZ  . LYS A 1 56  ? -1.994  12.341  -9.255  1.00 40.46 ? 52  LYS A NZ  1 
ATOM   424  N N   . SER A 1 57  ? -2.066  5.165   -6.547  1.00 15.13 ? 53  SER A N   1 
ATOM   425  C CA  . SER A 1 57  ? -1.927  3.853   -7.213  1.00 14.88 ? 53  SER A CA  1 
ATOM   426  C C   . SER A 1 57  ? -2.675  3.960   -8.513  1.00 17.18 ? 53  SER A C   1 
ATOM   427  O O   . SER A 1 57  ? -3.883  4.182   -8.504  1.00 18.72 ? 53  SER A O   1 
ATOM   428  C CB  . SER A 1 57  ? -2.521  2.720   -6.320  1.00 18.64 ? 53  SER A CB  1 
ATOM   429  O OG  . SER A 1 57  ? -2.379  1.434   -6.944  1.00 22.68 ? 53  SER A OG  1 
ATOM   430  N N   . GLU A 1 58  ? -1.987  3.756   -9.626  1.00 18.25 ? 54  GLU A N   1 
ATOM   431  C CA  . GLU A 1 58  ? -2.587  3.905   -10.927 1.00 19.44 ? 54  GLU A CA  1 
ATOM   432  C C   . GLU A 1 58  ? -2.448  2.633   -11.750 1.00 19.07 ? 54  GLU A C   1 
ATOM   433  O O   . GLU A 1 58  ? -1.368  2.097   -11.866 1.00 18.70 ? 54  GLU A O   1 
ATOM   434  C CB  . GLU A 1 58  ? -1.906  5.067   -11.604 1.00 23.89 ? 54  GLU A CB  1 
ATOM   435  C CG  . GLU A 1 58  ? -2.166  6.333   -10.821 1.00 28.91 ? 54  GLU A CG  1 
ATOM   436  C CD  . GLU A 1 58  ? -1.892  7.573   -11.611 1.00 39.88 ? 54  GLU A CD  1 
ATOM   437  O OE1 . GLU A 1 58  ? -1.233  7.428   -12.658 1.00 44.27 ? 54  GLU A OE1 1 
ATOM   438  O OE2 . GLU A 1 58  ? -2.335  8.674   -11.183 1.00 52.25 ? 54  GLU A OE2 1 
ATOM   439  N N   . SER A 1 59  ? -3.559  2.115   -12.260 1.00 20.59 ? 55  SER A N   1 
ATOM   440  C CA  . SER A 1 59  ? -3.492  0.898   -13.074 1.00 22.32 ? 55  SER A CA  1 
ATOM   441  C C   . SER A 1 59  ? -4.667  0.872   -14.004 1.00 26.22 ? 55  SER A C   1 
ATOM   442  O O   . SER A 1 59  ? -5.513  1.773   -13.981 1.00 26.27 ? 55  SER A O   1 
ATOM   443  C CB  . SER A 1 59  ? -3.455  -0.371  -12.214 1.00 28.14 ? 55  SER A CB  1 
ATOM   444  O OG  . SER A 1 59  ? -4.704  -0.586  -11.597 1.00 31.65 ? 55  SER A OG  1 
ATOM   445  N N   . THR A 1 60  ? -4.727  -0.173  -14.820 1.00 28.62 ? 56  THR A N   1 
ATOM   446  C CA  . THR A 1 60  ? -5.858  -0.380  -15.727 1.00 26.13 ? 56  THR A CA  1 
ATOM   447  C C   . THR A 1 60  ? -7.172  -0.657  -14.978 1.00 37.61 ? 56  THR A C   1 
ATOM   448  O O   . THR A 1 60  ? -7.162  -1.281  -13.921 1.00 42.95 ? 56  THR A O   1 
ATOM   449  C CB  . THR A 1 60  ? -5.571  -1.559  -16.680 1.00 30.38 ? 56  THR A CB  1 
ATOM   450  O OG1 . THR A 1 60  ? -5.243  -2.735  -15.909 1.00 35.51 ? 56  THR A OG1 1 
ATOM   451  C CG2 . THR A 1 60  ? -4.437  -1.196  -17.638 1.00 30.10 ? 56  THR A CG2 1 
ATOM   452  N N   . LYS A 1 62  ? -8.059  0.384   -11.716 1.00 49.69 ? 58  LYS A N   1 
ATOM   453  C CA  . LYS A 1 62  ? -8.478  1.441   -10.792 1.00 34.73 ? 58  LYS A CA  1 
ATOM   454  C C   . LYS A 1 62  ? -7.360  2.490   -10.598 1.00 33.83 ? 58  LYS A C   1 
ATOM   455  O O   . LYS A 1 62  ? -6.191  2.120   -10.586 1.00 27.52 ? 58  LYS A O   1 
ATOM   456  C CB  . LYS A 1 62  ? -8.844  0.814   -9.437  1.00 43.70 ? 58  LYS A CB  1 
ATOM   457  C CG  . LYS A 1 62  ? -9.857  1.605   -8.609  1.00 47.58 ? 58  LYS A CG  1 
ATOM   458  C CD  . LYS A 1 62  ? -10.998 0.738   -8.088  1.00 57.07 ? 58  LYS A CD  1 
ATOM   459  C CE  . LYS A 1 62  ? -11.829 0.154   -9.229  1.00 62.84 ? 58  LYS A CE  1 
ATOM   460  N NZ  . LYS A 1 62  ? -13.168 -0.346  -8.794  1.00 71.42 ? 58  LYS A NZ  1 
ATOM   461  N N   . ASN A 1 63  ? -7.714  3.777   -10.477 1.00 25.55 ? 59  ASN A N   1 
ATOM   462  C CA  . ASN A 1 63  ? -6.768  4.797   -9.983  1.00 22.87 ? 59  ASN A CA  1 
ATOM   463  C C   . ASN A 1 63  ? -7.264  5.252   -8.624  1.00 23.71 ? 59  ASN A C   1 
ATOM   464  O O   . ASN A 1 63  ? -8.416  5.654   -8.510  1.00 27.12 ? 59  ASN A O   1 
ATOM   465  C CB  . ASN A 1 63  ? -6.737  6.017   -10.892 1.00 26.41 ? 59  ASN A CB  1 
ATOM   466  C CG  . ASN A 1 63  ? -5.902  5.827   -12.154 1.00 28.90 ? 59  ASN A CG  1 
ATOM   467  O OD1 . ASN A 1 63  ? -5.340  4.763   -12.425 1.00 30.19 ? 59  ASN A OD1 1 
ATOM   468  N ND2 . ASN A 1 63  ? -5.796  6.903   -12.922 1.00 44.84 ? 59  ASN A ND2 1 
ATOM   469  N N   . THR A 1 64  ? -6.412  5.178   -7.600  1.00 18.91 ? 60  THR A N   1 
ATOM   470  C CA  . THR A 1 64  ? -6.747  5.580   -6.254  1.00 18.88 ? 60  THR A CA  1 
ATOM   471  C C   . THR A 1 64  ? -5.664  6.526   -5.717  1.00 16.92 ? 60  THR A C   1 
ATOM   472  O O   . THR A 1 64  ? -4.538  6.589   -6.208  1.00 19.36 ? 60  THR A O   1 
ATOM   473  C CB  . THR A 1 64  ? -6.940  4.358   -5.348  1.00 23.76 ? 60  THR A CB  1 
ATOM   474  O OG1 . THR A 1 64  ? -5.694  3.661   -5.212  1.00 35.11 ? 60  THR A OG1 1 
ATOM   475  C CG2 . THR A 1 64  ? -7.997  3.392   -5.951  1.00 29.99 ? 60  THR A CG2 1 
ATOM   476  N N   . GLU A 1 65  ? -6.043  7.284   -4.708  1.00 15.52 ? 61  GLU A N   1 
ATOM   477  C CA  . GLU A 1 65  ? -5.136  8.245   -4.108  1.00 16.27 ? 61  GLU A CA  1 
ATOM   478  C C   . GLU A 1 65  ? -5.498  8.442   -2.648  1.00 15.94 ? 61  GLU A C   1 
ATOM   479  O O   . GLU A 1 65  ? -6.705  8.551   -2.326  1.00 18.25 ? 61  GLU A O   1 
ATOM   480  C CB  . GLU A 1 65  ? -5.260  9.582   -4.872  1.00 22.30 ? 61  GLU A CB  1 
ATOM   481  C CG  . GLU A 1 65  ? -4.676  10.841  -4.275  1.00 26.81 ? 61  GLU A CG  1 
ATOM   482  C CD  . GLU A 1 65  ? -4.981  12.042  -5.152  1.00 32.07 ? 61  GLU A CD  1 
ATOM   483  O OE1 . GLU A 1 65  ? -5.242  11.875  -6.383  1.00 41.10 ? 61  GLU A OE1 1 
ATOM   484  O OE2 . GLU A 1 65  ? -4.965  13.168  -4.612  1.00 42.74 ? 61  GLU A OE2 1 
ATOM   485  N N   . ILE A 1 66  ? -4.472  8.511   -1.794  1.00 14.26 ? 62  ILE A N   1 
ATOM   486  C CA  . ILE A 1 66  ? -4.659  8.960   -0.411  1.00 12.75 ? 62  ILE A CA  1 
ATOM   487  C C   . ILE A 1 66  ? -3.692  10.104  -0.137  1.00 12.70 ? 62  ILE A C   1 
ATOM   488  O O   . ILE A 1 66  ? -2.570  10.127  -0.658  1.00 14.01 ? 62  ILE A O   1 
ATOM   489  C CB  . ILE A 1 66  ? -4.457  7.822   0.610   1.00 13.49 ? 62  ILE A CB  1 
ATOM   490  C CG1 . ILE A 1 66  ? -3.029  7.227   0.570   1.00 13.36 ? 62  ILE A CG1 1 
ATOM   491  C CG2 . ILE A 1 66  ? -5.542  6.770   0.461   1.00 16.72 ? 62  ILE A CG2 1 
ATOM   492  C CD1 . ILE A 1 66  ? -2.754  6.210   1.674   1.00 17.23 ? 62  ILE A CD1 1 
ATOM   493  N N   . SER A 1 67  ? -4.139  11.062  0.644   1.00 12.17 ? 63  SER A N   1 
ATOM   494  C CA  . SER A 1 67  ? -3.314  12.109  1.194   1.00 12.00 ? 63  SER A CA  1 
ATOM   495  C C   . SER A 1 67  ? -3.499  12.121  2.715   1.00 12.99 ? 63  SER A C   1 
ATOM   496  O O   . SER A 1 67  ? -4.618  11.935  3.206   1.00 14.50 ? 63  SER A O   1 
ATOM   497  C CB  . SER A 1 67  ? -3.695  13.474  0.591   1.00 14.21 ? 63  SER A CB  1 
ATOM   498  O OG  . SER A 1 67  ? -3.362  13.600  -0.774  1.00 16.02 ? 63  SER A OG  1 
ATOM   499  N N   . PHE A 1 68  ? -2.411  12.319  3.453   1.00 11.78 ? 64  PHE A N   1 
ATOM   500  C CA  . PHE A 1 68  ? -2.465  12.172  4.881   1.00 12.01 ? 64  PHE A CA  1 
ATOM   501  C C   . PHE A 1 68  ? -1.289  12.870  5.551   1.00 11.41 ? 64  PHE A C   1 
ATOM   502  O O   . PHE A 1 68  ? -0.271  13.211  4.929   1.00 11.77 ? 64  PHE A O   1 
ATOM   503  C CB  . PHE A 1 68  ? -2.480  10.666  5.230   1.00 12.28 ? 64  PHE A CB  1 
ATOM   504  C CG  . PHE A 1 68  ? -1.279  9.924   4.728   1.00 11.76 ? 64  PHE A CG  1 
ATOM   505  C CD1 . PHE A 1 68  ? -1.265  9.379   3.448   1.00 11.86 ? 64  PHE A CD1 1 
ATOM   506  C CD2 . PHE A 1 68  ? -0.165  9.797   5.529   1.00 11.97 ? 64  PHE A CD2 1 
ATOM   507  C CE1 . PHE A 1 68  ? -0.148  8.759   2.954   1.00 13.27 ? 64  PHE A CE1 1 
ATOM   508  C CE2 . PHE A 1 68  ? 0.975   9.166   5.032   1.00 12.62 ? 64  PHE A CE2 1 
ATOM   509  C CZ  . PHE A 1 68  ? 0.978   8.655   3.731   1.00 12.87 ? 64  PHE A CZ  1 
ATOM   510  N N   . ILE A 1 69  ? -1.449  13.039  6.851   1.00 11.86 ? 65  ILE A N   1 
ATOM   511  C CA  . ILE A 1 69  ? -0.398  13.534  7.725   1.00 11.96 ? 65  ILE A CA  1 
ATOM   512  C C   . ILE A 1 69  ? -0.047  12.369  8.650   1.00 11.79 ? 65  ILE A C   1 
ATOM   513  O O   . ILE A 1 69  ? -0.913  11.643  9.134   1.00 11.61 ? 65  ILE A O   1 
ATOM   514  C CB  . ILE A 1 69  ? -0.911  14.791  8.489   1.00 13.36 ? 65  ILE A CB  1 
ATOM   515  C CG1 . ILE A 1 69  ? -1.128  15.955  7.495   1.00 14.78 ? 65  ILE A CG1 1 
ATOM   516  C CG2 . ILE A 1 69  ? 0.088   15.182  9.577   1.00 14.60 ? 65  ILE A CG2 1 
ATOM   517  C CD1 . ILE A 1 69  ? -1.881  17.107  8.128   1.00 20.31 ? 65  ILE A CD1 1 
ATOM   518  N N   . LEU A 1 70  ? 1.241   12.175  8.879   1.00 11.43 ? 66  LEU A N   1 
ATOM   519  C CA  . LEU A 1 70  ? 1.707   11.054  9.700   1.00 12.32 ? 66  LEU A CA  1 
ATOM   520  C C   . LEU A 1 70  ? 1.080   11.130  11.087  1.00 12.44 ? 66  LEU A C   1 
ATOM   521  O O   . LEU A 1 70  ? 1.041   12.182  11.709  1.00 13.37 ? 66  LEU A O   1 
ATOM   522  C CB  . LEU A 1 70  ? 3.241   11.006  9.813   1.00 12.96 ? 66  LEU A CB  1 
ATOM   523  C CG  . LEU A 1 70  ? 3.999   10.721  8.528   1.00 13.36 ? 66  LEU A CG  1 
ATOM   524  C CD1 . LEU A 1 70  ? 5.487   10.973  8.738   1.00 17.60 ? 66  LEU A CD1 1 
ATOM   525  C CD2 . LEU A 1 70  ? 3.751   9.307   8.017   1.00 14.75 ? 66  LEU A CD2 1 
ATOM   526  N N   . GLY A 1 71  ? 0.558   10.010  11.555  1.00 12.93 ? 67  GLY A N   1 
ATOM   527  C CA  . GLY A 1 71  ? -0.042  9.878   12.854  1.00 13.21 ? 67  GLY A CA  1 
ATOM   528  C C   . GLY A 1 71  ? -1.466  10.338  12.977  1.00 11.78 ? 67  GLY A C   1 
ATOM   529  O O   . GLY A 1 71  ? -2.053  10.195  14.063  1.00 14.83 ? 67  GLY A O   1 
ATOM   530  N N   . GLN A 1 72  ? -2.042  10.863  11.920  1.00 11.67 ? 68  GLN A N   1 
ATOM   531  C CA  . GLN A 1 72  ? -3.408  11.407  11.913  1.00 13.08 ? 68  GLN A CA  1 
ATOM   532  C C   . GLN A 1 72  ? -4.372  10.523  11.130  1.00 13.34 ? 68  GLN A C   1 
ATOM   533  O O   . GLN A 1 72  ? -4.267  10.402  9.905   1.00 12.95 ? 68  GLN A O   1 
ATOM   534  C CB  . GLN A 1 72  ? -3.395  12.834  11.389  1.00 14.36 ? 68  GLN A CB  1 
ATOM   535  C CG  . GLN A 1 72  ? -2.497  13.668  12.262  1.00 17.25 ? 68  GLN A CG  1 
ATOM   536  C CD  . GLN A 1 72  ? -2.636  15.160  12.065  1.00 21.29 ? 68  GLN A CD  1 
ATOM   537  O OE1 . GLN A 1 72  ? -3.489  15.659  11.281  1.00 19.65 ? 68  GLN A OE1 1 
ATOM   538  N NE2 . GLN A 1 72  ? -1.773  15.905  12.798  1.00 22.71 ? 68  GLN A NE2 1 
ATOM   539  N N   . GLU A 1 73  ? -5.344  9.939   11.824  1.00 13.69 ? 69  GLU A N   1 
ATOM   540  C CA  . GLU A 1 73  ? -6.290  9.008   11.207  1.00 14.11 ? 69  GLU A CA  1 
ATOM   541  C C   . GLU A 1 73  ? -7.124  9.668   10.130  1.00 14.76 ? 69  GLU A C   1 
ATOM   542  O O   . GLU A 1 73  ? -7.482  10.873  10.212  1.00 16.30 ? 69  GLU A O   1 
ATOM   543  C CB  . GLU A 1 73  ? -7.193  8.426   12.284  1.00 17.67 ? 69  GLU A CB  1 
ATOM   544  C CG  . GLU A 1 73  ? -8.110  7.289   11.867  1.00 19.39 ? 69  GLU A CG  1 
ATOM   545  C CD  . GLU A 1 73  ? -8.726  6.584   13.094  1.00 31.81 ? 69  GLU A CD  1 
ATOM   546  O OE1 . GLU A 1 73  ? -9.197  7.286   14.003  1.00 41.29 ? 69  GLU A OE1 1 
ATOM   547  O OE2 . GLU A 1 73  ? -8.695  5.333   13.186  1.00 36.71 ? 69  GLU A OE2 1 
ATOM   548  N N   . PHE A 1 74  ? -7.422  8.907   9.109   1.00 13.62 ? 70  PHE A N   1 
ATOM   549  C CA  . PHE A 1 74  ? -8.250  9.359   8.013   1.00 13.65 ? 70  PHE A CA  1 
ATOM   550  C C   . PHE A 1 74  ? -9.157  8.242   7.529   1.00 13.73 ? 70  PHE A C   1 
ATOM   551  O O   . PHE A 1 74  ? -8.902  7.048   7.801   1.00 17.08 ? 70  PHE A O   1 
ATOM   552  C CB  . PHE A 1 74  ? -7.373  9.923   6.888   1.00 15.14 ? 70  PHE A CB  1 
ATOM   553  C CG  . PHE A 1 74  ? -6.402  8.940   6.289   1.00 13.03 ? 70  PHE A CG  1 
ATOM   554  C CD1 . PHE A 1 74  ? -5.148  8.719   6.868   1.00 12.69 ? 70  PHE A CD1 1 
ATOM   555  C CD2 . PHE A 1 74  ? -6.694  8.305   5.100   1.00 15.34 ? 70  PHE A CD2 1 
ATOM   556  C CE1 . PHE A 1 74  ? -4.247  7.826   6.308   1.00 14.02 ? 70  PHE A CE1 1 
ATOM   557  C CE2 . PHE A 1 74  ? -5.803  7.421   4.560   1.00 17.10 ? 70  PHE A CE2 1 
ATOM   558  C CZ  . PHE A 1 74  ? -4.581  7.194   5.143   1.00 14.40 ? 70  PHE A CZ  1 
ATOM   559  N N   . ASP A 1 75  ? -10.221 8.637   6.846   1.00 17.32 ? 71  ASP A N   1 
ATOM   560  C CA  A ASP A 1 75  ? -11.087 7.652   6.233   0.50 17.98 ? 71  ASP A CA  1 
ATOM   561  C CA  B ASP A 1 75  ? -11.136 7.774   6.093   0.50 18.17 ? 71  ASP A CA  1 
ATOM   562  C C   . ASP A 1 75  ? -10.542 7.356   4.796   1.00 17.88 ? 71  ASP A C   1 
ATOM   563  O O   . ASP A 1 75  ? -10.024 8.220   4.070   1.00 21.36 ? 71  ASP A O   1 
ATOM   564  C CB  A ASP A 1 75  ? -12.581 8.105   6.285   0.50 16.21 ? 71  ASP A CB  1 
ATOM   565  C CB  B ASP A 1 75  ? -12.378 8.580   5.698   0.50 14.78 ? 71  ASP A CB  1 
ATOM   566  C CG  A ASP A 1 75  ? -13.185 8.139   7.744   0.50 21.25 ? 71  ASP A CG  1 
ATOM   567  C CG  B ASP A 1 75  ? -13.170 8.959   6.866   0.50 12.78 ? 71  ASP A CG  1 
ATOM   568  O OD1 A ASP A 1 75  ? -13.161 7.112   8.485   0.50 22.78 ? 71  ASP A OD1 1 
ATOM   569  O OD1 B ASP A 1 75  ? -13.613 10.119  6.990   0.50 14.97 ? 71  ASP A OD1 1 
ATOM   570  O OD2 A ASP A 1 75  ? -13.776 9.192   8.144   0.50 24.07 ? 71  ASP A OD2 1 
ATOM   571  O OD2 B ASP A 1 75  ? -13.267 8.070   7.727   0.50 17.25 ? 71  ASP A OD2 1 
ATOM   572  N N   . GLU A 1 76  ? -10.617 6.067   4.454   1.00 18.92 ? 72  GLU A N   1 
ATOM   573  C CA  . GLU A 1 76  ? -10.098 5.585   3.196   1.00 17.32 ? 72  GLU A CA  1 
ATOM   574  C C   . GLU A 1 76  ? -11.128 4.605   2.579   1.00 16.95 ? 72  GLU A C   1 
ATOM   575  O O   . GLU A 1 76  ? -11.651 3.770   3.296   1.00 19.91 ? 72  GLU A O   1 
ATOM   576  C CB  . GLU A 1 76  ? -8.738  4.862   3.415   1.00 18.35 ? 72  GLU A CB  1 
ATOM   577  C CG  . GLU A 1 76  ? -8.110  4.314   2.122   1.00 19.26 ? 72  GLU A CG  1 
ATOM   578  C CD  . GLU A 1 76  ? -6.795  3.572   2.304   1.00 18.48 ? 72  GLU A CD  1 
ATOM   579  O OE1 . GLU A 1 76  ? -6.320  3.369   3.448   1.00 17.94 ? 72  GLU A OE1 1 
ATOM   580  O OE2 . GLU A 1 76  ? -6.194  3.178   1.271   1.00 22.46 ? 72  GLU A OE2 1 
ATOM   581  N N   . VAL A 1 77  ? -11.419 4.760   1.294   1.00 16.95 ? 73  VAL A N   1 
ATOM   582  C CA  . VAL A 1 77  ? -12.106 3.727   0.562   1.00 17.64 ? 73  VAL A CA  1 
ATOM   583  C C   . VAL A 1 77  ? -11.028 2.984   -0.256  1.00 18.70 ? 73  VAL A C   1 
ATOM   584  O O   . VAL A 1 77  ? -10.372 3.566   -1.110  1.00 18.90 ? 73  VAL A O   1 
ATOM   585  C CB  . VAL A 1 77  ? -13.209 4.274   -0.363  1.00 21.31 ? 73  VAL A CB  1 
ATOM   586  C CG1 . VAL A 1 77  ? -13.891 3.119   -1.104  1.00 22.85 ? 73  VAL A CG1 1 
ATOM   587  C CG2 . VAL A 1 77  ? -14.245 5.055   0.433   1.00 25.18 ? 73  VAL A CG2 1 
ATOM   588  N N   . THR A 1 78  ? -10.858 1.699   -0.005  1.00 18.67 ? 74  THR A N   1 
ATOM   589  C CA  . THR A 1 78  ? -9.784  0.922   -0.626  1.00 18.00 ? 74  THR A CA  1 
ATOM   590  C C   . THR A 1 78  ? -10.190 0.517   -2.044  1.00 19.21 ? 74  THR A C   1 
ATOM   591  O O   . THR A 1 78  ? -11.375 0.635   -2.404  1.00 19.59 ? 74  THR A O   1 
ATOM   592  C CB  . THR A 1 78  ? -9.467  -0.335  0.222   1.00 18.05 ? 74  THR A CB  1 
ATOM   593  O OG1 . THR A 1 78  ? -10.617 -1.224  0.262   1.00 18.78 ? 74  THR A OG1 1 
ATOM   594  C CG2 . THR A 1 78  ? -9.090  0.024   1.661   1.00 19.69 ? 74  THR A CG2 1 
ATOM   595  N N   . ALA A 1 79  ? -9.247  -0.047  -2.795  1.00 18.17 ? 75  ALA A N   1 
ATOM   596  C CA  . ALA A 1 79  ? -9.466  -0.423  -4.176  1.00 22.53 ? 75  ALA A CA  1 
ATOM   597  C C   . ALA A 1 79  ? -10.544 -1.509  -4.307  1.00 20.79 ? 75  ALA A C   1 
ATOM   598  O O   . ALA A 1 79  ? -11.211 -1.601  -5.331  1.00 26.19 ? 75  ALA A O   1 
ATOM   599  C CB  . ALA A 1 79  ? -8.158  -0.889  -4.798  1.00 25.81 ? 75  ALA A CB  1 
ATOM   600  N N   . ASP A 1 80  ? -10.680 -2.328  -3.269  1.00 20.07 ? 76  ASP A N   1 
ATOM   601  C CA  . ASP A 1 80  ? -11.741 -3.365  -3.178  1.00 22.94 ? 76  ASP A CA  1 
ATOM   602  C C   . ASP A 1 80  ? -13.013 -2.892  -2.454  1.00 23.61 ? 76  ASP A C   1 
ATOM   603  O O   . ASP A 1 80  ? -13.861 -3.704  -2.062  1.00 25.89 ? 76  ASP A O   1 
ATOM   604  C CB  . ASP A 1 80  ? -11.207 -4.649  -2.510  1.00 23.71 ? 76  ASP A CB  1 
ATOM   605  C CG  . ASP A 1 80  ? -10.640 -4.411  -1.092  1.00 19.40 ? 76  ASP A CG  1 
ATOM   606  O OD1 . ASP A 1 80  ? -9.786  -3.515  -0.883  1.00 22.12 ? 76  ASP A OD1 1 
ATOM   607  O OD2 . ASP A 1 80  ? -11.043 -5.163  -0.171  1.00 22.28 ? 76  ASP A OD2 1 
ATOM   608  N N   . ASP A 1 81  ? -13.150 -1.577  -2.303  1.00 22.33 ? 77  ASP A N   1 
ATOM   609  C CA  . ASP A 1 81  ? -14.345 -0.932  -1.757  1.00 22.36 ? 77  ASP A CA  1 
ATOM   610  C C   . ASP A 1 81  ? -14.664 -1.180  -0.301  1.00 22.56 ? 77  ASP A C   1 
ATOM   611  O O   . ASP A 1 81  ? -15.803 -1.046  0.116   1.00 29.17 ? 77  ASP A O   1 
ATOM   612  C CB  . ASP A 1 81  ? -15.572 -1.242  -2.626  1.00 24.21 ? 77  ASP A CB  1 
ATOM   613  C CG  . ASP A 1 81  ? -15.525 -0.543  -3.961  1.00 29.45 ? 77  ASP A CG  1 
ATOM   614  O OD1 . ASP A 1 81  ? -14.971 0.595   -4.054  1.00 37.91 ? 77  ASP A OD1 1 
ATOM   615  O OD2 . ASP A 1 81  ? -16.021 -1.141  -4.942  1.00 46.90 ? 77  ASP A OD2 1 
ATOM   616  N N   . ARG A 1 82  ? -13.643 -1.445  0.512   1.00 20.25 ? 78  ARG A N   1 
ATOM   617  C CA  . ARG A 1 82  ? -13.810 -1.435  1.968   1.00 20.93 ? 78  ARG A CA  1 
ATOM   618  C C   . ARG A 1 82  ? -13.757 0.030   2.387   1.00 19.12 ? 78  ARG A C   1 
ATOM   619  O O   . ARG A 1 82  ? -12.958 0.808   1.863   1.00 21.07 ? 78  ARG A O   1 
ATOM   620  C CB  . ARG A 1 82  ? -12.702 -2.193  2.701   1.00 19.76 ? 78  ARG A CB  1 
ATOM   621  C CG  . ARG A 1 82  ? -12.819 -3.712  2.711   1.00 18.97 ? 78  ARG A CG  1 
ATOM   622  C CD  . ARG A 1 82  ? -11.592 -4.402  3.287   1.00 20.90 ? 78  ARG A CD  1 
ATOM   623  N NE  . ARG A 1 82  ? -10.448 -4.234  2.398   1.00 19.80 ? 78  ARG A NE  1 
ATOM   624  C CZ  . ARG A 1 82  ? -9.252  -3.758  2.725   1.00 19.61 ? 78  ARG A CZ  1 
ATOM   625  N NH1 . ARG A 1 82  ? -8.901  -3.486  3.990   1.00 18.74 ? 78  ARG A NH1 1 
ATOM   626  N NH2 . ARG A 1 82  ? -8.394  -3.629  1.743   1.00 19.11 ? 78  ARG A NH2 1 
ATOM   627  N N   . LYS A 1 83  ? -14.573 0.366   3.372   1.00 20.06 ? 79  LYS A N   1 
ATOM   628  C CA  . LYS A 1 83  ? -14.541 1.677   4.012   1.00 19.38 ? 79  LYS A CA  1 
ATOM   629  C C   . LYS A 1 83  ? -13.762 1.469   5.297   1.00 20.94 ? 79  LYS A C   1 
ATOM   630  O O   . LYS A 1 83  ? -14.233 0.804   6.235   1.00 22.87 ? 79  LYS A O   1 
ATOM   631  C CB  . LYS A 1 83  ? -15.964 2.168   4.308   1.00 23.67 ? 79  LYS A CB  1 
ATOM   632  C CG  . LYS A 1 83  ? -16.689 2.700   3.086   1.00 34.78 ? 79  LYS A CG  1 
ATOM   633  C CD  . LYS A 1 83  ? -16.833 1.729   1.925   1.00 41.68 ? 79  LYS A CD  1 
ATOM   634  C CE  . LYS A 1 83  ? -17.822 2.283   0.898   1.00 52.25 ? 79  LYS A CE  1 
ATOM   635  N NZ  . LYS A 1 83  ? -17.848 1.496   -0.360  1.00 51.64 ? 79  LYS A NZ  1 
ATOM   636  N N   . VAL A 1 84  ? -12.544 2.013   5.345   1.00 17.44 ? 80  VAL A N   1 
ATOM   637  C CA  . VAL A 1 84  ? -11.670 1.737   6.488   1.00 16.54 ? 80  VAL A CA  1 
ATOM   638  C C   . VAL A 1 84  ? -11.229 3.026   7.188   1.00 15.00 ? 80  VAL A C   1 
ATOM   639  O O   . VAL A 1 84  ? -11.309 4.087   6.606   1.00 17.76 ? 80  VAL A O   1 
ATOM   640  C CB  . VAL A 1 84  ? -10.410 0.916   6.070   1.00 14.90 ? 80  VAL A CB  1 
ATOM   641  C CG1 . VAL A 1 84  ? -10.818 -0.299  5.275   1.00 18.43 ? 80  VAL A CG1 1 
ATOM   642  C CG2 . VAL A 1 84  ? -9.469  1.739   5.224   1.00 16.13 ? 80  VAL A CG2 1 
ATOM   643  N N   . LYS A 1 85  ? -10.773 2.889   8.427   1.00 15.53 ? 81  LYS A N   1 
ATOM   644  C CA  A LYS A 1 85  ? -10.092 3.998   9.099   0.50 16.44 ? 81  LYS A CA  1 
ATOM   645  C CA  B LYS A 1 85  ? -10.099 3.973   9.157   0.50 16.83 ? 81  LYS A CA  1 
ATOM   646  C C   . LYS A 1 85  ? -8.601  3.647   9.119   1.00 14.15 ? 81  LYS A C   1 
ATOM   647  O O   . LYS A 1 85  ? -8.194  2.562   9.537   1.00 16.06 ? 81  LYS A O   1 
ATOM   648  C CB  A LYS A 1 85  ? -10.619 4.215   10.506  0.50 21.25 ? 81  LYS A CB  1 
ATOM   649  C CB  B LYS A 1 85  ? -10.569 4.019   10.610  0.50 21.77 ? 81  LYS A CB  1 
ATOM   650  C CG  A LYS A 1 85  ? -11.998 4.868   10.560  0.50 23.99 ? 81  LYS A CG  1 
ATOM   651  C CG  B LYS A 1 85  ? -12.045 4.389   10.794  0.50 22.96 ? 81  LYS A CG  1 
ATOM   652  C CD  A LYS A 1 85  ? -12.400 5.153   11.999  0.50 23.19 ? 81  LYS A CD  1 
ATOM   653  C CD  B LYS A 1 85  ? -12.342 5.814   10.324  0.50 25.93 ? 81  LYS A CD  1 
ATOM   654  C CE  A LYS A 1 85  ? -13.796 5.730   12.103  0.50 26.91 ? 81  LYS A CE  1 
ATOM   655  C CE  B LYS A 1 85  ? -13.796 6.219   10.597  0.50 25.12 ? 81  LYS A CE  1 
ATOM   656  N NZ  A LYS A 1 85  ? -13.871 7.034   11.386  0.50 28.65 ? 81  LYS A NZ  1 
ATOM   657  N NZ  B LYS A 1 85  ? -14.098 7.598   10.117  0.50 29.64 ? 81  LYS A NZ  1 
ATOM   658  N N   . SER A 1 86  ? -7.809  4.563   8.578   1.00 14.58 ? 82  SER A N   1 
ATOM   659  C CA  . SER A 1 86  ? -6.398  4.333   8.350   1.00 13.53 ? 82  SER A CA  1 
ATOM   660  C C   . SER A 1 86  ? -5.541  5.305   9.158   1.00 12.39 ? 82  SER A C   1 
ATOM   661  O O   . SER A 1 86  ? -5.898  6.480   9.329   1.00 13.17 ? 82  SER A O   1 
ATOM   662  C CB  . SER A 1 86  ? -6.061  4.545   6.876   1.00 14.40 ? 82  SER A CB  1 
ATOM   663  O OG  . SER A 1 86  ? -6.635  3.517   6.064   1.00 16.11 ? 82  SER A OG  1 
ATOM   664  N N   . THR A 1 87  ? -4.386  4.812   9.597   1.00 11.79 ? 83  THR A N   1 
ATOM   665  C CA  . THR A 1 87  ? -3.364  5.667   10.174  1.00 11.86 ? 83  THR A CA  1 
ATOM   666  C C   . THR A 1 87  ? -2.021  5.244   9.647   1.00 11.57 ? 83  THR A C   1 
ATOM   667  O O   . THR A 1 87  ? -1.724  4.042   9.629   1.00 12.64 ? 83  THR A O   1 
ATOM   668  C CB  . THR A 1 87  ? -3.334  5.569   11.711  1.00 14.31 ? 83  THR A CB  1 
ATOM   669  O OG1 . THR A 1 87  ? -4.639  5.726   12.261  1.00 17.16 ? 83  THR A OG1 1 
ATOM   670  C CG2 . THR A 1 87  ? -2.480  6.686   12.286  1.00 14.67 ? 83  THR A CG2 1 
ATOM   671  N N   . ILE A 1 88  ? -1.219  6.214   9.207   1.00 11.30 ? 84  ILE A N   1 
ATOM   672  C CA  . ILE A 1 88  ? 0.104   5.917   8.656   1.00 10.56 ? 84  ILE A CA  1 
ATOM   673  C C   . ILE A 1 88  ? 1.136   6.640   9.498   1.00 10.33 ? 84  ILE A C   1 
ATOM   674  O O   . ILE A 1 88  ? 0.981   7.815   9.793   1.00 11.25 ? 84  ILE A O   1 
ATOM   675  C CB  . ILE A 1 88  ? 0.207   6.294   7.176   1.00 10.81 ? 84  ILE A CB  1 
ATOM   676  C CG1 . ILE A 1 88  ? -0.888  5.557   6.404   1.00 11.74 ? 84  ILE A CG1 1 
ATOM   677  C CG2 . ILE A 1 88  ? 1.603   5.999   6.647   1.00 12.18 ? 84  ILE A CG2 1 
ATOM   678  C CD1 . ILE A 1 88  ? -0.942  5.846   4.907   1.00 12.85 ? 84  ILE A CD1 1 
ATOM   679  N N   . THR A 1 89  ? 2.165   5.919   9.931   1.00 11.55 ? 85  THR A N   1 
ATOM   680  C CA  . THR A 1 89  ? 3.241   6.443   10.751  1.00 12.61 ? 85  THR A CA  1 
ATOM   681  C C   . THR A 1 89  ? 4.586   6.034   10.135  1.00 13.75 ? 85  THR A C   1 
ATOM   682  O O   . THR A 1 89  ? 4.631   5.182   9.266   1.00 13.90 ? 85  THR A O   1 
ATOM   683  C CB  . THR A 1 89  ? 3.142   5.925   12.184  1.00 15.54 ? 85  THR A CB  1 
ATOM   684  O OG1 . THR A 1 89  ? 3.120   4.493   12.178  1.00 19.46 ? 85  THR A OG1 1 
ATOM   685  C CG2 . THR A 1 89  ? 1.905   6.492   12.891  1.00 17.89 ? 85  THR A CG2 1 
ATOM   686  N N   . LEU A 1 90  ? 5.673   6.682   10.567  1.00 13.52 ? 86  LEU A N   1 
ATOM   687  C CA  . LEU A 1 90  ? 7.006   6.314   10.161  1.00 15.78 ? 86  LEU A CA  1 
ATOM   688  C C   . LEU A 1 90  ? 7.639   5.660   11.403  1.00 19.28 ? 86  LEU A C   1 
ATOM   689  O O   . LEU A 1 90  ? 7.642   6.232   12.518  1.00 25.75 ? 86  LEU A O   1 
ATOM   690  C CB  . LEU A 1 90  ? 7.756   7.562   9.704   1.00 22.10 ? 86  LEU A CB  1 
ATOM   691  C CG  . LEU A 1 90  ? 8.780   7.720   8.607   1.00 27.91 ? 86  LEU A CG  1 
ATOM   692  C CD1 . LEU A 1 90  ? 8.601   6.789   7.452   1.00 18.86 ? 86  LEU A CD1 1 
ATOM   693  C CD2 . LEU A 1 90  ? 8.804   9.183   8.169   1.00 24.92 ? 86  LEU A CD2 1 
ATOM   694  N N   . ASP A 1 91  ? 8.092   4.429   11.261  1.00 17.77 ? 87  ASP A N   1 
ATOM   695  C CA  . ASP A 1 91  ? 8.685   3.653   12.348  1.00 20.08 ? 87  ASP A CA  1 
ATOM   696  C C   . ASP A 1 91  ? 10.059  3.212   11.872  1.00 19.92 ? 87  ASP A C   1 
ATOM   697  O O   . ASP A 1 91  ? 10.185  2.341   11.001  1.00 18.24 ? 87  ASP A O   1 
ATOM   698  C CB  . ASP A 1 91  ? 7.839   2.395   12.660  1.00 29.14 ? 87  ASP A CB  1 
ATOM   699  C CG  . ASP A 1 91  ? 8.473   1.483   13.757  1.00 38.13 ? 87  ASP A CG  1 
ATOM   700  O OD1 . ASP A 1 91  ? 9.165   2.018   14.653  1.00 44.25 ? 87  ASP A OD1 1 
ATOM   701  O OD2 . ASP A 1 91  ? 8.280   0.228   13.733  1.00 46.73 ? 87  ASP A OD2 1 
ATOM   702  N N   . GLY A 1 92  ? 11.093  3.826   12.403  1.00 18.96 ? 88  GLY A N   1 
ATOM   703  C CA  . GLY A 1 92  ? 12.401  3.462   11.977  1.00 21.91 ? 88  GLY A CA  1 
ATOM   704  C C   . GLY A 1 92  ? 12.622  3.444   10.469  1.00 22.49 ? 88  GLY A C   1 
ATOM   705  O O   . GLY A 1 92  ? 13.208  2.503   9.927   1.00 26.00 ? 88  GLY A O   1 
ATOM   706  N N   . GLY A 1 93  ? 12.150  4.475   9.789   1.00 18.48 ? 89  GLY A N   1 
ATOM   707  C CA  . GLY A 1 93  ? 12.327  4.568   8.330   1.00 16.63 ? 89  GLY A CA  1 
ATOM   708  C C   . GLY A 1 93  ? 11.294  3.863   7.444   1.00 14.40 ? 89  GLY A C   1 
ATOM   709  O O   . GLY A 1 93  ? 11.379  3.948   6.242   1.00 17.16 ? 89  GLY A O   1 
ATOM   710  N N   . VAL A 1 94  ? 10.387  3.112   8.068   1.00 13.42 ? 90  VAL A N   1 
ATOM   711  C CA  . VAL A 1 94  ? 9.376   2.340   7.378   1.00 11.52 ? 90  VAL A CA  1 
ATOM   712  C C   . VAL A 1 94  ? 8.038   3.028   7.524   1.00 11.30 ? 90  VAL A C   1 
ATOM   713  O O   . VAL A 1 94  ? 7.633   3.412   8.622   1.00 11.84 ? 90  VAL A O   1 
ATOM   714  C CB  . VAL A 1 94  ? 9.282   0.916   7.991   1.00 13.24 ? 90  VAL A CB  1 
ATOM   715  C CG1 . VAL A 1 94  ? 8.189   0.066   7.320   1.00 16.64 ? 90  VAL A CG1 1 
ATOM   716  C CG2 . VAL A 1 94  ? 10.634  0.216   7.940   1.00 17.60 ? 90  VAL A CG2 1 
ATOM   717  N N   . LEU A 1 95  ? 7.320   3.197   6.421   1.00 10.71 ? 91  LEU A N   1 
ATOM   718  C CA  . LEU A 1 95  ? 5.957   3.728   6.455   1.00 11.16 ? 91  LEU A CA  1 
ATOM   719  C C   . LEU A 1 95  ? 5.042   2.570   6.822   1.00 10.54 ? 91  LEU A C   1 
ATOM   720  O O   . LEU A 1 95  ? 4.975   1.588   6.107   1.00 11.79 ? 91  LEU A O   1 
ATOM   721  C CB  . LEU A 1 95  ? 5.509   4.326   5.135   1.00 13.88 ? 91  LEU A CB  1 
ATOM   722  C CG  . LEU A 1 95  ? 5.977   5.698   4.730   1.00 16.33 ? 91  LEU A CG  1 
ATOM   723  C CD1 . LEU A 1 95  ? 5.705   5.945   3.229   1.00 19.74 ? 91  LEU A CD1 1 
ATOM   724  C CD2 . LEU A 1 95  ? 5.288   6.727   5.639   1.00 15.38 ? 91  LEU A CD2 1 
ATOM   725  N N   . VAL A 1 96  ? 4.313   2.706   7.926   1.00 10.78 ? 92  VAL A N   1 
ATOM   726  C CA  . VAL A 1 96  ? 3.457   1.656   8.458   1.00 10.74 ? 92  VAL A CA  1 
ATOM   727  C C   . VAL A 1 96  ? 2.010   2.150   8.365   1.00 10.50 ? 92  VAL A C   1 
ATOM   728  O O   . VAL A 1 96  ? 1.649   3.148   9.018   1.00 12.24 ? 92  VAL A O   1 
ATOM   729  C CB  . VAL A 1 96  ? 3.817   1.323   9.891   1.00 11.72 ? 92  VAL A CB  1 
ATOM   730  C CG1 . VAL A 1 96  ? 2.875   0.229   10.423  1.00 14.36 ? 92  VAL A CG1 1 
ATOM   731  C CG2 . VAL A 1 96  ? 5.311   0.928   10.025  1.00 13.84 ? 92  VAL A CG2 1 
ATOM   732  N N   . HIS A 1 97  ? 1.210   1.472   7.566   1.00 10.52 ? 93  HIS A N   1 
ATOM   733  C CA  . HIS A 1 97  ? -0.175  1.837   7.276   1.00 9.31  ? 93  HIS A CA  1 
ATOM   734  C C   . HIS A 1 97  ? -1.094  0.805   7.855   1.00 10.71 ? 93  HIS A C   1 
ATOM   735  O O   . HIS A 1 97  ? -1.080  -0.350  7.448   1.00 12.23 ? 93  HIS A O   1 
ATOM   736  C CB  . HIS A 1 97  ? -0.283  1.946   5.752   1.00 10.24 ? 93  HIS A CB  1 
ATOM   737  C CG  . HIS A 1 97  ? -1.619  2.299   5.184   1.00 11.59 ? 93  HIS A CG  1 
ATOM   738  N ND1 . HIS A 1 97  ? -1.784  2.403   3.842   1.00 13.18 ? 93  HIS A ND1 1 
ATOM   739  C CD2 . HIS A 1 97  ? -2.847  2.573   5.766   1.00 12.07 ? 93  HIS A CD2 1 
ATOM   740  C CE1 . HIS A 1 97  ? -3.034  2.756   3.593   1.00 15.71 ? 93  HIS A CE1 1 
ATOM   741  N NE2 . HIS A 1 97  ? -3.693  2.854   4.761   1.00 14.61 ? 93  HIS A NE2 1 
ATOM   742  N N   . VAL A 1 98  ? -1.887  1.188   8.869   1.00 11.12 ? 94  VAL A N   1 
ATOM   743  C CA  . VAL A 1 98  ? -2.834  0.272   9.493   1.00 12.04 ? 94  VAL A CA  1 
ATOM   744  C C   . VAL A 1 98  ? -4.245  0.665   9.060   1.00 11.81 ? 94  VAL A C   1 
ATOM   745  O O   . VAL A 1 98  ? -4.584  1.859   9.088   1.00 14.75 ? 94  VAL A O   1 
ATOM   746  C CB  . VAL A 1 98  ? -2.663  0.272   11.030  1.00 14.43 ? 94  VAL A CB  1 
ATOM   747  C CG1 . VAL A 1 98  ? -3.654  -0.705  11.690  1.00 17.78 ? 94  VAL A CG1 1 
ATOM   748  C CG2 . VAL A 1 98  ? -1.196  -0.058  11.377  1.00 16.28 ? 94  VAL A CG2 1 
ATOM   749  N N   . GLN A 1 99  ? -5.027  -0.314  8.588   1.00 11.54 ? 95  GLN A N   1 
ATOM   750  C CA  . GLN A 1 99  ? -6.411  -0.164  8.172   1.00 13.09 ? 95  GLN A CA  1 
ATOM   751  C C   . GLN A 1 99  ? -7.306  -0.959  9.103   1.00 14.64 ? 95  GLN A C   1 
ATOM   752  O O   . GLN A 1 99  ? -7.061  -2.154  9.301   1.00 16.15 ? 95  GLN A O   1 
ATOM   753  C CB  . GLN A 1 99  ? -6.602  -0.682  6.761   1.00 14.66 ? 95  GLN A CB  1 
ATOM   754  C CG  . GLN A 1 99  ? -5.876  0.097   5.708   1.00 13.17 ? 95  GLN A CG  1 
ATOM   755  C CD  . GLN A 1 99  ? -6.029  -0.497  4.321   1.00 14.00 ? 95  GLN A CD  1 
ATOM   756  O OE1 . GLN A 1 99  ? -6.320  -1.683  4.195   1.00 17.12 ? 95  GLN A OE1 1 
ATOM   757  N NE2 . GLN A 1 99  ? -5.896  0.325   3.273   1.00 15.06 ? 95  GLN A NE2 1 
ATOM   758  N N   . LYS A 1 100 ? -8.348  -0.298  9.641   1.00 14.85 ? 96  LYS A N   1 
ATOM   759  C CA  . LYS A 1 100 ? -9.292  -0.937  10.572  1.00 17.34 ? 96  LYS A CA  1 
ATOM   760  C C   . LYS A 1 100 ? -10.698 -0.843  9.948   1.00 17.43 ? 96  LYS A C   1 
ATOM   761  O O   . LYS A 1 100 ? -11.124 0.215   9.477   1.00 18.39 ? 96  LYS A O   1 
ATOM   762  C CB  . LYS A 1 100 ? -9.326  -0.187  11.911  1.00 19.72 ? 96  LYS A CB  1 
ATOM   763  C CG  . LYS A 1 100 ? -8.028  -0.015  12.682  1.00 22.03 ? 96  LYS A CG  1 
ATOM   764  C CD  . LYS A 1 100 ? -7.433  -1.319  13.125  1.00 22.88 ? 96  LYS A CD  1 
ATOM   765  C CE  . LYS A 1 100 ? -6.312  -1.109  14.125  1.00 23.20 ? 96  LYS A CE  1 
ATOM   766  N NZ  . LYS A 1 100 ? -5.532  -2.327  14.454  1.00 26.39 ? 96  LYS A NZ  1 
ATOM   767  N N   . TRP A 1 101 ? -11.427 -1.958  9.964   1.00 18.01 ? 97  TRP A N   1 
ATOM   768  C CA  . TRP A 1 101 ? -12.818 -1.971  9.476   1.00 19.65 ? 97  TRP A CA  1 
ATOM   769  C C   . TRP A 1 101 ? -13.494 -3.208  10.004  1.00 20.57 ? 97  TRP A C   1 
ATOM   770  O O   . TRP A 1 101 ? -12.868 -4.244  10.119  1.00 21.80 ? 97  TRP A O   1 
ATOM   771  C CB  . TRP A 1 101 ? -12.849 -1.927  7.930   1.00 19.72 ? 97  TRP A CB  1 
ATOM   772  C CG  . TRP A 1 101 ? -12.568 -3.245  7.288   1.00 19.14 ? 97  TRP A CG  1 
ATOM   773  C CD1 . TRP A 1 101 ? -13.478 -4.104  6.715   1.00 18.87 ? 97  TRP A CD1 1 
ATOM   774  C CD2 . TRP A 1 101 ? -11.287 -3.931  7.228   1.00 19.28 ? 97  TRP A CD2 1 
ATOM   775  N NE1 . TRP A 1 101 ? -12.857 -5.242  6.262   1.00 19.50 ? 97  TRP A NE1 1 
ATOM   776  C CE2 . TRP A 1 101 ? -11.522 -5.184  6.550   1.00 19.00 ? 97  TRP A CE2 1 
ATOM   777  C CE3 . TRP A 1 101 ? -9.987  -3.611  7.622   1.00 18.51 ? 97  TRP A CE3 1 
ATOM   778  C CZ2 . TRP A 1 101 ? -10.507 -6.093  6.326   1.00 17.75 ? 97  TRP A CZ2 1 
ATOM   779  C CZ3 . TRP A 1 101 ? -8.958  -4.545  7.390   1.00 17.06 ? 97  TRP A CZ3 1 
ATOM   780  C CH2 . TRP A 1 101 ? -9.221  -5.748  6.740   1.00 19.32 ? 97  TRP A CH2 1 
ATOM   781  N N   . ASP A 1 102 ? -14.754 -3.086  10.410  1.00 25.72 ? 98  ASP A N   1 
ATOM   782  C CA  . ASP A 1 102 ? -15.541 -4.203  10.946  1.00 28.99 ? 98  ASP A CA  1 
ATOM   783  C C   . ASP A 1 102 ? -14.828 -5.099  11.954  1.00 26.91 ? 98  ASP A C   1 
ATOM   784  O O   . ASP A 1 102 ? -14.927 -6.316  11.878  1.00 32.67 ? 98  ASP A O   1 
ATOM   785  C CB  . ASP A 1 102 ? -16.045 -5.047  9.776   1.00 34.99 ? 98  ASP A CB  1 
ATOM   786  C CG  . ASP A 1 102 ? -16.916 -4.249  8.837   1.00 41.58 ? 98  ASP A CG  1 
ATOM   787  O OD1 . ASP A 1 102 ? -17.455 -3.215  9.288   1.00 52.82 ? 98  ASP A OD1 1 
ATOM   788  O OD2 . ASP A 1 102 ? -17.057 -4.644  7.661   1.00 47.48 ? 98  ASP A OD2 1 
ATOM   789  N N   . GLY A 1 103 ? -14.111 -4.507  12.896  1.00 26.96 ? 99  GLY A N   1 
ATOM   790  C CA  . GLY A 1 103 ? -13.361 -5.279  13.875  1.00 28.00 ? 99  GLY A CA  1 
ATOM   791  C C   . GLY A 1 103 ? -12.107 -5.988  13.370  1.00 29.38 ? 99  GLY A C   1 
ATOM   792  O O   . GLY A 1 103 ? -11.447 -6.689  14.151  1.00 30.92 ? 99  GLY A O   1 
ATOM   793  N N   . LYS A 1 104 ? -11.765 -5.801  12.088  1.00 23.33 ? 100 LYS A N   1 
ATOM   794  C CA  . LYS A 1 104 ? -10.587 -6.434  11.476  1.00 22.02 ? 100 LYS A CA  1 
ATOM   795  C C   . LYS A 1 104 ? -9.480  -5.380  11.340  1.00 19.97 ? 100 LYS A C   1 
ATOM   796  O O   . LYS A 1 104 ? -9.722  -4.155  11.432  1.00 19.94 ? 100 LYS A O   1 
ATOM   797  C CB  . LYS A 1 104 ? -10.941 -6.978  10.087  1.00 22.26 ? 100 LYS A CB  1 
ATOM   798  C CG  . LYS A 1 104 ? -12.014 -8.063  10.096  1.00 29.26 ? 100 LYS A CG  1 
ATOM   799  C CD  . LYS A 1 104 ? -12.593 -8.250  8.710   1.00 34.10 ? 100 LYS A CD  1 
ATOM   800  C CE  . LYS A 1 104 ? -13.858 -9.080  8.743   1.00 41.35 ? 100 LYS A CE  1 
ATOM   801  N NZ  . LYS A 1 104 ? -14.787 -8.648  7.661   1.00 55.75 ? 100 LYS A NZ  1 
ATOM   802  N N   . SER A 1 105 ? -8.281  -5.862  11.037  1.00 18.01 ? 101 SER A N   1 
ATOM   803  C CA  . SER A 1 105 ? -7.148  -4.959  10.847  1.00 16.95 ? 101 SER A CA  1 
ATOM   804  C C   . SER A 1 105 ? -6.163  -5.591  9.881   1.00 14.69 ? 101 SER A C   1 
ATOM   805  O O   . SER A 1 105 ? -5.908  -6.799  9.932   1.00 17.42 ? 101 SER A O   1 
ATOM   806  C CB  . SER A 1 105 ? -6.457  -4.730  12.182  1.00 20.02 ? 101 SER A CB  1 
ATOM   807  O OG  . SER A 1 105 ? -5.396  -3.816  12.103  1.00 22.40 ? 101 SER A OG  1 
ATOM   808  N N   . THR A 1 106 ? -5.559  -4.757  9.032   1.00 14.21 ? 102 THR A N   1 
ATOM   809  C CA  . THR A 1 106 ? -4.460  -5.176  8.159   1.00 12.24 ? 102 THR A CA  1 
ATOM   810  C C   . THR A 1 106 ? -3.376  -4.098  8.209   1.00 11.93 ? 102 THR A C   1 
ATOM   811  O O   . THR A 1 106 ? -3.700  -2.923  8.407   1.00 13.34 ? 102 THR A O   1 
ATOM   812  C CB  . THR A 1 106 ? -4.955  -5.471  6.743   1.00 13.85 ? 102 THR A CB  1 
ATOM   813  O OG1 . THR A 1 106 ? -3.883  -6.029  5.966   1.00 15.05 ? 102 THR A OG1 1 
ATOM   814  C CG2 . THR A 1 106 ? -5.518  -4.276  6.005   1.00 15.24 ? 102 THR A CG2 1 
ATOM   815  N N   . THR A 1 107 ? -2.124  -4.501  8.000   1.00 12.38 ? 103 THR A N   1 
ATOM   816  C CA  . THR A 1 107 ? -0.987  -3.578  8.022   1.00 12.49 ? 103 THR A CA  1 
ATOM   817  C C   . THR A 1 107 ? -0.223  -3.708  6.724   1.00 11.95 ? 103 THR A C   1 
ATOM   818  O O   . THR A 1 107 ? 0.100   -4.825  6.285   1.00 14.66 ? 103 THR A O   1 
ATOM   819  C CB  . THR A 1 107 ? -0.062  -3.817  9.244   1.00 15.11 ? 103 THR A CB  1 
ATOM   820  O OG1 . THR A 1 107 ? -0.810  -3.565  10.445  1.00 19.47 ? 103 THR A OG1 1 
ATOM   821  C CG2 . THR A 1 107 ? 1.154   -2.875  9.260   1.00 16.97 ? 103 THR A CG2 1 
ATOM   822  N N   . ILE A 1 108 ? 0.082   -2.570  6.126   1.00 11.30 ? 104 ILE A N   1 
ATOM   823  C CA  . ILE A 1 108 ? 0.865   -2.459  4.900   1.00 11.31 ? 104 ILE A CA  1 
ATOM   824  C C   . ILE A 1 108 ? 2.093   -1.638  5.259   1.00 12.06 ? 104 ILE A C   1 
ATOM   825  O O   . ILE A 1 108 ? 1.977   -0.498  5.668   1.00 12.27 ? 104 ILE A O   1 
ATOM   826  C CB  . ILE A 1 108 ? 0.080   -1.751  3.770   1.00 11.90 ? 104 ILE A CB  1 
ATOM   827  C CG1 . ILE A 1 108 ? -1.239  -2.476  3.478   1.00 14.31 ? 104 ILE A CG1 1 
ATOM   828  C CG2 . ILE A 1 108 ? 0.959   -1.614  2.519   1.00 14.65 ? 104 ILE A CG2 1 
ATOM   829  C CD1 . ILE A 1 108 ? -2.367  -1.603  2.982   1.00 24.25 ? 104 ILE A CD1 1 
ATOM   830  N N   . LYS A 1 109 ? 3.265   -2.219  5.046   1.00 10.85 ? 105 LYS A N   1 
ATOM   831  C CA  . LYS A 1 109 ? 4.540   -1.591  5.303   1.00 11.59 ? 105 LYS A CA  1 
ATOM   832  C C   . LYS A 1 109 ? 5.245   -1.303  3.984   1.00 11.18 ? 105 LYS A C   1 
ATOM   833  O O   . LYS A 1 109 ? 5.261   -2.155  3.103   1.00 14.35 ? 105 LYS A O   1 
ATOM   834  C CB  . LYS A 1 109 ? 5.419   -2.450  6.221   1.00 13.95 ? 105 LYS A CB  1 
ATOM   835  C CG  . LYS A 1 109 ? 4.917   -2.558  7.649   1.00 14.25 ? 105 LYS A CG  1 
ATOM   836  C CD  . LYS A 1 109 ? 5.883   -3.306  8.576   1.00 21.35 ? 105 LYS A CD  1 
ATOM   837  C CE  . LYS A 1 109 ? 5.399   -3.365  10.036  1.00 25.07 ? 105 LYS A CE  1 
ATOM   838  N NZ  . LYS A 1 109 ? 6.294   -4.246  10.862  1.00 33.35 ? 105 LYS A NZ  1 
ATOM   839  N N   . ARG A 1 110 ? 5.800   -0.099  3.853   1.00 11.20 ? 106 ARG A N   1 
ATOM   840  C CA  . ARG A 1 110 ? 6.543   0.313   2.673   1.00 11.76 ? 106 ARG A CA  1 
ATOM   841  C C   . ARG A 1 110 ? 7.940   0.718   3.148   1.00 12.17 ? 106 ARG A C   1 
ATOM   842  O O   . ARG A 1 110 ? 8.083   1.536   4.055   1.00 12.01 ? 106 ARG A O   1 
ATOM   843  C CB  . ARG A 1 110 ? 5.803   1.476   1.963   1.00 12.90 ? 106 ARG A CB  1 
ATOM   844  C CG  . ARG A 1 110 ? 4.413   1.091   1.397   1.00 14.71 ? 106 ARG A CG  1 
ATOM   845  C CD  . ARG A 1 110 ? 3.580   2.273   0.915   1.00 17.19 ? 106 ARG A CD  1 
ATOM   846  N NE  . ARG A 1 110 ? 2.256   1.939   0.328   1.00 17.29 ? 106 ARG A NE  1 
ATOM   847  C CZ  . ARG A 1 110 ? 1.095   1.956   0.971   1.00 18.62 ? 106 ARG A CZ  1 
ATOM   848  N NH1 . ARG A 1 110 ? 0.991   2.256   2.256   1.00 18.85 ? 106 ARG A NH1 1 
ATOM   849  N NH2 . ARG A 1 110 ? -0.013  1.659   0.283   1.00 26.84 ? 106 ARG A NH2 1 
ATOM   850  N N   . LYS A 1 111 ? 8.970   0.153   2.524   1.00 12.71 ? 107 LYS A N   1 
ATOM   851  C CA  . LYS A 1 111 ? 10.344  0.411   2.918   1.00 15.05 ? 107 LYS A CA  1 
ATOM   852  C C   . LYS A 1 111 ? 11.212  0.487   1.687   1.00 14.64 ? 107 LYS A C   1 
ATOM   853  O O   . LYS A 1 111 ? 10.947  -0.162  0.681   1.00 14.73 ? 107 LYS A O   1 
ATOM   854  C CB  . LYS A 1 111 ? 10.919  -0.581  3.907   1.00 22.83 ? 107 LYS A CB  1 
ATOM   855  C CG  . LYS A 1 111 ? 10.846  -1.990  3.448   1.00 27.42 ? 107 LYS A CG  1 
ATOM   856  C CD  . LYS A 1 111 ? 10.973  -2.989  4.617   1.00 37.82 ? 107 LYS A CD  1 
ATOM   857  C CE  . LYS A 1 111 ? 9.869   -2.858  5.672   1.00 43.05 ? 107 LYS A CE  1 
ATOM   858  N NZ  . LYS A 1 111 ? 9.302   -4.140  6.202   1.00 50.88 ? 107 LYS A NZ  1 
ATOM   859  N N   . ARG A 1 112 ? 12.262  1.294   1.808   1.00 12.51 ? 108 ARG A N   1 
ATOM   860  C CA  . ARG A 1 112 ? 13.288  1.370   0.778   1.00 12.64 ? 108 ARG A CA  1 
ATOM   861  C C   . ARG A 1 112 ? 14.334  0.334   1.100   1.00 14.95 ? 108 ARG A C   1 
ATOM   862  O O   . ARG A 1 112 ? 14.877  0.325   2.202   1.00 17.33 ? 108 ARG A O   1 
ATOM   863  C CB  . ARG A 1 112 ? 13.978  2.727   0.722   1.00 16.81 ? 108 ARG A CB  1 
ATOM   864  C CG  . ARG A 1 112 ? 13.253  3.761   -0.066  1.00 20.59 ? 108 ARG A CG  1 
ATOM   865  C CD  . ARG A 1 112 ? 13.253  3.436   -1.556  1.00 22.09 ? 108 ARG A CD  1 
ATOM   866  N NE  . ARG A 1 112 ? 14.562  3.133   -2.200  1.00 19.44 ? 108 ARG A NE  1 
ATOM   867  C CZ  . ARG A 1 112 ? 15.406  4.051   -2.706  1.00 18.61 ? 108 ARG A CZ  1 
ATOM   868  N NH1 . ARG A 1 112 ? 15.133  5.358   -2.664  1.00 17.17 ? 108 ARG A NH1 1 
ATOM   869  N NH2 . ARG A 1 112 ? 16.543  3.691   -3.266  1.00 24.44 ? 108 ARG A NH2 1 
ATOM   870  N N   . GLU A 1 113 ? 14.651  -0.498  0.102   1.00 13.79 ? 109 GLU A N   1 
ATOM   871  C CA  A GLU A 1 113 ? 15.676  -1.543  0.217   0.50 15.32 ? 109 GLU A CA  1 
ATOM   872  C CA  B GLU A 1 113 ? 15.687  -1.528  0.224   0.50 15.43 ? 109 GLU A CA  1 
ATOM   873  C C   . GLU A 1 113 ? 16.475  -1.527  -1.082  1.00 14.54 ? 109 GLU A C   1 
ATOM   874  O O   . GLU A 1 113 ? 15.927  -1.831  -2.156  1.00 15.51 ? 109 GLU A O   1 
ATOM   875  C CB  A GLU A 1 113 ? 15.038  -2.929  0.425   0.50 18.47 ? 109 GLU A CB  1 
ATOM   876  C CB  B GLU A 1 113 ? 15.058  -2.904  0.469   0.50 19.39 ? 109 GLU A CB  1 
ATOM   877  C CG  A GLU A 1 113 ? 14.336  -3.102  1.766   0.50 21.41 ? 109 GLU A CG  1 
ATOM   878  C CG  B GLU A 1 113 ? 16.053  -4.051  0.664   0.50 22.39 ? 109 GLU A CG  1 
ATOM   879  C CD  A GLU A 1 113 ? 13.810  -4.509  2.052   0.50 23.86 ? 109 GLU A CD  1 
ATOM   880  C CD  B GLU A 1 113 ? 15.426  -5.422  0.419   0.50 30.96 ? 109 GLU A CD  1 
ATOM   881  O OE1 A GLU A 1 113 ? 14.161  -5.447  1.307   0.50 34.54 ? 109 GLU A OE1 1 
ATOM   882  O OE1 B GLU A 1 113 ? 14.241  -5.607  0.749   0.50 37.14 ? 109 GLU A OE1 1 
ATOM   883  O OE2 A GLU A 1 113 ? 13.064  -4.648  3.012   0.50 31.93 ? 109 GLU A OE2 1 
ATOM   884  O OE2 B GLU A 1 113 ? 16.113  -6.329  -0.106  0.50 36.87 ? 109 GLU A OE2 1 
ATOM   885  N N   . ASP A 1 114 ? 17.746  -1.150  -1.019  1.00 13.79 ? 110 ASP A N   1 
ATOM   886  C CA  . ASP A 1 114 ? 18.554  -0.948  -2.234  1.00 14.45 ? 110 ASP A CA  1 
ATOM   887  C C   . ASP A 1 114 ? 17.808  0.040   -3.132  1.00 13.41 ? 110 ASP A C   1 
ATOM   888  O O   . ASP A 1 114 ? 17.370  1.081   -2.642  1.00 13.60 ? 110 ASP A O   1 
ATOM   889  C CB  . ASP A 1 114 ? 18.903  -2.294  -2.858  1.00 15.87 ? 110 ASP A CB  1 
ATOM   890  C CG  . ASP A 1 114 ? 19.722  -3.150  -1.925  1.00 23.50 ? 110 ASP A CG  1 
ATOM   891  O OD1 . ASP A 1 114 ? 20.592  -2.592  -1.212  1.00 24.57 ? 110 ASP A OD1 1 
ATOM   892  O OD2 . ASP A 1 114 ? 19.516  -4.388  -1.894  1.00 28.31 ? 110 ASP A OD2 1 
ATOM   893  N N   . ASP A 1 115 ? 17.653  -0.242  -4.417  1.00 14.77 ? 111 ASP A N   1 
ATOM   894  C CA  . ASP A 1 115 ? 16.957  0.676   -5.317  1.00 15.17 ? 111 ASP A CA  1 
ATOM   895  C C   . ASP A 1 115 ? 15.460  0.356   -5.439  1.00 16.12 ? 111 ASP A C   1 
ATOM   896  O O   . ASP A 1 115 ? 14.770  0.874   -6.311  1.00 20.61 ? 111 ASP A O   1 
ATOM   897  C CB  . ASP A 1 115 ? 17.629  0.691   -6.677  1.00 16.84 ? 111 ASP A CB  1 
ATOM   898  C CG  . ASP A 1 115 ? 18.946  1.446   -6.650  1.00 16.92 ? 111 ASP A CG  1 
ATOM   899  O OD1 . ASP A 1 115 ? 19.022  2.491   -5.966  1.00 21.30 ? 111 ASP A OD1 1 
ATOM   900  O OD2 . ASP A 1 115 ? 19.875  0.964   -7.300  1.00 24.15 ? 111 ASP A OD2 1 
ATOM   901  N N   . LYS A 1 116 ? 14.953  -0.510  -4.574  1.00 14.62 ? 112 LYS A N   1 
ATOM   902  C CA  A LYS A 1 116 ? 13.550  -0.912  -4.639  0.50 14.11 ? 112 LYS A CA  1 
ATOM   903  C CA  B LYS A 1 116 ? 13.552  -0.939  -4.613  0.50 14.28 ? 112 LYS A CA  1 
ATOM   904  C C   . LYS A 1 116 ? 12.731  -0.276  -3.513  1.00 12.96 ? 112 LYS A C   1 
ATOM   905  O O   . LYS A 1 116 ? 13.274  0.161   -2.500  1.00 14.37 ? 112 LYS A O   1 
ATOM   906  C CB  A LYS A 1 116 ? 13.460  -2.429  -4.538  0.50 17.27 ? 112 LYS A CB  1 
ATOM   907  C CB  B LYS A 1 116 ? 13.474  -2.444  -4.379  0.50 16.69 ? 112 LYS A CB  1 
ATOM   908  C CG  A LYS A 1 116 ? 14.145  -3.183  -5.689  0.50 22.04 ? 112 LYS A CG  1 
ATOM   909  C CG  B LYS A 1 116 ? 14.367  -3.278  -5.293  0.50 22.79 ? 112 LYS A CG  1 
ATOM   910  C CD  A LYS A 1 116 ? 14.681  -4.517  -5.188  0.50 30.67 ? 112 LYS A CD  1 
ATOM   911  C CD  B LYS A 1 116 ? 14.573  -4.664  -4.707  0.50 29.44 ? 112 LYS A CD  1 
ATOM   912  C CE  A LYS A 1 116 ? 14.993  -5.524  -6.296  0.50 31.51 ? 112 LYS A CE  1 
ATOM   913  C CE  B LYS A 1 116 ? 14.507  -4.644  -3.190  0.50 32.76 ? 112 LYS A CE  1 
ATOM   914  N NZ  A LYS A 1 116 ? 15.541  -4.914  -7.535  0.50 30.88 ? 112 LYS A NZ  1 
ATOM   915  N NZ  B LYS A 1 116 ? 15.812  -4.900  -2.530  0.50 31.72 ? 112 LYS A NZ  1 
ATOM   916  N N   . LEU A 1 117 ? 11.428  -0.214  -3.737  1.00 12.37 ? 113 LEU A N   1 
ATOM   917  C CA  . LEU A 1 117 ? 10.501  0.071   -2.712  1.00 12.06 ? 113 LEU A CA  1 
ATOM   918  C C   . LEU A 1 117 ? 9.709   -1.237  -2.502  1.00 11.11 ? 113 LEU A C   1 
ATOM   919  O O   . LEU A 1 117 ? 9.064   -1.732  -3.423  1.00 13.79 ? 113 LEU A O   1 
ATOM   920  C CB  . LEU A 1 117 ? 9.651   1.283   -3.067  1.00 15.54 ? 113 LEU A CB  1 
ATOM   921  C CG  . LEU A 1 117 ? 8.750   1.916   -2.013  1.00 20.22 ? 113 LEU A CG  1 
ATOM   922  C CD1 . LEU A 1 117 ? 8.242   3.230   -2.567  1.00 18.84 ? 113 LEU A CD1 1 
ATOM   923  C CD2 . LEU A 1 117 ? 7.589   1.003   -1.698  1.00 26.38 ? 113 LEU A CD2 1 
ATOM   924  N N   . VAL A 1 118 ? 9.805   -1.788  -1.284  1.00 12.72 ? 114 VAL A N   1 
ATOM   925  C CA  . VAL A 1 118 ? 9.194   -3.069  -0.936  1.00 13.22 ? 114 VAL A CA  1 
ATOM   926  C C   . VAL A 1 118 ? 7.939   -2.836  -0.117  1.00 12.35 ? 114 VAL A C   1 
ATOM   927  O O   . VAL A 1 118 ? 8.003   -2.072  0.858   1.00 14.31 ? 114 VAL A O   1 
ATOM   928  C CB  . VAL A 1 118 ? 10.189  -3.983  -0.213  1.00 14.43 ? 114 VAL A CB  1 
ATOM   929  C CG1 . VAL A 1 118 ? 9.546   -5.337  0.125   1.00 17.83 ? 114 VAL A CG1 1 
ATOM   930  C CG2 . VAL A 1 118 ? 11.464  -4.178  -1.064  1.00 17.37 ? 114 VAL A CG2 1 
ATOM   931  N N   . VAL A 1 119 ? 6.823   -3.439  -0.555  1.00 12.86 ? 115 VAL A N   1 
ATOM   932  C CA  . VAL A 1 119 ? 5.542   -3.284  0.100   1.00 12.40 ? 115 VAL A CA  1 
ATOM   933  C C   . VAL A 1 119 ? 5.154   -4.656  0.657   1.00 13.85 ? 115 VAL A C   1 
ATOM   934  O O   . VAL A 1 119 ? 5.014   -5.646  -0.084  1.00 15.74 ? 115 VAL A O   1 
ATOM   935  C CB  . VAL A 1 119 ? 4.491   -2.810  -0.890  1.00 13.26 ? 115 VAL A CB  1 
ATOM   936  C CG1 . VAL A 1 119 ? 3.149   -2.616  -0.206  1.00 16.15 ? 115 VAL A CG1 1 
ATOM   937  C CG2 . VAL A 1 119 ? 4.919   -1.508  -1.599  1.00 15.81 ? 115 VAL A CG2 1 
ATOM   938  N N   . GLU A 1 120 ? 4.988   -4.720  1.963   1.00 12.43 ? 116 GLU A N   1 
ATOM   939  C CA  . GLU A 1 120 ? 4.635   -5.957  2.673   1.00 12.99 ? 116 GLU A CA  1 
ATOM   940  C C   . GLU A 1 120 ? 3.274   -5.794  3.291   1.00 12.94 ? 116 GLU A C   1 
ATOM   941  O O   . GLU A 1 120 ? 3.059   -4.889  4.103   1.00 13.40 ? 116 GLU A O   1 
ATOM   942  C CB  . GLU A 1 120 ? 5.649   -6.242  3.729   1.00 15.32 ? 116 GLU A CB  1 
ATOM   943  C CG  . GLU A 1 120 ? 6.995   -6.712  3.164   1.00 25.70 ? 116 GLU A CG  1 
ATOM   944  C CD  . GLU A 1 120 ? 8.137   -6.783  4.177   1.00 37.03 ? 116 GLU A CD  1 
ATOM   945  O OE1 . GLU A 1 120 ? 7.919   -6.465  5.381   1.00 45.97 ? 116 GLU A OE1 1 
ATOM   946  O OE2 . GLU A 1 120 ? 9.266   -7.148  3.751   1.00 39.78 ? 116 GLU A OE2 1 
ATOM   947  N N   . CYS A 1 121 ? 2.357   -6.660  2.909   1.00 12.63 ? 117 CYS A N   1 
ATOM   948  C CA  . CYS A 1 121 ? 0.959   -6.580  3.321   1.00 12.57 ? 117 CYS A CA  1 
ATOM   949  C C   . CYS A 1 121 ? 0.686   -7.772  4.230   1.00 12.83 ? 117 CYS A C   1 
ATOM   950  O O   . CYS A 1 121 ? 0.936   -8.889  3.790   1.00 14.77 ? 117 CYS A O   1 
ATOM   951  C CB  . CYS A 1 121 ? 0.027   -6.612  2.092   1.00 15.16 ? 117 CYS A CB  1 
ATOM   952  S SG  . CYS A 1 121 ? 0.405   -5.422  0.849   1.00 21.41 ? 117 CYS A SG  1 
ATOM   953  N N   . VAL A 1 122 ? 0.114   -7.544  5.426   1.00 13.39 ? 118 VAL A N   1 
ATOM   954  C CA  . VAL A 1 122 ? -0.109  -8.625  6.348   1.00 12.50 ? 118 VAL A CA  1 
ATOM   955  C C   . VAL A 1 122 ? -1.540  -8.595  6.862   1.00 13.29 ? 118 VAL A C   1 
ATOM   956  O O   . VAL A 1 122 ? -2.038  -7.564  7.270   1.00 14.13 ? 118 VAL A O   1 
ATOM   957  C CB  . VAL A 1 122 ? 0.874   -8.521  7.545   1.00 15.54 ? 118 VAL A CB  1 
ATOM   958  C CG1 . VAL A 1 122 ? 0.540   -9.558  8.590   1.00 20.10 ? 118 VAL A CG1 1 
ATOM   959  C CG2 . VAL A 1 122 ? 2.331   -8.621  7.107   1.00 19.31 ? 118 VAL A CG2 1 
ATOM   960  N N   . MET A 1 123 ? -2.199  -9.746  6.843   1.00 16.06 ? 119 MET A N   1 
ATOM   961  C CA  . MET A 1 123 ? -3.558  -9.919  7.415   1.00 16.74 ? 119 MET A CA  1 
ATOM   962  C C   . MET A 1 123 ? -3.495  -11.264 8.138   1.00 17.52 ? 119 MET A C   1 
ATOM   963  O O   . MET A 1 123 ? -3.282  -12.291 7.472   1.00 19.21 ? 119 MET A O   1 
ATOM   964  C CB  . MET A 1 123 ? -4.594  -9.936  6.275   1.00 19.34 ? 119 MET A CB  1 
ATOM   965  C CG  . MET A 1 123 ? -6.027  -10.306 6.614   1.00 23.58 ? 119 MET A CG  1 
ATOM   966  S SD  . MET A 1 123 ? -6.717  -8.944  7.459   1.00 25.32 ? 119 MET A SD  1 
ATOM   967  C CE  . MET A 1 123 ? -8.286  -9.480  8.111   1.00 25.05 ? 119 MET A CE  1 
ATOM   968  N N   . LYS A 1 124 ? -3.633  -11.240 9.468   1.00 22.79 ? 120 LYS A N   1 
ATOM   969  C CA  . LYS A 1 124 ? -3.464  -12.378 10.327  1.00 24.20 ? 120 LYS A CA  1 
ATOM   970  C C   . LYS A 1 124 ? -2.125  -13.066 10.048  1.00 23.13 ? 120 LYS A C   1 
ATOM   971  O O   . LYS A 1 124 ? -1.034  -12.465 10.245  1.00 28.51 ? 120 LYS A O   1 
ATOM   972  C CB  . LYS A 1 124 ? -4.696  -13.283 10.205  1.00 24.00 ? 120 LYS A CB  1 
ATOM   973  C CG  . LYS A 1 124 ? -5.970  -12.662 10.797  1.00 30.16 ? 120 LYS A CG  1 
ATOM   974  C CD  . LYS A 1 124 ? -7.195  -12.894 9.936   1.00 40.49 ? 120 LYS A CD  1 
ATOM   975  C CE  . LYS A 1 124 ? -7.755  -14.300 10.080  1.00 49.16 ? 120 LYS A CE  1 
ATOM   976  N NZ  . LYS A 1 124 ? -8.634  -14.638 8.921   1.00 64.30 ? 120 LYS A NZ  1 
ATOM   977  N N   . GLY A 1 125 ? -2.156  -14.296 9.575   1.00 25.93 ? 121 GLY A N   1 
ATOM   978  C CA  . GLY A 1 125 ? -0.904  -14.994 9.356   1.00 23.91 ? 121 GLY A CA  1 
ATOM   979  C C   . GLY A 1 125 ? -0.350  -14.893 7.968   1.00 18.19 ? 121 GLY A C   1 
ATOM   980  O O   . GLY A 1 125 ? 0.696   -15.482 7.682   1.00 20.33 ? 121 GLY A O   1 
ATOM   981  N N   . VAL A 1 126 ? -1.050  -14.163 7.092   1.00 16.23 ? 122 VAL A N   1 
ATOM   982  C CA  . VAL A 1 126 ? -0.739  -14.140 5.628   1.00 15.46 ? 122 VAL A CA  1 
ATOM   983  C C   . VAL A 1 126 ? -0.005  -12.880 5.250   1.00 14.05 ? 122 VAL A C   1 
ATOM   984  O O   . VAL A 1 126 ? -0.481  -11.802 5.547   1.00 17.77 ? 122 VAL A O   1 
ATOM   985  C CB  . VAL A 1 126 ? -2.010  -14.309 4.805   1.00 18.34 ? 122 VAL A CB  1 
ATOM   986  C CG1 . VAL A 1 126 ? -1.731  -14.256 3.323   1.00 19.88 ? 122 VAL A CG1 1 
ATOM   987  C CG2 . VAL A 1 126 ? -2.737  -15.595 5.175   1.00 21.82 ? 122 VAL A CG2 1 
ATOM   988  N N   . THR A 1 127 ? 1.172   -13.023 4.658   1.00 14.44 ? 123 THR A N   1 
ATOM   989  C CA  . THR A 1 127 ? 2.034   -11.936 4.197   1.00 15.87 ? 123 THR A CA  1 
ATOM   990  C C   . THR A 1 127 ? 2.213   -12.001 2.707   1.00 15.86 ? 123 THR A C   1 
ATOM   991  O O   . THR A 1 127 ? 2.461   -13.096 2.137   1.00 18.97 ? 123 THR A O   1 
ATOM   992  C CB  . THR A 1 127 ? 3.430   -11.944 4.845   1.00 19.98 ? 123 THR A CB  1 
ATOM   993  O OG1 . THR A 1 127 ? 3.286   -11.970 6.268   1.00 28.67 ? 123 THR A OG1 1 
ATOM   994  C CG2 . THR A 1 127 ? 4.227   -10.728 4.377   1.00 19.14 ? 123 THR A CG2 1 
ATOM   995  N N   . SER A 1 128 ? 2.060   -10.860 2.060   1.00 14.95 ? 124 SER A N   1 
ATOM   996  C CA  . SER A 1 128 ? 2.375   -10.692 0.654   1.00 13.49 ? 124 SER A CA  1 
ATOM   997  C C   . SER A 1 128 ? 3.432   -9.642  0.508   1.00 12.83 ? 124 SER A C   1 
ATOM   998  O O   . SER A 1 128 ? 3.403   -8.624  1.164   1.00 15.77 ? 124 SER A O   1 
ATOM   999  C CB  . SER A 1 128 ? 1.105   -10.295 -0.117  1.00 14.90 ? 124 SER A CB  1 
ATOM   1000 O OG  . SER A 1 128 ? 1.369   -9.902  -1.466  1.00 16.53 ? 124 SER A OG  1 
ATOM   1001 N N   . THR A 1 129 ? 4.360   -9.878  -0.416  1.00 13.60 ? 125 THR A N   1 
ATOM   1002 C CA  . THR A 1 129 ? 5.458   -8.972  -0.681  1.00 13.28 ? 125 THR A CA  1 
ATOM   1003 C C   . THR A 1 129 ? 5.374   -8.534  -2.147  1.00 12.75 ? 125 THR A C   1 
ATOM   1004 O O   . THR A 1 129 ? 5.302   -9.374  -3.062  1.00 13.94 ? 125 THR A O   1 
ATOM   1005 C CB  . THR A 1 129 ? 6.804   -9.653  -0.409  1.00 15.75 ? 125 THR A CB  1 
ATOM   1006 O OG1 . THR A 1 129 ? 6.849   -10.059 0.962   1.00 20.79 ? 125 THR A OG1 1 
ATOM   1007 C CG2 . THR A 1 129 ? 7.974   -8.689  -0.718  1.00 19.61 ? 125 THR A CG2 1 
ATOM   1008 N N   . ARG A 1 130 ? 5.361   -7.231  -2.341  1.00 13.53 ? 126 ARG A N   1 
ATOM   1009 C CA  . ARG A 1 130 ? 5.301   -6.596  -3.652  1.00 13.70 ? 126 ARG A CA  1 
ATOM   1010 C C   . ARG A 1 130 ? 6.485   -5.672  -3.822  1.00 12.27 ? 126 ARG A C   1 
ATOM   1011 O O   . ARG A 1 130 ? 6.752   -4.840  -2.969  1.00 15.52 ? 126 ARG A O   1 
ATOM   1012 C CB  . ARG A 1 130 ? 3.968   -5.897  -3.800  1.00 15.43 ? 126 ARG A CB  1 
ATOM   1013 C CG  . ARG A 1 130 ? 2.934   -7.007  -3.996  1.00 17.94 ? 126 ARG A CG  1 
ATOM   1014 C CD  . ARG A 1 130 ? 1.536   -6.558  -3.881  1.00 18.76 ? 126 ARG A CD  1 
ATOM   1015 N NE  . ARG A 1 130 ? 1.011   -5.637  -4.882  1.00 16.48 ? 126 ARG A NE  1 
ATOM   1016 C CZ  . ARG A 1 130 ? 0.431   -5.986  -6.042  1.00 16.59 ? 126 ARG A CZ  1 
ATOM   1017 N NH1 . ARG A 1 130 ? 0.476   -7.237  -6.507  1.00 17.48 ? 126 ARG A NH1 1 
ATOM   1018 N NH2 . ARG A 1 130 ? -0.192  -5.055  -6.728  1.00 17.42 ? 126 ARG A NH2 1 
ATOM   1019 N N   . VAL A 1 131 ? 7.221   -5.838  -4.911  1.00 12.29 ? 127 VAL A N   1 
ATOM   1020 C CA  . VAL A 1 131 ? 8.455   -5.076  -5.119  1.00 11.97 ? 127 VAL A CA  1 
ATOM   1021 C C   . VAL A 1 131 ? 8.281   -4.120  -6.267  1.00 11.87 ? 127 VAL A C   1 
ATOM   1022 O O   . VAL A 1 131 ? 7.780   -4.525  -7.338  1.00 13.38 ? 127 VAL A O   1 
ATOM   1023 C CB  . VAL A 1 131 ? 9.643   -6.020  -5.413  1.00 14.88 ? 127 VAL A CB  1 
ATOM   1024 C CG1 . VAL A 1 131 ? 10.935  -5.257  -5.730  1.00 17.93 ? 127 VAL A CG1 1 
ATOM   1025 C CG2 . VAL A 1 131 ? 9.885   -6.947  -4.247  1.00 15.89 ? 127 VAL A CG2 1 
ATOM   1026 N N   . TYR A 1 132 ? 8.647   -2.861  -5.987  1.00 11.82 ? 128 TYR A N   1 
ATOM   1027 C CA  . TYR A 1 132 ? 8.568   -1.817  -6.991  1.00 12.28 ? 128 TYR A CA  1 
ATOM   1028 C C   . TYR A 1 132 ? 9.958   -1.245  -7.284  1.00 13.71 ? 128 TYR A C   1 
ATOM   1029 O O   . TYR A 1 132 ? 10.811  -1.226  -6.383  1.00 13.66 ? 128 TYR A O   1 
ATOM   1030 C CB  . TYR A 1 132 ? 7.680   -0.651  -6.519  1.00 12.31 ? 128 TYR A CB  1 
ATOM   1031 C CG  . TYR A 1 132 ? 6.228   -0.928  -6.363  1.00 11.61 ? 128 TYR A CG  1 
ATOM   1032 C CD1 . TYR A 1 132 ? 5.711   -1.723  -5.324  1.00 11.79 ? 128 TYR A CD1 1 
ATOM   1033 C CD2 . TYR A 1 132 ? 5.341   -0.397  -7.284  1.00 11.64 ? 128 TYR A CD2 1 
ATOM   1034 C CE1 . TYR A 1 132 ? 4.334   -1.935  -5.212  1.00 13.47 ? 128 TYR A CE1 1 
ATOM   1035 C CE2 . TYR A 1 132 ? 3.972   -0.584  -7.177  1.00 13.47 ? 128 TYR A CE2 1 
ATOM   1036 C CZ  . TYR A 1 132 ? 3.461   -1.343  -6.135  1.00 14.84 ? 128 TYR A CZ  1 
ATOM   1037 O OH  . TYR A 1 132 ? 2.080   -1.484  -6.168  1.00 17.10 ? 128 TYR A OH  1 
ATOM   1038 N N   . GLU A 1 133 ? 10.165  -0.816  -8.532  1.00 14.43 ? 129 GLU A N   1 
ATOM   1039 C CA  A GLU A 1 133 ? 11.411  -0.156  -8.976  0.50 15.68 ? 129 GLU A CA  1 
ATOM   1040 C CA  B GLU A 1 133 ? 11.399  -0.106  -8.898  0.50 17.21 ? 129 GLU A CA  1 
ATOM   1041 C C   . GLU A 1 133 ? 11.037  1.227   -9.512  1.00 15.07 ? 129 GLU A C   1 
ATOM   1042 O O   . GLU A 1 133 ? 9.899   1.467   -9.853  1.00 14.99 ? 129 GLU A O   1 
ATOM   1043 C CB  A GLU A 1 133 ? 12.214  -1.028  -9.984  0.50 18.71 ? 129 GLU A CB  1 
ATOM   1044 C CB  B GLU A 1 133 ? 12.303  -0.912  -9.827  0.50 21.16 ? 129 GLU A CB  1 
ATOM   1045 C CG  A GLU A 1 133 ? 12.391  -2.444  -9.433  0.50 21.48 ? 129 GLU A CG  1 
ATOM   1046 C CG  B GLU A 1 133 ? 11.700  -1.199  -11.180 0.50 22.39 ? 129 GLU A CG  1 
ATOM   1047 C CD  A GLU A 1 133 ? 13.647  -3.186  -9.849  0.50 27.99 ? 129 GLU A CD  1 
ATOM   1048 C CD  B GLU A 1 133 ? 12.674  -1.968  -12.078 0.50 26.59 ? 129 GLU A CD  1 
ATOM   1049 O OE1 A GLU A 1 133 ? 13.897  -3.296  -11.068 0.50 36.18 ? 129 GLU A OE1 1 
ATOM   1050 O OE1 B GLU A 1 133 ? 13.645  -2.539  -11.550 0.50 35.36 ? 129 GLU A OE1 1 
ATOM   1051 O OE2 A GLU A 1 133 ? 14.343  -3.714  -8.942  0.50 31.17 ? 129 GLU A OE2 1 
ATOM   1052 O OE2 B GLU A 1 133 ? 12.473  -2.028  -13.300 0.50 35.57 ? 129 GLU A OE2 1 
ATOM   1053 N N   . ARG A 1 134 ? 12.024  2.116   -9.613  1.00 16.02 ? 130 ARG A N   1 
ATOM   1054 C CA  . ARG A 1 134 ? 11.762  3.429   -10.188 1.00 15.76 ? 130 ARG A CA  1 
ATOM   1055 C C   . ARG A 1 134 ? 11.291  3.304   -11.625 1.00 16.93 ? 130 ARG A C   1 
ATOM   1056 O O   . ARG A 1 134 ? 11.829  2.483   -12.378 1.00 20.17 ? 130 ARG A O   1 
ATOM   1057 C CB  . ARG A 1 134 ? 12.988  4.353   -10.080 1.00 18.51 ? 130 ARG A CB  1 
ATOM   1058 C CG  . ARG A 1 134 ? 13.228  4.798   -8.640  1.00 19.46 ? 130 ARG A CG  1 
ATOM   1059 C CD  . ARG A 1 134 ? 14.030  6.065   -8.482  1.00 21.53 ? 130 ARG A CD  1 
ATOM   1060 N NE  . ARG A 1 134 ? 14.320  6.425   -7.112  1.00 24.73 ? 130 ARG A NE  1 
ATOM   1061 C CZ  . ARG A 1 134 ? 13.575  7.217   -6.352  1.00 21.20 ? 130 ARG A CZ  1 
ATOM   1062 N NH1 . ARG A 1 134 ? 12.426  7.762   -6.765  1.00 17.13 ? 130 ARG A NH1 1 
ATOM   1063 N NH2 . ARG A 1 134 ? 14.030  7.506   -5.162  1.00 22.26 ? 130 ARG A NH2 1 
ATOM   1064 N N   . ALA A 1 135 ? 10.279  4.109   -11.976 1.00 18.39 ? 131 ALA A N   1 
ATOM   1065 C CA  . ALA A 1 135 ? 9.743   4.130   -13.318 1.00 24.01 ? 131 ALA A CA  1 
ATOM   1066 C C   . ALA A 1 135 ? 10.734  4.864   -14.209 1.00 28.39 ? 131 ALA A C   1 
ATOM   1067 O O   . ALA A 1 135 ? 11.535  5.689   -13.736 1.00 38.70 ? 131 ALA A O   1 
ATOM   1068 C CB  . ALA A 1 135 ? 8.383   4.794   -13.342 1.00 34.01 ? 131 ALA A CB  1 
ATOM   1069 O OXT . ALA A 1 135 ? 10.807  4.631   -15.365 1.00 45.72 ? 131 ALA A OXT 1 
HETATM 1070 C C10 . WE6 B 2 .   ? -6.858  -4.196  -4.948  1.00 29.35 ? 201 WE6 A C10 1 
HETATM 1071 O O14 . WE6 B 2 .   ? -8.067  -4.781  -5.081  1.00 40.14 ? 201 WE6 A O14 1 
HETATM 1072 C C15 . WE6 B 2 .   ? -7.306  -5.359  -1.503  1.00 30.90 ? 201 WE6 A C15 1 
HETATM 1073 C C17 . WE6 B 2 .   ? -2.641  -3.183  -4.471  1.00 21.57 ? 201 WE6 A C17 1 
HETATM 1074 C C20 . WE6 B 2 .   ? -0.854  -3.220  -2.732  1.00 20.39 ? 201 WE6 A C20 1 
HETATM 1075 C C21 . WE6 B 2 .   ? -0.958  -2.784  -1.282  1.00 22.04 ? 201 WE6 A C21 1 
HETATM 1076 C C22 . WE6 B 2 .   ? -2.234  -3.419  -0.847  1.00 21.97 ? 201 WE6 A C22 1 
HETATM 1077 C C23 . WE6 B 2 .   ? -3.147  -3.149  -1.978  1.00 21.50 ? 201 WE6 A C23 1 
HETATM 1078 C C24 . WE6 B 2 .   ? 0.066   -2.370  -3.521  1.00 20.09 ? 201 WE6 A C24 1 
HETATM 1079 C C27 . WE6 B 2 .   ? -6.016  -5.934  -1.027  1.00 28.53 ? 201 WE6 A C27 1 
HETATM 1080 C C28 . WE6 B 2 .   ? -6.358  -4.511  -0.725  1.00 28.60 ? 201 WE6 A C28 1 
HETATM 1081 C C1  . WE6 B 2 .   ? -7.988  -3.154  -9.554  1.00 32.14 ? 201 WE6 A C1  1 
HETATM 1082 C C2  . WE6 B 2 .   ? -6.926  -2.411  -10.151 1.00 39.34 ? 201 WE6 A C2  1 
HETATM 1083 C C3  . WE6 B 2 .   ? -5.564  -2.672  -9.721  1.00 37.96 ? 201 WE6 A C3  1 
HETATM 1084 C C4  . WE6 B 2 .   ? -7.770  -3.724  -8.231  1.00 33.18 ? 201 WE6 A C4  1 
HETATM 1085 S S5  . WE6 B 2 .   ? -4.018  -2.712  -7.268  1.00 30.22 ? 201 WE6 A S5  1 
HETATM 1086 C C6  . WE6 B 2 .   ? -4.651  -3.195  -5.878  1.00 25.94 ? 201 WE6 A C6  1 
HETATM 1087 C C7  . WE6 B 2 .   ? -6.034  -3.599  -6.021  1.00 23.15 ? 201 WE6 A C7  1 
HETATM 1088 C C8  . WE6 B 2 .   ? -6.450  -3.455  -7.483  1.00 27.81 ? 201 WE6 A C8  1 
HETATM 1089 C C9  . WE6 B 2 .   ? -5.281  -2.876  -8.234  1.00 34.10 ? 201 WE6 A C9  1 
HETATM 1090 N N11 . WE6 B 2 .   ? -6.428  -4.379  -3.682  1.00 35.38 ? 201 WE6 A N11 1 
HETATM 1091 C C12 . WE6 B 2 .   ? -7.391  -5.022  -2.991  1.00 36.29 ? 201 WE6 A C12 1 
HETATM 1092 N N13 . WE6 B 2 .   ? -8.410  -5.273  -3.836  1.00 42.84 ? 201 WE6 A N13 1 
HETATM 1093 N N16 . WE6 B 2 .   ? -4.063  -3.212  -4.613  1.00 23.31 ? 201 WE6 A N16 1 
HETATM 1094 N N18 . WE6 B 2 .   ? -2.245  -3.159  -3.110  1.00 20.30 ? 201 WE6 A N18 1 
HETATM 1095 O O19 . WE6 B 2 .   ? -1.838  -3.205  -5.420  1.00 23.87 ? 201 WE6 A O19 1 
HETATM 1096 O O25 . WE6 B 2 .   ? -0.204  -1.102  -3.608  1.00 20.39 ? 201 WE6 A O25 1 
HETATM 1097 O O26 . WE6 B 2 .   ? 1.051   -2.853  -4.153  1.00 19.04 ? 201 WE6 A O26 1 
HETATM 1098 S S   . SO4 C 3 .   ? 17.866  6.755   -4.993  1.00 33.82 ? 202 SO4 A S   1 
HETATM 1099 O O1  . SO4 C 3 .   ? 18.394  5.392   -4.620  1.00 39.46 ? 202 SO4 A O1  1 
HETATM 1100 O O2  . SO4 C 3 .   ? 18.975  7.743   -5.033  1.00 39.49 ? 202 SO4 A O2  1 
HETATM 1101 O O3  . SO4 C 3 .   ? 16.797  7.244   -4.061  1.00 30.19 ? 202 SO4 A O3  1 
HETATM 1102 O O4  . SO4 C 3 .   ? 17.250  6.664   -6.351  1.00 55.72 ? 202 SO4 A O4  1 
HETATM 1103 S S   . SO4 D 3 .   ? 0.480   -13.190 -6.632  1.00 26.80 ? 203 SO4 A S   1 
HETATM 1104 O O1  . SO4 D 3 .   ? 0.020   -12.315 -7.758  1.00 47.13 ? 203 SO4 A O1  1 
HETATM 1105 O O2  . SO4 D 3 .   ? 1.350   -12.400 -5.786  1.00 18.54 ? 203 SO4 A O2  1 
HETATM 1106 O O3  . SO4 D 3 .   ? 1.351   -14.281 -7.198  1.00 32.79 ? 203 SO4 A O3  1 
HETATM 1107 O O4  . SO4 D 3 .   ? -0.723  -13.881 -5.996  1.00 28.19 ? 203 SO4 A O4  1 
HETATM 1108 O O   . HOH E 4 .   ? 6.929   -16.835 -6.884  1.00 47.87 ? 301 HOH A O   1 
HETATM 1109 O O   . HOH E 4 .   ? 4.820   -17.417 -5.150  1.00 33.79 ? 302 HOH A O   1 
HETATM 1110 O O   A HOH E 4 .   ? 2.973   -18.362 -2.155  0.50 29.88 ? 303 HOH A O   1 
HETATM 1111 O O   B HOH E 4 .   ? 4.349   -15.272 2.008   0.50 21.06 ? 303 HOH A O   1 
HETATM 1112 O O   . HOH E 4 .   ? 10.053  14.408  1.172   1.00 41.99 ? 304 HOH A O   1 
HETATM 1113 O O   . HOH E 4 .   ? 11.825  7.334   -11.882 1.00 30.93 ? 305 HOH A O   1 
HETATM 1114 O O   . HOH E 4 .   ? 7.287   -13.132 -7.731  1.00 40.11 ? 306 HOH A O   1 
HETATM 1115 O O   . HOH E 4 .   ? 6.186   19.275  -2.917  1.00 36.23 ? 307 HOH A O   1 
HETATM 1116 O O   . HOH E 4 .   ? 0.515   5.878   -13.656 1.00 40.46 ? 308 HOH A O   1 
HETATM 1117 O O   . HOH E 4 .   ? 3.814   -0.537  -13.125 1.00 38.04 ? 309 HOH A O   1 
HETATM 1118 O O   . HOH E 4 .   ? -13.895 5.342   6.755   1.00 29.59 ? 310 HOH A O   1 
HETATM 1119 O O   . HOH E 4 .   ? 21.392  6.935   -5.475  1.00 23.47 ? 311 HOH A O   1 
HETATM 1120 O O   . HOH E 4 .   ? 5.665   -2.801  -14.113 1.00 39.23 ? 312 HOH A O   1 
HETATM 1121 O O   . HOH E 4 .   ? -0.674  -10.466 11.847  1.00 42.20 ? 313 HOH A O   1 
HETATM 1122 O O   . HOH E 4 .   ? 13.180  9.807   -3.804  1.00 23.41 ? 314 HOH A O   1 
HETATM 1123 O O   . HOH E 4 .   ? 14.728  1.411   -8.864  1.00 25.88 ? 315 HOH A O   1 
HETATM 1124 O O   . HOH E 4 .   ? -2.588  -12.158 -7.549  1.00 44.88 ? 316 HOH A O   1 
HETATM 1125 O O   . HOH E 4 .   ? -1.440  -6.488  -8.918  1.00 23.03 ? 317 HOH A O   1 
HETATM 1126 O O   . HOH E 4 .   ? -5.645  13.035  -2.015  1.00 31.54 ? 318 HOH A O   1 
HETATM 1127 O O   . HOH E 4 .   ? 12.680  2.532   4.381   1.00 27.72 ? 319 HOH A O   1 
HETATM 1128 O O   . HOH E 4 .   ? 0.733   -8.156  -11.057 1.00 40.06 ? 320 HOH A O   1 
HETATM 1129 O O   . HOH E 4 .   ? -5.095  14.897  9.265   1.00 25.71 ? 321 HOH A O   1 
HETATM 1130 O O   . HOH E 4 .   ? -4.600  9.607   14.702  1.00 16.71 ? 322 HOH A O   1 
HETATM 1131 O O   . HOH E 4 .   ? 15.489  2.550   8.499   1.00 29.35 ? 323 HOH A O   1 
HETATM 1132 O O   . HOH E 4 .   ? 16.437  4.121   -6.735  1.00 45.79 ? 324 HOH A O   1 
HETATM 1133 O O   . HOH E 4 .   ? -13.244 -6.713  0.099   1.00 38.16 ? 325 HOH A O   1 
HETATM 1134 O O   . HOH E 4 .   ? 20.077  -1.089  -9.056  1.00 36.95 ? 326 HOH A O   1 
HETATM 1135 O O   . HOH E 4 .   ? 0.346   -8.456  -15.393 1.00 32.26 ? 327 HOH A O   1 
HETATM 1136 O O   . HOH E 4 .   ? -2.363  0.283   -2.684  1.00 22.53 ? 328 HOH A O   1 
HETATM 1137 O O   . HOH E 4 .   ? 7.214   -16.257 -1.696  1.00 36.85 ? 329 HOH A O   1 
HETATM 1138 O O   . HOH E 4 .   ? 3.216   14.072  7.987   1.00 15.48 ? 330 HOH A O   1 
HETATM 1139 O O   . HOH E 4 .   ? -7.328  3.783   -1.141  1.00 32.33 ? 331 HOH A O   1 
HETATM 1140 O O   . HOH E 4 .   ? -4.902  -9.169  10.878  1.00 34.35 ? 332 HOH A O   1 
HETATM 1141 O O   . HOH E 4 .   ? 9.299   -7.662  -13.565 1.00 42.64 ? 333 HOH A O   1 
HETATM 1142 O O   . HOH E 4 .   ? 11.644  -8.703  -7.363  1.00 33.20 ? 334 HOH A O   1 
HETATM 1143 O O   . HOH E 4 .   ? -13.516 -7.705  4.680   1.00 32.66 ? 335 HOH A O   1 
HETATM 1144 O O   . HOH E 4 .   ? 21.891  -1.026  0.643   1.00 23.51 ? 336 HOH A O   1 
HETATM 1145 O O   . HOH E 4 .   ? -5.456  -3.509  2.324   1.00 18.57 ? 337 HOH A O   1 
HETATM 1146 O O   . HOH E 4 .   ? -10.562 11.334  6.406   1.00 22.36 ? 338 HOH A O   1 
HETATM 1147 O O   . HOH E 4 .   ? -2.984  -5.018  11.311  1.00 25.94 ? 339 HOH A O   1 
HETATM 1148 O O   . HOH E 4 .   ? 2.041   16.244  -3.229  1.00 18.84 ? 340 HOH A O   1 
HETATM 1149 O O   . HOH E 4 .   ? 0.316   -2.928  12.886  1.00 35.58 ? 341 HOH A O   1 
HETATM 1150 O O   . HOH E 4 .   ? 16.567  -0.960  3.973   1.00 29.59 ? 342 HOH A O   1 
HETATM 1151 O O   . HOH E 4 .   ? -5.047  -12.750 -11.581 1.00 26.48 ? 343 HOH A O   1 
HETATM 1152 O O   . HOH E 4 .   ? 5.239   -17.268 -2.472  1.00 35.70 ? 344 HOH A O   1 
HETATM 1153 O O   . HOH E 4 .   ? -4.134  -16.173 9.063   1.00 39.94 ? 345 HOH A O   1 
HETATM 1154 O O   . HOH E 4 .   ? 2.837   1.819   4.286   1.00 13.23 ? 346 HOH A O   1 
HETATM 1155 O O   . HOH E 4 .   ? -8.559  12.207  12.405  1.00 38.85 ? 347 HOH A O   1 
HETATM 1156 O O   . HOH E 4 .   ? 14.325  1.248   -12.370 1.00 38.52 ? 348 HOH A O   1 
HETATM 1157 O O   . HOH E 4 .   ? -5.918  12.727  5.542   1.00 16.46 ? 349 HOH A O   1 
HETATM 1158 O O   . HOH E 4 .   ? 2.026   19.700  -4.329  1.00 21.50 ? 350 HOH A O   1 
HETATM 1159 O O   . HOH E 4 .   ? 0.095   0.473   -6.008  1.00 25.81 ? 351 HOH A O   1 
HETATM 1160 O O   . HOH E 4 .   ? 0.982   15.896  -0.773  1.00 16.25 ? 352 HOH A O   1 
HETATM 1161 O O   . HOH E 4 .   ? 2.483   -15.926 -5.244  1.00 24.00 ? 353 HOH A O   1 
HETATM 1162 O O   . HOH E 4 .   ? -5.310  -12.787 -7.665  1.00 26.51 ? 354 HOH A O   1 
HETATM 1163 O O   . HOH E 4 .   ? 10.331  -0.406  11.508  1.00 42.77 ? 355 HOH A O   1 
HETATM 1164 O O   . HOH E 4 .   ? -7.779  13.301  8.848   1.00 32.83 ? 356 HOH A O   1 
HETATM 1165 O O   . HOH E 4 .   ? -10.698 7.143   -0.011  1.00 27.81 ? 357 HOH A O   1 
HETATM 1166 O O   . HOH E 4 .   ? -2.049  8.969   8.939   1.00 12.43 ? 358 HOH A O   1 
HETATM 1167 O O   . HOH E 4 .   ? 11.319  6.730   11.251  1.00 34.17 ? 359 HOH A O   1 
HETATM 1168 O O   . HOH E 4 .   ? -4.345  0.776   -8.866  1.00 34.23 ? 360 HOH A O   1 
HETATM 1169 O O   . HOH E 4 .   ? 2.941   14.279  11.791  1.00 32.29 ? 361 HOH A O   1 
HETATM 1170 O O   . HOH E 4 .   ? -3.600  3.119   0.131   1.00 30.57 ? 362 HOH A O   1 
HETATM 1171 O O   . HOH E 4 .   ? -15.818 -11.876 -0.653  1.00 39.00 ? 363 HOH A O   1 
HETATM 1172 O O   . HOH E 4 .   ? 1.634   0.619   -2.296  1.00 25.51 ? 364 HOH A O   1 
HETATM 1173 O O   . HOH E 4 .   ? -5.610  -16.719 2.438   1.00 29.58 ? 365 HOH A O   1 
HETATM 1174 O O   . HOH E 4 .   ? -12.484 1.744   -4.816  1.00 39.44 ? 366 HOH A O   1 
HETATM 1175 O O   . HOH E 4 .   ? 0.512   3.399   11.839  1.00 22.25 ? 367 HOH A O   1 
HETATM 1176 O O   . HOH E 4 .   ? -0.116  -9.563  -8.493  1.00 31.67 ? 368 HOH A O   1 
HETATM 1177 O O   . HOH E 4 .   ? -3.566  18.524  11.264  1.00 39.86 ? 369 HOH A O   1 
HETATM 1178 O O   . HOH E 4 .   ? 1.733   20.992  5.384   1.00 21.20 ? 370 HOH A O   1 
HETATM 1179 O O   . HOH E 4 .   ? 7.643   -9.976  -4.683  1.00 23.33 ? 371 HOH A O   1 
HETATM 1180 O O   . HOH E 4 .   ? 1.579   11.486  -5.413  1.00 20.30 ? 372 HOH A O   1 
HETATM 1181 O O   . HOH E 4 .   ? -10.791 -3.024  13.849  1.00 31.43 ? 373 HOH A O   1 
HETATM 1182 O O   . HOH E 4 .   ? -6.595  0.072   -1.691  1.00 31.45 ? 374 HOH A O   1 
HETATM 1183 O O   . HOH E 4 .   ? -4.216  12.404  7.833   1.00 14.97 ? 375 HOH A O   1 
HETATM 1184 O O   . HOH E 4 .   ? -12.382 -13.576 0.192   1.00 33.89 ? 376 HOH A O   1 
HETATM 1185 O O   . HOH E 4 .   ? 7.443   15.360  -3.374  1.00 19.98 ? 377 HOH A O   1 
HETATM 1186 O O   . HOH E 4 .   ? -10.359 4.696   -11.202 1.00 41.12 ? 378 HOH A O   1 
HETATM 1187 O O   . HOH E 4 .   ? -6.455  -6.477  -14.732 1.00 18.19 ? 379 HOH A O   1 
HETATM 1188 O O   . HOH E 4 .   ? 5.219   8.947   12.321  1.00 21.93 ? 380 HOH A O   1 
HETATM 1189 O O   . HOH E 4 .   ? 13.331  9.621   3.637   1.00 39.66 ? 381 HOH A O   1 
HETATM 1190 O O   . HOH E 4 .   ? -6.583  3.616   11.786  1.00 22.99 ? 382 HOH A O   1 
HETATM 1191 O O   . HOH E 4 .   ? 18.066  -2.683  -5.959  1.00 24.21 ? 383 HOH A O   1 
HETATM 1192 O O   . HOH E 4 .   ? -8.537  6.562   -1.228  1.00 33.45 ? 384 HOH A O   1 
HETATM 1193 O O   . HOH E 4 .   ? 10.980  7.953   -9.301  1.00 21.41 ? 385 HOH A O   1 
HETATM 1194 O O   . HOH E 4 .   ? 6.387   12.261  -7.123  1.00 30.58 ? 386 HOH A O   1 
HETATM 1195 O O   . HOH E 4 .   ? 5.506   -6.687  7.028   1.00 35.71 ? 387 HOH A O   1 
HETATM 1196 O O   . HOH E 4 .   ? -15.342 -9.473  -6.704  1.00 26.63 ? 388 HOH A O   1 
HETATM 1197 O O   . HOH E 4 .   ? 8.144   -3.698  3.545   1.00 34.96 ? 389 HOH A O   1 
HETATM 1198 O O   . HOH E 4 .   ? -11.615 -11.023 6.592   1.00 41.69 ? 390 HOH A O   1 
HETATM 1199 O O   . HOH E 4 .   ? -16.541 -1.688  4.134   1.00 35.49 ? 391 HOH A O   1 
HETATM 1200 O O   . HOH E 4 .   ? -1.358  -16.054 -3.411  1.00 28.86 ? 392 HOH A O   1 
HETATM 1201 O O   . HOH E 4 .   ? -5.303  -0.985  0.678   1.00 26.14 ? 393 HOH A O   1 
HETATM 1202 O O   . HOH E 4 .   ? -14.286 1.557   9.107   1.00 43.20 ? 394 HOH A O   1 
HETATM 1203 O O   . HOH E 4 .   ? 6.010   -11.703 -9.604  1.00 32.03 ? 395 HOH A O   1 
HETATM 1204 O O   . HOH E 4 .   ? -16.133 -0.491  9.928   1.00 36.40 ? 396 HOH A O   1 
HETATM 1205 O O   . HOH E 4 .   ? 17.202  -2.716  -8.681  1.00 43.34 ? 397 HOH A O   1 
HETATM 1206 O O   . HOH E 4 .   ? -9.023  7.239   -4.447  1.00 27.58 ? 398 HOH A O   1 
HETATM 1207 O O   . HOH E 4 .   ? -16.641 -12.273 -7.553  1.00 27.08 ? 399 HOH A O   1 
HETATM 1208 O O   . HOH E 4 .   ? 5.357   -12.808 0.616   1.00 32.23 ? 400 HOH A O   1 
HETATM 1209 O O   . HOH E 4 .   ? 11.056  6.075   14.418  1.00 34.29 ? 401 HOH A O   1 
HETATM 1210 O O   . HOH E 4 .   ? -16.450 -13.860 -4.331  1.00 26.93 ? 402 HOH A O   1 
HETATM 1211 O O   . HOH E 4 .   ? 18.057  7.269   -1.303  1.00 32.32 ? 403 HOH A O   1 
HETATM 1212 O O   . HOH E 4 .   ? -7.983  -8.830  11.584  1.00 27.18 ? 404 HOH A O   1 
HETATM 1213 O O   . HOH E 4 .   ? -2.917  4.747   -2.553  1.00 35.88 ? 405 HOH A O   1 
HETATM 1214 O O   . HOH E 4 .   ? -4.437  7.992   -8.909  1.00 30.77 ? 406 HOH A O   1 
HETATM 1215 O O   . HOH E 4 .   ? -12.901 0.977   11.843  1.00 39.11 ? 407 HOH A O   1 
HETATM 1216 O O   . HOH E 4 .   ? -1.873  -7.225  10.339  1.00 31.59 ? 408 HOH A O   1 
HETATM 1217 O O   . HOH E 4 .   ? 2.060   -12.572 10.252  1.00 41.27 ? 409 HOH A O   1 
HETATM 1218 O O   . HOH E 4 .   ? -13.153 -1.559  13.147  1.00 34.50 ? 410 HOH A O   1 
HETATM 1219 O O   . HOH E 4 .   ? -14.501 -5.515  -4.587  1.00 44.09 ? 411 HOH A O   1 
HETATM 1220 O O   . HOH E 4 .   ? -14.561 -7.633  -3.057  1.00 39.55 ? 412 HOH A O   1 
HETATM 1221 O O   . HOH E 4 .   ? -2.903  -20.802 0.961   1.00 35.80 ? 413 HOH A O   1 
HETATM 1222 O O   . HOH E 4 .   ? -1.260  2.669   -2.421  1.00 27.51 ? 414 HOH A O   1 
HETATM 1223 O O   . HOH E 4 .   ? -9.278  10.361  -2.363  1.00 36.10 ? 415 HOH A O   1 
HETATM 1224 O O   . HOH E 4 .   ? -14.172 5.426   4.250   1.00 41.03 ? 416 HOH A O   1 
HETATM 1225 O O   . HOH E 4 .   ? 0.451   2.867   -4.557  1.00 28.01 ? 417 HOH A O   1 
HETATM 1226 O O   . HOH E 4 .   ? 3.077   -5.414  7.277   1.00 23.83 ? 418 HOH A O   1 
HETATM 1227 O O   . HOH E 4 .   ? -5.596  0.658   -6.298  1.00 39.85 ? 419 HOH A O   1 
HETATM 1228 O O   . HOH E 4 .   ? 3.542   -11.112 -14.499 1.00 44.96 ? 420 HOH A O   1 
HETATM 1229 O O   . HOH E 4 .   ? -2.986  0.428   0.105   1.00 26.19 ? 421 HOH A O   1 
HETATM 1230 O O   . HOH E 4 .   ? 18.227  -5.115  -4.929  1.00 48.36 ? 422 HOH A O   1 
HETATM 1231 O O   . HOH E 4 .   ? 9.570   10.607  -10.697 1.00 36.66 ? 423 HOH A O   1 
HETATM 1232 O O   . HOH E 4 .   ? 4.000   17.838  -4.411  1.00 23.94 ? 424 HOH A O   1 
HETATM 1233 O O   . HOH E 4 .   ? -15.605 -5.321  0.750   1.00 51.86 ? 425 HOH A O   1 
HETATM 1234 O O   . HOH E 4 .   ? 1.768   11.889  15.327  1.00 43.02 ? 426 HOH A O   1 
HETATM 1235 O O   . HOH E 4 .   ? -4.789  0.343   -3.723  1.00 35.58 ? 427 HOH A O   1 
HETATM 1236 O O   . HOH E 4 .   ? 1.140   -18.290 -4.264  1.00 36.62 ? 428 HOH A O   1 
HETATM 1237 O O   . HOH E 4 .   ? -0.150  20.844  7.401   1.00 31.71 ? 429 HOH A O   1 
HETATM 1238 O O   . HOH E 4 .   ? 4.275   15.355  10.139  1.00 33.84 ? 430 HOH A O   1 
HETATM 1239 O O   . HOH E 4 .   ? 14.069  0.831   6.430   1.00 41.14 ? 431 HOH A O   1 
HETATM 1240 O O   . HOH E 4 .   ? 1.388   1.113   13.438  1.00 36.79 ? 432 HOH A O   1 
HETATM 1241 O O   . HOH E 4 .   ? 3.688   22.876  6.283   1.00 45.17 ? 433 HOH A O   1 
HETATM 1242 O O   . HOH E 4 .   ? 11.786  10.846  -9.414  1.00 37.73 ? 434 HOH A O   1 
HETATM 1243 O O   . HOH E 4 .   ? -11.274 2.173   13.873  1.00 43.51 ? 435 HOH A O   1 
HETATM 1244 O O   . HOH E 4 .   ? 16.902  3.555   -9.629  1.00 39.48 ? 436 HOH A O   1 
HETATM 1245 O O   . HOH E 4 .   ? -15.069 -7.528  -11.802 1.00 48.07 ? 437 HOH A O   1 
HETATM 1246 O O   . HOH E 4 .   ? 12.614  8.292   7.066   1.00 33.41 ? 438 HOH A O   1 
HETATM 1247 O O   . HOH E 4 .   ? -9.924  -10.804 11.118  1.00 42.13 ? 439 HOH A O   1 
HETATM 1248 O O   . HOH E 4 .   ? 5.616   16.778  -6.169  1.00 43.04 ? 440 HOH A O   1 
HETATM 1249 O O   . HOH E 4 .   ? 6.781   11.152  12.079  1.00 40.52 ? 441 HOH A O   1 
# 
